data_9RMU
#
_entry.id   9RMU
#
_cell.length_a   1.00
_cell.length_b   1.00
_cell.length_c   1.00
_cell.angle_alpha   90.00
_cell.angle_beta   90.00
_cell.angle_gamma   90.00
#
_symmetry.space_group_name_H-M   'P 1'
#
loop_
_entity.id
_entity.type
_entity.pdbx_description
1 polymer 'Pol protein'
2 polymer RNA
3 non-polymer 'ZINC ION'
#
loop_
_entity_poly.entity_id
_entity_poly.type
_entity_poly.pdbx_seq_one_letter_code
_entity_poly.pdbx_strand_id
1 'polypeptide(L)'
;FVEQIPEAQEEHERYHNNWKDLKARFKLPTIVAKAIIEACPKCQVQGEPKTGQTNAAVGTWQMDCTHLEGQVICVAVHVA
SGYIETKILPRETGRETALFLLQVASRWPIEHLHTDNGPNFVSAEMQATAWWLKIEHTTGVPYNPQSQGSVENKNKQLKK
TIQQIRDEVQYLSTAVAQATFILNFKRRGGLGDMCPAEALINMIYTELQTTTLQNQIHNFSDFKVYYRKGANPLWQGPAH
LVWKGEGAVVLRTDEGEVITVPRRKAKIIKPYGQAMGNKTDLEGSKEQDAEMGRDN
;
A,B,C,D,b,E,F,G,H,f
2 'polyribonucleotide' UUUUUUUUUUUUUUUUUUUUUUUUUUUUUUUUAAAAAAAAAAAAAAAAAAAAAAAAA J,I,j,i
#
# COMPACT_ATOMS: atom_id res chain seq x y z
N PHE A 1 10.06 -29.96 -39.75
CA PHE A 1 11.46 -30.28 -39.48
C PHE A 1 11.95 -31.40 -40.39
N VAL A 2 11.11 -31.78 -41.35
CA VAL A 2 11.47 -32.86 -42.26
C VAL A 2 12.68 -32.47 -43.11
N GLU A 3 12.70 -31.23 -43.61
CA GLU A 3 13.82 -30.77 -44.41
C GLU A 3 14.99 -30.27 -43.58
N GLN A 4 14.82 -30.13 -42.26
CA GLN A 4 15.88 -29.67 -41.38
C GLN A 4 16.86 -30.78 -41.00
N ILE A 5 16.50 -32.05 -41.24
CA ILE A 5 17.35 -33.16 -40.81
C ILE A 5 18.69 -33.17 -41.54
N PRO A 6 18.76 -33.02 -42.87
CA PRO A 6 20.10 -32.96 -43.51
C PRO A 6 20.93 -31.79 -43.01
N GLU A 7 20.32 -30.64 -42.75
CA GLU A 7 21.06 -29.51 -42.22
C GLU A 7 21.61 -29.80 -40.84
N ALA A 8 20.80 -30.44 -39.98
CA ALA A 8 21.28 -30.83 -38.66
C ALA A 8 22.42 -31.84 -38.77
N GLN A 9 22.30 -32.79 -39.68
N GLN A 9 22.31 -32.80 -39.68
CA GLN A 9 23.34 -33.80 -39.84
CA GLN A 9 23.36 -33.79 -39.83
C GLN A 9 24.66 -33.17 -40.29
C GLN A 9 24.66 -33.17 -40.29
N GLU A 10 24.60 -32.24 -41.25
CA GLU A 10 25.81 -31.57 -41.70
C GLU A 10 26.38 -30.68 -40.60
N GLU A 11 25.51 -30.04 -39.82
CA GLU A 11 25.98 -29.22 -38.70
C GLU A 11 26.74 -30.06 -37.69
N HIS A 12 26.22 -31.25 -37.36
CA HIS A 12 26.94 -32.12 -36.43
C HIS A 12 28.23 -32.65 -37.05
N GLU A 13 28.20 -32.99 -38.34
CA GLU A 13 29.42 -33.47 -38.98
C GLU A 13 30.49 -32.39 -39.05
N ARG A 14 30.09 -31.12 -38.98
CA ARG A 14 31.07 -30.03 -38.95
C ARG A 14 31.55 -29.72 -37.53
N TYR A 15 30.63 -29.41 -36.62
CA TYR A 15 30.98 -28.89 -35.31
C TYR A 15 30.90 -29.90 -34.17
N HIS A 16 30.25 -31.05 -34.40
CA HIS A 16 30.06 -32.08 -33.36
C HIS A 16 29.31 -31.51 -32.15
N ASN A 17 28.06 -31.13 -32.39
CA ASN A 17 27.20 -30.64 -31.33
C ASN A 17 26.69 -31.81 -30.49
N ASN A 18 25.96 -31.47 -29.43
CA ASN A 18 25.25 -32.45 -28.62
C ASN A 18 23.75 -32.36 -28.88
N TRP A 19 23.02 -33.38 -28.46
CA TRP A 19 21.61 -33.50 -28.85
C TRP A 19 20.77 -32.38 -28.23
N LYS A 20 21.12 -31.90 -27.05
CA LYS A 20 20.36 -30.80 -26.45
C LYS A 20 20.51 -29.50 -27.21
N ASP A 21 21.54 -29.38 -28.07
CA ASP A 21 21.67 -28.21 -28.92
C ASP A 21 21.08 -28.43 -30.29
N LEU A 22 21.17 -29.66 -30.82
CA LEU A 22 20.52 -29.97 -32.10
C LEU A 22 19.01 -29.86 -31.98
N LYS A 23 18.43 -30.33 -30.88
CA LYS A 23 16.99 -30.27 -30.70
C LYS A 23 16.49 -28.85 -30.43
N ALA A 24 17.38 -27.91 -30.17
CA ALA A 24 16.98 -26.53 -29.91
C ALA A 24 17.36 -25.56 -31.01
N ARG A 25 18.29 -25.94 -31.89
CA ARG A 25 18.69 -25.08 -33.00
C ARG A 25 17.86 -25.31 -34.25
N PHE A 26 17.45 -26.55 -34.51
CA PHE A 26 16.64 -26.89 -35.67
C PHE A 26 15.22 -27.29 -35.30
N LYS A 27 14.85 -27.20 -34.02
CA LYS A 27 13.51 -27.46 -33.51
C LYS A 27 13.03 -28.88 -33.74
N LEU A 28 13.94 -29.81 -34.08
CA LEU A 28 13.54 -31.20 -34.23
C LEU A 28 13.37 -31.86 -32.86
N PRO A 29 12.51 -32.89 -32.76
CA PRO A 29 12.22 -33.48 -31.45
C PRO A 29 13.41 -34.18 -30.80
N THR A 30 13.20 -34.65 -29.57
CA THR A 30 14.30 -35.15 -28.75
C THR A 30 14.91 -36.42 -29.32
N ILE A 31 14.09 -37.42 -29.64
CA ILE A 31 14.62 -38.72 -30.00
C ILE A 31 15.28 -38.66 -31.38
N VAL A 32 14.82 -37.78 -32.26
CA VAL A 32 15.51 -37.58 -33.53
C VAL A 32 16.91 -37.03 -33.29
N ALA A 33 17.04 -36.08 -32.37
CA ALA A 33 18.36 -35.56 -32.03
C ALA A 33 19.24 -36.65 -31.45
N LYS A 34 18.70 -37.48 -30.56
CA LYS A 34 19.48 -38.57 -30.00
C LYS A 34 19.92 -39.55 -31.07
N ALA A 35 19.04 -39.86 -32.03
CA ALA A 35 19.40 -40.76 -33.12
C ALA A 35 20.48 -40.15 -34.00
N ILE A 36 20.40 -38.85 -34.27
CA ILE A 36 21.45 -38.18 -35.05
C ILE A 36 22.78 -38.26 -34.31
N ILE A 37 22.77 -38.03 -33.00
CA ILE A 37 23.99 -38.09 -32.22
C ILE A 37 24.58 -39.48 -32.24
N GLU A 38 23.74 -40.50 -32.06
CA GLU A 38 24.22 -41.87 -31.94
C GLU A 38 24.61 -42.49 -33.28
N ALA A 39 24.27 -41.85 -34.40
CA ALA A 39 24.72 -42.32 -35.70
C ALA A 39 26.15 -41.87 -36.02
N CYS A 40 26.75 -41.04 -35.18
CA CYS A 40 28.08 -40.55 -35.42
C CYS A 40 29.11 -41.55 -34.89
N PRO A 41 30.09 -41.97 -35.70
CA PRO A 41 31.06 -42.96 -35.22
C PRO A 41 31.93 -42.47 -34.08
N LYS A 42 32.07 -41.16 -33.88
CA LYS A 42 32.95 -40.63 -32.86
C LYS A 42 32.21 -40.33 -31.55
N CYS A 43 31.03 -39.72 -31.63
CA CYS A 43 30.31 -39.34 -30.42
C CYS A 43 29.88 -40.56 -29.62
N GLN A 44 29.42 -41.61 -30.30
CA GLN A 44 28.96 -42.82 -29.63
C GLN A 44 30.13 -43.56 -28.99
N THR A 54 25.08 -46.08 -17.32
CA THR A 54 25.57 -45.71 -16.00
C THR A 54 26.97 -45.07 -16.09
N ASN A 55 27.08 -43.85 -15.57
CA ASN A 55 28.34 -43.12 -15.58
C ASN A 55 29.17 -43.37 -14.33
N ALA A 56 28.66 -44.14 -13.37
CA ALA A 56 29.36 -44.48 -12.13
C ALA A 56 29.73 -43.24 -11.31
N ALA A 57 29.04 -42.13 -11.54
CA ALA A 57 29.26 -40.91 -10.77
C ALA A 57 28.02 -40.40 -10.06
N VAL A 58 26.85 -41.01 -10.31
CA VAL A 58 25.63 -40.58 -9.65
C VAL A 58 25.40 -41.34 -8.35
N GLY A 59 25.83 -42.59 -8.28
CA GLY A 59 25.56 -43.42 -7.11
C GLY A 59 26.80 -43.77 -6.30
N THR A 60 27.70 -42.82 -6.10
CA THR A 60 28.89 -43.02 -5.30
C THR A 60 28.77 -42.20 -4.02
N TRP A 61 28.83 -42.89 -2.87
CA TRP A 61 28.70 -42.26 -1.56
C TRP A 61 29.87 -42.69 -0.69
N GLN A 62 30.28 -41.79 0.20
CA GLN A 62 31.35 -42.08 1.15
C GLN A 62 30.84 -41.85 2.56
N MET A 63 31.05 -42.83 3.44
CA MET A 63 30.54 -42.80 4.79
C MET A 63 31.68 -42.67 5.79
N ASP A 64 31.46 -41.88 6.84
CA ASP A 64 32.47 -41.66 7.86
C ASP A 64 31.78 -41.46 9.21
N CYS A 65 32.57 -41.58 10.27
CA CYS A 65 32.08 -41.41 11.63
C CYS A 65 32.96 -40.41 12.36
N THR A 66 32.33 -39.57 13.19
CA THR A 66 33.04 -38.54 13.93
C THR A 66 32.54 -38.53 15.37
N HIS A 67 33.36 -38.00 16.27
CA HIS A 67 33.05 -37.91 17.68
C HIS A 67 32.85 -36.46 18.07
N LEU A 68 31.79 -36.18 18.82
CA LEU A 68 31.48 -34.82 19.25
C LEU A 68 30.68 -34.89 20.54
N GLU A 69 31.18 -34.23 21.60
CA GLU A 69 30.53 -34.20 22.91
C GLU A 69 30.32 -35.61 23.47
N GLY A 70 31.21 -36.54 23.13
CA GLY A 70 31.08 -37.90 23.58
C GLY A 70 30.11 -38.76 22.79
N GLN A 71 29.46 -38.19 21.78
CA GLN A 71 28.52 -38.91 20.94
C GLN A 71 29.13 -39.17 19.57
N VAL A 72 28.54 -40.12 18.85
CA VAL A 72 29.04 -40.55 17.55
C VAL A 72 28.05 -40.09 16.49
N ILE A 73 28.56 -39.40 15.47
CA ILE A 73 27.76 -38.92 14.34
C ILE A 73 28.28 -39.57 13.08
N CYS A 74 27.38 -40.22 12.33
CA CYS A 74 27.72 -40.85 11.07
C CYS A 74 27.23 -39.96 9.92
N VAL A 75 28.14 -39.67 8.99
CA VAL A 75 27.89 -38.77 7.88
C VAL A 75 28.14 -39.51 6.57
N ALA A 76 27.15 -39.48 5.69
CA ALA A 76 27.27 -40.02 4.34
C ALA A 76 27.23 -38.87 3.36
N VAL A 77 28.27 -38.76 2.53
CA VAL A 77 28.44 -37.63 1.62
C VAL A 77 28.45 -38.16 0.19
N HIS A 78 27.65 -37.53 -0.68
CA HIS A 78 27.73 -37.79 -2.10
C HIS A 78 29.02 -37.20 -2.65
N VAL A 79 29.76 -37.99 -3.44
CA VAL A 79 31.03 -37.52 -3.97
C VAL A 79 30.82 -36.32 -4.88
N ALA A 80 29.86 -36.43 -5.81
CA ALA A 80 29.46 -35.26 -6.59
C ALA A 80 28.62 -34.33 -5.73
N SER A 81 28.43 -33.10 -6.22
CA SER A 81 27.73 -32.04 -5.50
C SER A 81 28.19 -31.96 -4.05
N GLY A 82 27.27 -31.69 -3.13
CA GLY A 82 27.62 -31.58 -1.73
C GLY A 82 26.57 -32.12 -0.79
N TYR A 83 25.67 -32.96 -1.30
CA TYR A 83 24.60 -33.50 -0.48
C TYR A 83 25.18 -34.40 0.61
N ILE A 84 24.70 -34.19 1.85
CA ILE A 84 25.14 -34.98 3.00
C ILE A 84 23.92 -35.44 3.79
N GLU A 85 24.08 -36.56 4.48
CA GLU A 85 23.08 -37.09 5.39
C GLU A 85 23.75 -37.50 6.69
N THR A 86 23.21 -37.06 7.81
CA THR A 86 23.83 -37.27 9.10
C THR A 86 22.87 -37.97 10.05
N LYS A 87 23.42 -38.79 10.94
CA LYS A 87 22.61 -39.44 11.97
C LYS A 87 23.46 -39.68 13.21
N ILE A 88 22.86 -39.46 14.38
CA ILE A 88 23.53 -39.69 15.64
C ILE A 88 23.35 -41.16 16.01
N LEU A 89 24.46 -41.90 16.03
CA LEU A 89 24.41 -43.33 16.33
C LEU A 89 24.47 -43.53 17.84
N PRO A 90 23.50 -44.23 18.45
CA PRO A 90 23.58 -44.47 19.89
C PRO A 90 24.82 -45.25 20.31
N ARG A 91 25.28 -46.17 19.47
CA ARG A 91 26.45 -46.99 19.79
C ARG A 91 27.23 -47.25 18.50
N GLU A 92 28.56 -47.17 18.60
CA GLU A 92 29.45 -47.40 17.45
C GLU A 92 29.58 -48.91 17.24
N THR A 93 28.57 -49.47 16.56
CA THR A 93 28.54 -50.89 16.28
C THR A 93 28.13 -51.11 14.82
N GLY A 94 28.49 -52.28 14.29
CA GLY A 94 28.23 -52.57 12.89
C GLY A 94 26.76 -52.59 12.54
N ARG A 95 25.91 -53.01 13.48
CA ARG A 95 24.48 -53.08 13.21
C ARG A 95 23.89 -51.69 12.92
N GLU A 96 24.28 -50.69 13.71
CA GLU A 96 23.80 -49.33 13.48
C GLU A 96 24.29 -48.79 12.14
N THR A 97 25.54 -49.09 11.79
CA THR A 97 26.07 -48.66 10.49
C THR A 97 25.30 -49.31 9.35
N ALA A 98 25.00 -50.60 9.48
CA ALA A 98 24.23 -51.28 8.44
C ALA A 98 22.83 -50.70 8.33
N LEU A 99 22.20 -50.40 9.47
CA LEU A 99 20.86 -49.79 9.44
C LEU A 99 20.88 -48.43 8.77
N PHE A 100 21.89 -47.62 9.08
CA PHE A 100 22.01 -46.30 8.46
C PHE A 100 22.24 -46.42 6.96
N LEU A 101 23.08 -47.37 6.54
CA LEU A 101 23.30 -47.59 5.11
C LEU A 101 22.01 -48.02 4.42
N LEU A 102 21.23 -48.89 5.07
CA LEU A 102 19.96 -49.32 4.49
C LEU A 102 19.00 -48.14 4.37
N GLN A 103 18.96 -47.28 5.38
CA GLN A 103 18.10 -46.10 5.30
C GLN A 103 18.53 -45.16 4.18
N VAL A 104 19.83 -44.95 4.04
CA VAL A 104 20.33 -44.09 2.96
C VAL A 104 19.99 -44.68 1.60
N ALA A 105 20.13 -46.00 1.45
CA ALA A 105 19.79 -46.65 0.20
C ALA A 105 18.30 -46.54 -0.09
N SER A 106 17.46 -46.68 0.94
CA SER A 106 16.02 -46.56 0.74
C SER A 106 15.61 -45.12 0.44
N ARG A 107 16.41 -44.14 0.84
CA ARG A 107 16.07 -42.75 0.54
C ARG A 107 16.52 -42.35 -0.87
N TRP A 108 17.79 -42.58 -1.19
CA TRP A 108 18.36 -42.19 -2.47
C TRP A 108 19.01 -43.37 -3.15
N PRO A 109 19.07 -43.37 -4.48
CA PRO A 109 19.78 -44.45 -5.19
C PRO A 109 21.25 -44.47 -4.84
N ILE A 110 21.82 -45.67 -4.77
CA ILE A 110 23.23 -45.86 -4.43
C ILE A 110 23.73 -47.12 -5.10
N GLU A 111 24.96 -47.07 -5.60
CA GLU A 111 25.58 -48.21 -6.25
C GLU A 111 26.95 -48.55 -5.68
N HIS A 112 27.74 -47.55 -5.31
CA HIS A 112 29.07 -47.75 -4.75
C HIS A 112 29.13 -47.20 -3.34
N LEU A 113 30.16 -47.60 -2.60
CA LEU A 113 30.35 -47.14 -1.23
C LEU A 113 31.83 -47.17 -0.91
N HIS A 114 32.34 -46.08 -0.33
CA HIS A 114 33.75 -45.96 0.04
C HIS A 114 33.84 -45.66 1.52
N THR A 115 34.29 -46.64 2.31
CA THR A 115 34.47 -46.49 3.74
C THR A 115 35.89 -46.87 4.12
N ASP A 116 36.29 -46.49 5.32
CA ASP A 116 37.62 -46.79 5.82
C ASP A 116 37.65 -48.24 6.31
N ASN A 117 38.77 -48.64 6.93
CA ASN A 117 38.97 -50.01 7.39
C ASN A 117 38.57 -50.20 8.85
N GLY A 118 37.61 -49.43 9.35
CA GLY A 118 37.18 -49.54 10.72
C GLY A 118 36.55 -50.88 11.02
N PRO A 119 36.59 -51.30 12.28
CA PRO A 119 36.02 -52.61 12.65
C PRO A 119 34.53 -52.73 12.33
N ASN A 120 33.77 -51.65 12.48
CA ASN A 120 32.34 -51.71 12.23
C ASN A 120 32.01 -51.73 10.73
N PHE A 121 32.87 -51.13 9.90
CA PHE A 121 32.61 -51.09 8.47
C PHE A 121 32.93 -52.41 7.78
N VAL A 122 33.70 -53.28 8.40
CA VAL A 122 34.06 -54.56 7.83
C VAL A 122 33.34 -55.72 8.52
N SER A 123 32.29 -55.41 9.29
CA SER A 123 31.57 -56.43 10.01
C SER A 123 30.71 -57.26 9.07
N ALA A 124 30.20 -58.38 9.59
CA ALA A 124 29.37 -59.27 8.77
C ALA A 124 28.02 -58.64 8.42
N GLU A 125 27.47 -57.82 9.33
CA GLU A 125 26.18 -57.20 9.06
C GLU A 125 26.25 -56.26 7.87
N MET A 126 27.32 -55.47 7.77
CA MET A 126 27.48 -54.58 6.63
C MET A 126 27.60 -55.35 5.34
N GLN A 127 28.35 -56.46 5.34
CA GLN A 127 28.46 -57.29 4.15
C GLN A 127 27.12 -57.89 3.75
N ALA A 128 26.34 -58.35 4.75
CA ALA A 128 25.03 -58.90 4.46
C ALA A 128 24.11 -57.84 3.86
N THR A 129 24.12 -56.63 4.41
CA THR A 129 23.29 -55.56 3.89
C THR A 129 23.70 -55.20 2.46
N ALA A 130 25.01 -55.12 2.20
CA ALA A 130 25.48 -54.81 0.86
C ALA A 130 25.08 -55.90 -0.13
N TRP A 131 25.18 -57.17 0.28
CA TRP A 131 24.77 -58.26 -0.59
C TRP A 131 23.27 -58.20 -0.88
N TRP A 132 22.46 -57.91 0.15
CA TRP A 132 21.02 -57.82 -0.05
C TRP A 132 20.65 -56.66 -0.99
N LEU A 133 21.34 -55.53 -0.85
CA LEU A 133 21.04 -54.35 -1.65
C LEU A 133 21.74 -54.35 -3.01
N LYS A 134 22.59 -55.33 -3.28
CA LYS A 134 23.38 -55.40 -4.52
C LYS A 134 24.23 -54.13 -4.67
N ILE A 135 25.12 -53.93 -3.71
CA ILE A 135 25.99 -52.75 -3.66
C ILE A 135 27.43 -53.23 -3.65
N GLU A 136 28.25 -52.65 -4.54
CA GLU A 136 29.68 -52.93 -4.57
C GLU A 136 30.36 -52.07 -3.50
N HIS A 137 30.91 -52.70 -2.48
CA HIS A 137 31.52 -52.01 -1.35
C HIS A 137 33.02 -52.26 -1.35
N THR A 138 33.80 -51.18 -1.34
CA THR A 138 35.25 -51.25 -1.31
C THR A 138 35.79 -50.44 -0.15
N THR A 139 36.76 -50.99 0.56
CA THR A 139 37.39 -50.33 1.69
C THR A 139 38.89 -50.24 1.47
N GLY A 140 39.46 -49.10 1.82
CA GLY A 140 40.88 -48.86 1.66
C GLY A 140 41.13 -47.46 1.18
N VAL A 141 42.30 -47.27 0.57
CA VAL A 141 42.72 -45.97 0.04
C VAL A 141 42.43 -45.96 -1.45
N PRO A 142 41.53 -45.09 -1.94
CA PRO A 142 41.20 -45.02 -3.37
C PRO A 142 42.33 -44.43 -4.21
N PRO A 145 40.67 -40.72 -4.49
CA PRO A 145 41.71 -39.79 -4.94
C PRO A 145 41.63 -38.42 -4.28
N GLN A 146 41.38 -37.38 -5.06
CA GLN A 146 41.29 -36.03 -4.52
C GLN A 146 39.93 -35.72 -3.90
N SER A 147 38.93 -36.58 -4.11
CA SER A 147 37.63 -36.36 -3.50
C SER A 147 37.64 -36.52 -1.99
N GLN A 148 38.64 -37.22 -1.45
CA GLN A 148 38.76 -37.36 -0.01
C GLN A 148 38.99 -36.00 0.65
N GLY A 149 39.79 -35.15 0.02
CA GLY A 149 39.99 -33.80 0.55
C GLY A 149 38.69 -33.01 0.62
N SER A 150 37.86 -33.10 -0.42
CA SER A 150 36.57 -32.43 -0.38
C SER A 150 35.65 -33.04 0.67
N VAL A 151 35.75 -34.34 0.90
CA VAL A 151 34.95 -34.98 1.95
C VAL A 151 35.34 -34.44 3.32
N GLU A 152 36.64 -34.35 3.58
CA GLU A 152 37.09 -33.78 4.85
C GLU A 152 36.72 -32.31 4.96
N ASN A 153 36.74 -31.57 3.84
CA ASN A 153 36.30 -30.18 3.87
C ASN A 153 34.83 -30.09 4.24
N LYS A 154 34.00 -30.97 3.70
CA LYS A 154 32.59 -30.99 4.04
C LYS A 154 32.39 -31.33 5.51
N ASN A 155 33.17 -32.28 6.04
CA ASN A 155 33.08 -32.62 7.45
C ASN A 155 33.46 -31.42 8.33
N LYS A 156 34.53 -30.71 7.96
CA LYS A 156 34.93 -29.53 8.71
C LYS A 156 33.87 -28.45 8.66
N GLN A 157 33.25 -28.25 7.49
CA GLN A 157 32.18 -27.26 7.37
C GLN A 157 30.99 -27.65 8.25
N LEU A 158 30.64 -28.94 8.28
CA LEU A 158 29.56 -29.39 9.15
C LEU A 158 29.88 -29.13 10.61
N LYS A 159 31.12 -29.41 11.02
CA LYS A 159 31.50 -29.15 12.40
C LYS A 159 31.44 -27.67 12.73
N LYS A 160 31.90 -26.82 11.81
CA LYS A 160 31.85 -25.38 12.03
C LYS A 160 30.40 -24.88 12.15
N THR A 161 29.52 -25.37 11.28
CA THR A 161 28.12 -24.97 11.35
C THR A 161 27.46 -25.48 12.63
N ILE A 162 27.85 -26.66 13.09
CA ILE A 162 27.35 -27.16 14.37
C ILE A 162 27.78 -26.25 15.50
N GLN A 163 29.04 -25.85 15.50
CA GLN A 163 29.55 -24.98 16.57
C GLN A 163 28.93 -23.59 16.49
N GLN A 164 28.53 -23.15 15.29
CA GLN A 164 28.01 -21.79 15.14
C GLN A 164 26.68 -21.61 15.87
N ILE A 165 25.79 -22.59 15.79
CA ILE A 165 24.44 -22.46 16.33
C ILE A 165 24.18 -23.47 17.45
N ARG A 166 25.24 -23.96 18.10
CA ARG A 166 25.06 -24.94 19.17
C ARG A 166 24.36 -24.31 20.37
N ASP A 167 24.71 -23.05 20.70
CA ASP A 167 24.22 -22.44 21.92
C ASP A 167 22.73 -22.09 21.87
N GLU A 168 22.14 -22.03 20.67
CA GLU A 168 20.75 -21.62 20.52
C GLU A 168 19.77 -22.78 20.62
N VAL A 169 20.24 -24.01 20.85
CA VAL A 169 19.38 -25.17 20.95
C VAL A 169 19.78 -25.98 22.18
N GLN A 170 18.86 -26.85 22.60
CA GLN A 170 19.08 -27.66 23.79
C GLN A 170 19.70 -29.02 23.47
N TYR A 171 19.09 -29.79 22.58
CA TYR A 171 19.57 -31.11 22.25
C TYR A 171 20.50 -31.07 21.05
N LEU A 172 21.42 -32.05 20.99
CA LEU A 172 22.39 -32.11 19.91
C LEU A 172 21.77 -32.57 18.60
N SER A 173 20.76 -33.43 18.66
CA SER A 173 20.13 -33.93 17.44
C SER A 173 19.46 -32.79 16.66
N THR A 174 18.79 -31.88 17.37
CA THR A 174 18.19 -30.73 16.71
C THR A 174 19.25 -29.85 16.06
N ALA A 175 20.38 -29.65 16.74
CA ALA A 175 21.47 -28.88 16.14
C ALA A 175 22.01 -29.55 14.89
N VAL A 176 22.16 -30.87 14.93
CA VAL A 176 22.67 -31.61 13.77
C VAL A 176 21.70 -31.48 12.60
N ALA A 177 20.40 -31.63 12.86
CA ALA A 177 19.42 -31.49 11.79
C ALA A 177 19.42 -30.08 11.22
N GLN A 178 19.52 -29.06 12.07
CA GLN A 178 19.55 -27.68 11.58
C GLN A 178 20.80 -27.44 10.73
N ALA A 179 21.95 -27.94 11.17
CA ALA A 179 23.17 -27.78 10.40
C ALA A 179 23.07 -28.48 9.05
N THR A 180 22.49 -29.68 9.03
CA THR A 180 22.32 -30.38 7.76
C THR A 180 21.40 -29.61 6.82
N PHE A 181 20.28 -29.08 7.35
CA PHE A 181 19.38 -28.30 6.52
C PHE A 181 20.07 -27.06 5.97
N ILE A 182 20.85 -26.36 6.81
CA ILE A 182 21.55 -25.17 6.36
C ILE A 182 22.56 -25.50 5.28
N LEU A 183 23.31 -26.60 5.46
CA LEU A 183 24.32 -26.98 4.47
C LEU A 183 23.68 -27.45 3.17
N ASN A 184 22.48 -28.01 3.23
CA ASN A 184 21.86 -28.56 2.03
C ASN A 184 21.09 -27.52 1.23
N PHE A 185 20.23 -26.73 1.88
CA PHE A 185 19.29 -25.89 1.16
C PHE A 185 19.60 -24.40 1.23
N LYS A 186 20.57 -23.97 2.03
CA LYS A 186 20.81 -22.55 2.24
C LYS A 186 22.24 -22.13 1.89
N ARG A 187 22.94 -22.92 1.08
CA ARG A 187 24.28 -22.54 0.62
C ARG A 187 24.39 -22.85 -0.86
N ARG A 188 24.70 -21.84 -1.65
CA ARG A 188 24.78 -21.96 -3.09
C ARG A 188 26.23 -21.77 -3.55
N GLY A 189 26.45 -21.95 -4.84
CA GLY A 189 27.76 -21.83 -5.43
C GLY A 189 28.02 -22.95 -6.42
N GLY A 190 28.91 -22.69 -7.36
CA GLY A 190 29.27 -23.65 -8.38
C GLY A 190 28.73 -23.27 -9.75
N LEU A 191 28.59 -24.29 -10.60
CA LEU A 191 28.09 -24.09 -11.95
C LEU A 191 26.58 -23.89 -11.91
N GLY A 192 26.12 -22.75 -12.42
CA GLY A 192 24.70 -22.47 -12.48
C GLY A 192 24.09 -21.95 -11.20
N ASP A 193 24.86 -21.84 -10.12
CA ASP A 193 24.39 -21.32 -8.83
C ASP A 193 23.22 -22.21 -8.35
N MET A 194 23.59 -23.44 -8.01
CA MET A 194 22.63 -24.42 -7.49
C MET A 194 23.12 -24.93 -6.15
N CYS A 195 22.21 -25.00 -5.18
CA CYS A 195 22.51 -25.59 -3.88
C CYS A 195 22.70 -27.09 -4.03
N PRO A 196 23.38 -27.74 -3.07
CA PRO A 196 23.61 -29.19 -3.18
C PRO A 196 22.34 -30.02 -3.24
N ALA A 197 21.21 -29.51 -2.76
CA ALA A 197 19.96 -30.26 -2.82
C ALA A 197 19.32 -30.24 -4.20
N GLU A 198 19.79 -29.39 -5.12
CA GLU A 198 19.28 -29.35 -6.48
C GLU A 198 20.23 -29.95 -7.50
N ALA A 199 21.53 -29.87 -7.26
CA ALA A 199 22.49 -30.49 -8.18
C ALA A 199 22.29 -31.99 -8.25
N LEU A 200 22.08 -32.63 -7.10
CA LEU A 200 21.88 -34.08 -7.09
C LEU A 200 20.63 -34.47 -7.88
N ILE A 201 19.55 -33.72 -7.71
CA ILE A 201 18.33 -33.98 -8.47
C ILE A 201 18.57 -33.80 -9.96
N ASN A 202 19.32 -32.76 -10.33
CA ASN A 202 19.61 -32.52 -11.74
C ASN A 202 20.39 -33.68 -12.35
N MET A 203 21.43 -34.14 -11.66
CA MET A 203 22.21 -35.27 -12.19
C MET A 203 21.35 -36.53 -12.28
N ILE A 204 20.52 -36.79 -11.26
CA ILE A 204 19.70 -37.99 -11.29
C ILE A 204 18.73 -37.95 -12.47
N TYR A 205 18.09 -36.80 -12.68
CA TYR A 205 17.14 -36.70 -13.78
C TYR A 205 17.83 -36.85 -15.13
N THR A 206 18.99 -36.19 -15.31
CA THR A 206 19.68 -36.30 -16.59
C THR A 206 20.13 -37.73 -16.86
N GLU A 207 20.66 -38.41 -15.83
CA GLU A 207 21.08 -39.79 -16.01
C GLU A 207 19.89 -40.69 -16.35
N LEU A 208 18.75 -40.50 -15.68
CA LEU A 208 17.58 -41.30 -15.98
C LEU A 208 17.09 -41.06 -17.40
N GLN A 209 17.06 -39.81 -17.84
CA GLN A 209 16.64 -39.51 -19.20
C GLN A 209 17.57 -40.15 -20.23
N THR A 210 18.88 -40.03 -20.01
CA THR A 210 19.84 -40.61 -20.94
C THR A 210 19.68 -42.13 -21.01
N THR A 211 19.56 -42.78 -19.84
CA THR A 211 19.41 -44.23 -19.83
C THR A 211 18.13 -44.66 -20.53
N THR A 212 17.02 -43.97 -20.28
CA THR A 212 15.76 -44.33 -20.91
C THR A 212 15.84 -44.17 -22.42
N LEU A 213 16.38 -43.05 -22.90
CA LEU A 213 16.48 -42.84 -24.34
C LEU A 213 17.40 -43.86 -24.99
N GLN A 214 18.54 -44.14 -24.37
CA GLN A 214 19.46 -45.13 -24.93
C GLN A 214 18.82 -46.51 -24.99
N ASN A 215 18.10 -46.89 -23.93
CA ASN A 215 17.43 -48.18 -23.92
C ASN A 215 16.38 -48.25 -25.02
N GLN A 216 15.57 -47.19 -25.15
CA GLN A 216 14.53 -47.18 -26.18
C GLN A 216 15.13 -47.30 -27.57
N ILE A 217 16.22 -46.58 -27.83
CA ILE A 217 16.83 -46.61 -29.16
C ILE A 217 17.50 -47.95 -29.44
N HIS A 218 18.24 -48.48 -28.47
CA HIS A 218 19.08 -49.66 -28.70
C HIS A 218 18.37 -50.97 -28.42
N ASN A 219 17.12 -50.95 -27.95
CA ASN A 219 16.38 -52.20 -27.77
C ASN A 219 15.71 -52.61 -29.07
N PHE A 220 14.89 -51.70 -29.63
CA PHE A 220 14.19 -51.98 -30.87
C PHE A 220 15.03 -51.53 -32.06
N SER A 221 16.19 -52.16 -32.27
CA SER A 221 17.09 -51.80 -33.35
C SER A 221 17.36 -52.92 -34.33
N ASP A 222 16.93 -54.16 -34.06
CA ASP A 222 17.17 -55.27 -34.95
C ASP A 222 16.14 -55.37 -36.07
N PHE A 223 15.08 -54.55 -36.03
CA PHE A 223 14.06 -54.59 -37.07
C PHE A 223 14.60 -54.02 -38.37
N LYS A 224 13.99 -54.44 -39.47
CA LYS A 224 14.32 -53.93 -40.80
C LYS A 224 13.08 -53.31 -41.42
N VAL A 225 13.19 -52.06 -41.85
CA VAL A 225 12.06 -51.30 -42.35
C VAL A 225 12.32 -50.90 -43.79
N TYR A 226 11.36 -51.19 -44.66
CA TYR A 226 11.35 -50.69 -46.03
C TYR A 226 10.49 -49.45 -46.09
N TYR A 227 11.03 -48.40 -46.71
CA TYR A 227 10.40 -47.09 -46.69
C TYR A 227 10.23 -46.56 -48.10
N ARG A 228 9.19 -45.73 -48.28
CA ARG A 228 8.97 -44.98 -49.51
C ARG A 228 9.15 -43.50 -49.19
N LYS A 229 10.09 -42.86 -49.85
CA LYS A 229 10.47 -41.48 -49.56
C LYS A 229 9.93 -40.56 -50.66
N GLY A 230 9.23 -39.51 -50.24
CA GLY A 230 8.69 -38.56 -51.21
C GLY A 230 7.64 -39.20 -52.09
N ALA A 231 7.66 -38.82 -53.37
CA ALA A 231 6.71 -39.34 -54.34
C ALA A 231 7.20 -40.61 -55.04
N ASN A 232 8.37 -41.12 -54.65
CA ASN A 232 8.91 -42.33 -55.28
C ASN A 232 8.11 -43.54 -54.82
N PRO A 233 7.48 -44.29 -55.72
CA PRO A 233 6.72 -45.48 -55.30
C PRO A 233 7.59 -46.69 -55.00
N LEU A 234 8.85 -46.70 -55.43
CA LEU A 234 9.71 -47.84 -55.21
C LEU A 234 10.04 -47.99 -53.72
N TRP A 235 10.13 -49.23 -53.27
CA TRP A 235 10.47 -49.50 -51.87
C TRP A 235 11.98 -49.49 -51.71
N GLN A 236 12.46 -48.68 -50.77
CA GLN A 236 13.88 -48.53 -50.51
C GLN A 236 14.25 -49.19 -49.19
N GLY A 237 15.54 -49.49 -49.04
CA GLY A 237 16.04 -50.15 -47.86
C GLY A 237 16.97 -51.29 -48.20
N PRO A 238 17.24 -52.18 -47.22
CA PRO A 238 16.70 -52.18 -45.85
C PRO A 238 17.42 -51.18 -44.94
N ALA A 239 16.71 -50.65 -43.94
CA ALA A 239 17.28 -49.69 -43.00
C ALA A 239 16.89 -50.09 -41.58
N HIS A 240 17.77 -49.78 -40.63
CA HIS A 240 17.55 -50.14 -39.25
C HIS A 240 16.48 -49.25 -38.62
N LEU A 241 15.54 -49.86 -37.91
CA LEU A 241 14.50 -49.12 -37.20
C LEU A 241 15.12 -48.45 -35.97
N VAL A 242 14.84 -47.16 -35.81
CA VAL A 242 15.26 -46.43 -34.62
C VAL A 242 14.09 -46.20 -33.67
N TRP A 243 13.08 -45.47 -34.12
CA TRP A 243 11.94 -45.19 -33.25
C TRP A 243 10.66 -45.42 -34.02
N LYS A 244 9.75 -46.18 -33.41
CA LYS A 244 8.45 -46.51 -33.99
C LYS A 244 7.37 -45.78 -33.20
N GLY A 245 6.61 -44.94 -33.89
CA GLY A 245 5.59 -44.11 -33.27
C GLY A 245 4.22 -44.35 -33.86
N GLU A 246 3.24 -43.63 -33.30
CA GLU A 246 1.86 -43.79 -33.75
C GLU A 246 1.69 -43.34 -35.20
N GLY A 247 2.32 -42.23 -35.57
CA GLY A 247 2.14 -41.69 -36.90
C GLY A 247 3.36 -41.80 -37.80
N ALA A 248 4.56 -41.68 -37.24
CA ALA A 248 5.77 -41.67 -38.02
C ALA A 248 6.83 -42.53 -37.35
N VAL A 249 7.84 -42.91 -38.12
CA VAL A 249 8.95 -43.72 -37.62
C VAL A 249 10.25 -43.11 -38.14
N VAL A 250 11.26 -43.05 -37.27
CA VAL A 250 12.58 -42.58 -37.67
C VAL A 250 13.53 -43.76 -37.76
N LEU A 251 14.39 -43.74 -38.79
CA LEU A 251 15.26 -44.86 -39.10
C LEU A 251 16.54 -44.34 -39.75
N ARG A 252 17.58 -45.16 -39.71
CA ARG A 252 18.86 -44.84 -40.34
C ARG A 252 19.12 -45.80 -41.48
N THR A 253 19.51 -45.27 -42.63
CA THR A 253 19.89 -46.10 -43.75
C THR A 253 21.31 -46.65 -43.54
N ASP A 254 21.71 -47.56 -44.42
CA ASP A 254 23.06 -48.11 -44.36
C ASP A 254 24.13 -47.07 -44.64
N GLU A 255 23.75 -45.95 -45.24
CA GLU A 255 24.68 -44.85 -45.51
C GLU A 255 24.86 -43.92 -44.32
N GLY A 256 24.14 -44.15 -43.22
CA GLY A 256 24.22 -43.30 -42.05
C GLY A 256 23.21 -42.17 -42.02
N GLU A 257 22.43 -41.97 -43.07
CA GLU A 257 21.44 -40.91 -43.09
C GLU A 257 20.23 -41.32 -42.25
N VAL A 258 19.78 -40.40 -41.39
CA VAL A 258 18.60 -40.62 -40.55
C VAL A 258 17.43 -39.87 -41.17
N ILE A 259 16.31 -40.56 -41.36
CA ILE A 259 15.13 -39.97 -41.97
C ILE A 259 13.88 -40.42 -41.21
N THR A 260 12.79 -39.69 -41.44
CA THR A 260 11.49 -39.97 -40.83
C THR A 260 10.49 -40.26 -41.93
N VAL A 261 9.76 -41.37 -41.79
CA VAL A 261 8.80 -41.82 -42.78
C VAL A 261 7.47 -42.09 -42.09
N PRO A 262 6.34 -41.70 -42.67
CA PRO A 262 5.04 -42.05 -42.08
C PRO A 262 4.81 -43.55 -42.09
N ARG A 263 3.96 -44.00 -41.15
CA ARG A 263 3.66 -45.43 -41.03
C ARG A 263 3.07 -45.99 -42.31
N ARG A 264 2.24 -45.20 -43.01
CA ARG A 264 1.61 -45.66 -44.24
C ARG A 264 2.62 -45.95 -45.33
N LYS A 265 3.82 -45.38 -45.26
CA LYS A 265 4.86 -45.59 -46.27
C LYS A 265 5.98 -46.49 -45.78
N ALA A 266 5.82 -47.16 -44.64
CA ALA A 266 6.86 -47.98 -44.07
C ALA A 266 6.32 -49.37 -43.74
N LYS A 267 7.12 -50.39 -44.04
CA LYS A 267 6.80 -51.77 -43.72
C LYS A 267 7.92 -52.35 -42.86
N ILE A 268 7.55 -52.93 -41.72
CA ILE A 268 8.50 -53.40 -40.72
C ILE A 268 8.51 -54.93 -40.72
N ILE A 269 9.70 -55.50 -40.80
CA ILE A 269 9.87 -56.94 -40.72
C ILE A 269 10.96 -57.26 -39.70
N PHE B 1 12.99 -64.09 -24.43
CA PHE B 1 13.04 -63.66 -23.03
C PHE B 1 13.05 -64.86 -22.09
N VAL B 2 13.38 -66.04 -22.64
CA VAL B 2 13.39 -67.25 -21.84
C VAL B 2 14.47 -67.19 -20.77
N GLU B 3 15.61 -66.57 -21.09
CA GLU B 3 16.70 -66.46 -20.12
C GLU B 3 16.37 -65.47 -19.00
N GLN B 4 15.47 -64.52 -19.26
CA GLN B 4 15.13 -63.53 -18.24
C GLN B 4 14.17 -64.06 -17.19
N ILE B 5 13.48 -65.18 -17.46
CA ILE B 5 12.52 -65.72 -16.50
C ILE B 5 13.19 -66.13 -15.18
N PRO B 6 14.28 -66.91 -15.18
CA PRO B 6 14.92 -67.24 -13.89
C PRO B 6 15.41 -66.03 -13.13
N GLU B 7 15.96 -65.03 -13.83
CA GLU B 7 16.42 -63.83 -13.16
C GLU B 7 15.26 -63.05 -12.54
N ALA B 8 14.15 -62.94 -13.27
CA ALA B 8 12.97 -62.28 -12.72
C ALA B 8 12.43 -63.04 -11.51
N GLN B 9 12.42 -64.37 -11.57
CA GLN B 9 11.96 -65.16 -10.43
C GLN B 9 12.85 -64.95 -9.22
N GLU B 10 14.17 -64.94 -9.42
CA GLU B 10 15.08 -64.71 -8.30
C GLU B 10 14.91 -63.31 -7.72
N GLU B 11 14.76 -62.31 -8.58
CA GLU B 11 14.56 -60.94 -8.09
C GLU B 11 13.27 -60.82 -7.30
N HIS B 12 12.19 -61.44 -7.78
CA HIS B 12 10.94 -61.41 -7.04
C HIS B 12 11.07 -62.15 -5.71
N GLU B 13 11.81 -63.25 -5.70
CA GLU B 13 12.02 -63.99 -4.45
C GLU B 13 12.83 -63.17 -3.45
N ARG B 14 13.75 -62.33 -3.92
CA ARG B 14 14.50 -61.49 -3.00
C ARG B 14 13.62 -60.38 -2.43
N TYR B 15 13.11 -59.50 -3.28
CA TYR B 15 12.10 -58.52 -2.90
C TYR B 15 10.90 -58.68 -3.82
N HIS B 16 9.72 -58.78 -3.23
CA HIS B 16 8.50 -59.05 -3.99
C HIS B 16 8.15 -57.82 -4.84
N ASN B 17 8.32 -57.95 -6.15
CA ASN B 17 8.09 -56.84 -7.07
C ASN B 17 6.65 -56.85 -7.58
N ASN B 18 6.20 -55.68 -8.02
CA ASN B 18 4.93 -55.57 -8.70
C ASN B 18 5.02 -56.18 -10.08
N TRP B 19 3.87 -56.61 -10.61
CA TRP B 19 3.86 -57.18 -11.95
C TRP B 19 4.23 -56.14 -13.01
N LYS B 20 3.83 -54.89 -12.80
CA LYS B 20 4.22 -53.83 -13.73
C LYS B 20 5.73 -53.62 -13.73
N ASP B 21 6.36 -53.69 -12.55
CA ASP B 21 7.80 -53.55 -12.48
C ASP B 21 8.52 -54.67 -13.22
N LEU B 22 8.05 -55.90 -13.07
CA LEU B 22 8.64 -57.01 -13.81
C LEU B 22 8.42 -56.86 -15.30
N LYS B 23 7.23 -56.39 -15.70
CA LYS B 23 6.95 -56.19 -17.12
C LYS B 23 7.85 -55.13 -17.72
N ALA B 24 8.10 -54.04 -17.01
CA ALA B 24 8.87 -52.92 -17.52
C ALA B 24 10.36 -53.04 -17.25
N ARG B 25 10.80 -54.06 -16.50
CA ARG B 25 12.21 -54.23 -16.18
C ARG B 25 12.87 -55.26 -17.10
N PHE B 26 12.34 -56.47 -17.14
CA PHE B 26 12.87 -57.54 -17.97
C PHE B 26 12.21 -57.61 -19.34
N LYS B 27 11.32 -56.67 -19.65
CA LYS B 27 10.66 -56.57 -20.96
C LYS B 27 9.82 -57.82 -21.26
N LEU B 28 9.38 -58.52 -20.21
CA LEU B 28 8.53 -59.68 -20.41
C LEU B 28 7.12 -59.24 -20.80
N PRO B 29 6.39 -60.07 -21.55
CA PRO B 29 4.99 -59.77 -21.83
C PRO B 29 4.15 -59.85 -20.56
N THR B 30 2.93 -59.32 -20.66
CA THR B 30 2.05 -59.22 -19.50
C THR B 30 1.70 -60.59 -18.93
N ILE B 31 1.44 -61.57 -19.80
CA ILE B 31 0.92 -62.85 -19.35
C ILE B 31 1.94 -63.57 -18.46
N VAL B 32 3.20 -63.62 -18.89
CA VAL B 32 4.21 -64.35 -18.14
C VAL B 32 4.50 -63.66 -16.82
N ALA B 33 4.55 -62.33 -16.81
CA ALA B 33 4.79 -61.60 -15.57
C ALA B 33 3.64 -61.80 -14.58
N LYS B 34 2.40 -61.77 -15.08
CA LYS B 34 1.25 -62.00 -14.22
C LYS B 34 1.26 -63.42 -13.67
N ALA B 35 1.66 -64.40 -14.49
CA ALA B 35 1.78 -65.76 -14.00
C ALA B 35 2.86 -65.87 -12.93
N ILE B 36 3.97 -65.14 -13.10
CA ILE B 36 5.06 -65.19 -12.14
C ILE B 36 4.60 -64.62 -10.79
N ILE B 37 3.95 -63.45 -10.81
CA ILE B 37 3.54 -62.84 -9.55
C ILE B 37 2.41 -63.65 -8.91
N GLU B 38 1.49 -64.18 -9.73
CA GLU B 38 0.37 -64.95 -9.20
C GLU B 38 0.84 -66.23 -8.52
N ALA B 39 1.89 -66.86 -9.03
CA ALA B 39 2.40 -68.08 -8.43
C ALA B 39 3.30 -67.77 -7.24
N CYS B 40 2.79 -66.98 -6.29
CA CYS B 40 3.52 -66.62 -5.09
C CYS B 40 2.58 -66.81 -3.90
N PRO B 41 3.04 -67.43 -2.81
CA PRO B 41 2.13 -67.68 -1.68
C PRO B 41 1.58 -66.42 -1.04
N LYS B 42 2.33 -65.33 -1.03
CA LYS B 42 1.93 -64.10 -0.35
C LYS B 42 1.92 -62.91 -1.29
N CYS B 43 1.36 -63.09 -2.49
CA CYS B 43 1.24 -62.02 -3.46
C CYS B 43 -0.10 -62.11 -4.16
N GLN B 44 -0.60 -60.96 -4.61
CA GLN B 44 -1.88 -60.88 -5.31
C GLN B 44 -1.71 -60.06 -6.59
N VAL B 45 -2.75 -60.09 -7.42
CA VAL B 45 -2.71 -59.44 -8.72
C VAL B 45 -3.84 -58.40 -8.75
N GLN B 46 -4.09 -57.78 -7.59
CA GLN B 46 -5.19 -56.82 -7.49
C GLN B 46 -5.03 -55.69 -8.51
N GLY B 47 -3.98 -54.89 -8.37
CA GLY B 47 -3.69 -53.82 -9.32
C GLY B 47 -4.81 -52.81 -9.48
N GLU B 48 -5.36 -52.32 -8.36
CA GLU B 48 -6.49 -51.40 -8.37
C GLU B 48 -6.13 -50.17 -7.56
N PRO B 49 -5.39 -49.24 -8.15
CA PRO B 49 -5.08 -47.98 -7.45
C PRO B 49 -6.28 -47.05 -7.45
N LYS B 50 -6.19 -46.03 -6.60
CA LYS B 50 -7.25 -45.05 -6.43
C LYS B 50 -6.77 -43.66 -6.86
N THR B 51 -7.67 -42.69 -6.77
CA THR B 51 -7.37 -41.33 -7.19
C THR B 51 -6.39 -40.67 -6.22
N GLY B 52 -5.72 -39.63 -6.71
CA GLY B 52 -4.73 -38.92 -5.92
C GLY B 52 -5.31 -37.88 -4.98
N GLN B 53 -6.34 -38.26 -4.25
CA GLN B 53 -6.96 -37.43 -3.19
C GLN B 53 -7.47 -36.13 -3.85
N THR B 54 -7.37 -34.99 -3.17
CA THR B 54 -7.89 -33.74 -3.69
C THR B 54 -6.85 -32.63 -3.61
N ASN B 55 -5.92 -32.73 -2.67
CA ASN B 55 -4.88 -31.73 -2.47
C ASN B 55 -3.56 -32.31 -2.98
N ALA B 56 -3.23 -32.02 -4.24
CA ALA B 56 -2.03 -32.51 -4.88
C ALA B 56 -1.14 -31.32 -5.23
N ALA B 57 -0.15 -31.04 -4.38
CA ALA B 57 0.79 -29.96 -4.60
C ALA B 57 2.21 -30.49 -4.43
N VAL B 58 3.15 -29.80 -5.07
CA VAL B 58 4.55 -30.24 -5.03
C VAL B 58 5.11 -30.14 -3.62
N GLY B 59 4.76 -29.08 -2.90
CA GLY B 59 5.30 -28.87 -1.57
C GLY B 59 4.37 -29.29 -0.44
N THR B 60 3.44 -30.20 -0.72
CA THR B 60 2.45 -30.64 0.25
C THR B 60 2.76 -32.06 0.70
N TRP B 61 2.90 -32.25 2.00
CA TRP B 61 3.20 -33.55 2.60
C TRP B 61 2.08 -33.93 3.56
N GLN B 62 2.27 -35.04 4.27
CA GLN B 62 1.33 -35.52 5.27
C GLN B 62 2.11 -36.22 6.38
N MET B 63 1.39 -36.62 7.42
CA MET B 63 2.02 -37.30 8.55
C MET B 63 1.00 -38.22 9.20
N ASP B 64 1.52 -39.21 9.91
CA ASP B 64 0.69 -40.16 10.67
C ASP B 64 1.58 -40.92 11.63
N CYS B 65 0.95 -41.50 12.66
CA CYS B 65 1.64 -42.30 13.65
C CYS B 65 0.83 -43.57 13.89
N THR B 66 1.43 -44.72 13.60
CA THR B 66 0.78 -46.01 13.79
C THR B 66 1.49 -46.80 14.87
N HIS B 67 0.80 -47.83 15.38
CA HIS B 67 1.32 -48.69 16.42
C HIS B 67 1.48 -50.11 15.87
N LEU B 68 2.65 -50.71 16.09
CA LEU B 68 2.94 -52.03 15.58
C LEU B 68 3.92 -52.72 16.53
N GLU B 69 3.53 -53.91 17.00
CA GLU B 69 4.36 -54.71 17.91
C GLU B 69 4.78 -53.90 19.13
N GLY B 70 3.87 -53.09 19.65
CA GLY B 70 4.17 -52.27 20.80
C GLY B 70 5.16 -51.16 20.56
N GLN B 71 5.29 -50.70 19.31
CA GLN B 71 6.20 -49.62 18.97
C GLN B 71 5.49 -48.60 18.11
N VAL B 72 5.97 -47.35 18.15
CA VAL B 72 5.37 -46.24 17.42
C VAL B 72 6.16 -46.01 16.15
N ILE B 73 5.47 -46.03 15.01
CA ILE B 73 6.07 -45.80 13.70
C ILE B 73 5.46 -44.54 13.12
N CYS B 74 6.30 -43.55 12.83
CA CYS B 74 5.87 -42.30 12.22
C CYS B 74 6.09 -42.37 10.72
N VAL B 75 5.07 -42.02 9.95
CA VAL B 75 5.08 -42.14 8.50
C VAL B 75 4.73 -40.80 7.88
N ALA B 76 5.53 -40.34 6.94
CA ALA B 76 5.28 -39.13 6.16
C ALA B 76 5.13 -39.51 4.70
N VAL B 77 4.09 -39.00 4.06
CA VAL B 77 3.73 -39.39 2.70
C VAL B 77 3.61 -38.15 1.83
N HIS B 78 4.34 -38.12 0.72
CA HIS B 78 4.19 -37.08 -0.28
C HIS B 78 2.92 -37.35 -1.06
N VAL B 79 1.99 -36.39 -1.06
CA VAL B 79 0.66 -36.64 -1.61
C VAL B 79 0.70 -36.78 -3.12
N ALA B 80 1.45 -35.92 -3.80
CA ALA B 80 1.41 -35.87 -5.26
C ALA B 80 1.99 -37.14 -5.89
N SER B 81 3.06 -37.68 -5.33
CA SER B 81 3.76 -38.81 -5.93
C SER B 81 3.52 -40.12 -5.20
N GLY B 82 3.64 -40.13 -3.87
CA GLY B 82 3.48 -41.35 -3.10
C GLY B 82 4.73 -41.77 -2.37
N TYR B 83 5.66 -40.83 -2.21
CA TYR B 83 6.89 -41.11 -1.48
C TYR B 83 6.59 -41.40 -0.02
N ILE B 84 7.37 -42.30 0.57
CA ILE B 84 7.16 -42.77 1.95
C ILE B 84 8.44 -42.56 2.73
N GLU B 85 8.32 -41.96 3.92
CA GLU B 85 9.43 -41.85 4.85
C GLU B 85 8.96 -42.37 6.21
N THR B 86 9.67 -43.37 6.74
CA THR B 86 9.28 -44.01 7.98
C THR B 86 10.36 -43.87 9.03
N LYS B 87 9.94 -43.78 10.29
CA LYS B 87 10.86 -43.74 11.41
C LYS B 87 10.22 -44.44 12.60
N ILE B 88 11.06 -44.93 13.51
CA ILE B 88 10.61 -45.59 14.73
C ILE B 88 10.86 -44.64 15.90
N LEU B 89 9.78 -44.19 16.52
CA LEU B 89 9.90 -43.23 17.62
C LEU B 89 10.00 -43.97 18.95
N PRO B 90 10.98 -43.64 19.80
CA PRO B 90 11.02 -44.25 21.14
C PRO B 90 9.77 -43.98 21.95
N ARG B 91 9.19 -42.78 21.81
CA ARG B 91 7.96 -42.41 22.49
C ARG B 91 7.11 -41.55 21.56
N GLU B 92 5.80 -41.61 21.75
CA GLU B 92 4.86 -40.83 20.94
C GLU B 92 4.65 -39.45 21.57
N THR B 93 5.73 -38.67 21.56
CA THR B 93 5.76 -37.34 22.16
C THR B 93 5.95 -36.28 21.09
N GLY B 94 5.70 -35.03 21.48
CA GLY B 94 5.83 -33.93 20.55
C GLY B 94 7.27 -33.68 20.12
N ARG B 95 8.22 -33.86 21.03
CA ARG B 95 9.62 -33.62 20.71
C ARG B 95 10.12 -34.56 19.62
N GLU B 96 9.76 -35.84 19.71
CA GLU B 96 10.18 -36.80 18.69
C GLU B 96 9.58 -36.47 17.34
N THR B 97 8.30 -36.06 17.32
CA THR B 97 7.66 -35.68 16.07
C THR B 97 8.32 -34.45 15.47
N ALA B 98 8.67 -33.47 16.31
CA ALA B 98 9.35 -32.28 15.81
C ALA B 98 10.71 -32.64 15.24
N LEU B 99 11.46 -33.52 15.92
CA LEU B 99 12.76 -33.94 15.40
C LEU B 99 12.61 -34.67 14.07
N PHE B 100 11.61 -35.54 13.96
CA PHE B 100 11.39 -36.25 12.71
C PHE B 100 11.01 -35.30 11.59
N LEU B 101 10.16 -34.31 11.87
CA LEU B 101 9.80 -33.32 10.86
C LEU B 101 11.01 -32.52 10.42
N LEU B 102 11.87 -32.14 11.37
CA LEU B 102 13.09 -31.41 11.02
C LEU B 102 14.01 -32.27 10.16
N GLN B 103 14.13 -33.55 10.47
CA GLN B 103 14.95 -34.44 9.66
C GLN B 103 14.38 -34.59 8.25
N VAL B 104 13.07 -34.75 8.13
CA VAL B 104 12.45 -34.92 6.81
C VAL B 104 12.59 -33.66 5.97
N ALA B 105 12.37 -32.49 6.59
CA ALA B 105 12.45 -31.23 5.87
C ALA B 105 13.86 -30.86 5.47
N SER B 106 14.87 -31.57 5.97
CA SER B 106 16.25 -31.31 5.61
C SER B 106 16.69 -32.06 4.35
N ARG B 107 15.79 -32.82 3.74
CA ARG B 107 16.11 -33.60 2.55
C ARG B 107 15.29 -33.20 1.33
N TRP B 108 14.01 -32.89 1.51
CA TRP B 108 13.14 -32.52 0.41
C TRP B 108 12.45 -31.20 0.71
N PRO B 109 12.09 -30.43 -0.32
CA PRO B 109 11.40 -29.15 -0.07
C PRO B 109 10.00 -29.39 0.45
N ILE B 110 9.69 -28.76 1.58
CA ILE B 110 8.38 -28.85 2.22
C ILE B 110 7.83 -27.45 2.40
N GLU B 111 6.60 -27.23 1.95
CA GLU B 111 5.93 -25.95 2.11
C GLU B 111 4.54 -26.08 2.72
N HIS B 112 4.18 -27.26 3.19
CA HIS B 112 2.84 -27.51 3.72
C HIS B 112 2.89 -28.74 4.62
N LEU B 113 1.81 -28.94 5.37
CA LEU B 113 1.69 -30.09 6.23
C LEU B 113 0.21 -30.34 6.52
N HIS B 114 -0.10 -31.59 6.84
CA HIS B 114 -1.49 -31.98 7.10
C HIS B 114 -1.47 -33.08 8.16
N THR B 115 -1.70 -32.70 9.42
CA THR B 115 -1.74 -33.64 10.53
C THR B 115 -3.11 -33.56 11.20
N ASP B 116 -3.33 -34.45 12.17
CA ASP B 116 -4.57 -34.50 12.91
C ASP B 116 -4.45 -33.63 14.17
N ASN B 117 -5.42 -33.76 15.08
CA ASN B 117 -5.45 -32.97 16.32
C ASN B 117 -4.87 -33.74 17.50
N GLY B 118 -3.89 -34.60 17.26
CA GLY B 118 -3.28 -35.37 18.32
C GLY B 118 -2.50 -34.50 19.29
N PRO B 119 -2.27 -35.02 20.50
CA PRO B 119 -1.54 -34.23 21.50
C PRO B 119 -0.13 -33.85 21.07
N ASN B 120 0.56 -34.72 20.32
CA ASN B 120 1.93 -34.45 19.91
C ASN B 120 2.01 -33.52 18.70
N PHE B 121 0.91 -33.30 17.99
CA PHE B 121 0.91 -32.46 16.81
C PHE B 121 0.60 -30.99 17.12
N VAL B 122 0.32 -30.66 18.38
CA VAL B 122 0.05 -29.30 18.80
C VAL B 122 1.02 -28.82 19.87
N SER B 123 2.09 -29.56 20.11
CA SER B 123 3.06 -29.19 21.12
C SER B 123 3.85 -27.96 20.68
N ALA B 124 4.47 -27.29 21.66
CA ALA B 124 5.27 -26.11 21.35
C ALA B 124 6.45 -26.43 20.46
N GLU B 125 6.97 -27.66 20.56
CA GLU B 125 8.07 -28.07 19.68
C GLU B 125 7.65 -28.05 18.22
N MET B 126 6.43 -28.53 17.93
CA MET B 126 5.92 -28.51 16.57
C MET B 126 5.82 -27.08 16.04
N GLN B 127 5.30 -26.17 16.86
CA GLN B 127 5.17 -24.77 16.42
C GLN B 127 6.54 -24.14 16.20
N ALA B 128 7.49 -24.40 17.10
CA ALA B 128 8.83 -23.83 16.94
C ALA B 128 9.50 -24.37 15.68
N THR B 129 9.38 -25.68 15.42
CA THR B 129 9.97 -26.25 14.22
C THR B 129 9.32 -25.69 12.96
N ALA B 130 7.99 -25.55 12.97
CA ALA B 130 7.31 -24.99 11.81
C ALA B 130 7.71 -23.54 11.56
N TRP B 131 7.87 -22.76 12.63
CA TRP B 131 8.30 -21.38 12.47
C TRP B 131 9.73 -21.30 11.95
N TRP B 132 10.60 -22.20 12.42
CA TRP B 132 12.00 -22.16 12.00
C TRP B 132 12.16 -22.47 10.52
N LEU B 133 11.34 -23.38 9.99
CA LEU B 133 11.44 -23.82 8.60
C LEU B 133 10.48 -23.10 7.66
N LYS B 134 9.72 -22.12 8.15
CA LYS B 134 8.72 -21.41 7.33
C LYS B 134 7.72 -22.38 6.70
N ILE B 135 7.26 -23.35 7.47
CA ILE B 135 6.32 -24.36 6.99
C ILE B 135 4.93 -24.03 7.53
N GLU B 136 3.98 -23.86 6.62
CA GLU B 136 2.59 -23.67 7.03
C GLU B 136 2.02 -24.99 7.54
N HIS B 137 1.39 -24.95 8.71
CA HIS B 137 0.87 -26.15 9.37
C HIS B 137 -0.63 -26.03 9.53
N THR B 138 -1.35 -27.05 9.08
CA THR B 138 -2.80 -27.14 9.23
C THR B 138 -3.16 -28.42 9.97
N THR B 139 -4.25 -28.36 10.73
CA THR B 139 -4.72 -29.50 11.50
C THR B 139 -6.22 -29.67 11.28
N GLY B 140 -6.69 -30.91 11.47
CA GLY B 140 -8.09 -31.25 11.29
C GLY B 140 -8.27 -32.30 10.21
N VAL B 141 -9.39 -32.20 9.50
CA VAL B 141 -9.69 -33.14 8.43
C VAL B 141 -9.47 -32.49 7.07
N GLN B 148 -5.21 -38.39 5.29
CA GLN B 148 -6.56 -38.89 5.01
C GLN B 148 -6.52 -40.29 4.43
N GLY B 149 -7.17 -40.47 3.27
CA GLY B 149 -7.20 -41.77 2.64
C GLY B 149 -5.83 -42.21 2.13
N SER B 150 -5.06 -41.26 1.60
CA SER B 150 -3.75 -41.61 1.05
C SER B 150 -2.81 -42.14 2.11
N VAL B 151 -2.74 -41.46 3.26
CA VAL B 151 -1.83 -41.88 4.31
C VAL B 151 -2.27 -43.22 4.90
N GLU B 152 -3.59 -43.44 5.00
CA GLU B 152 -4.07 -44.72 5.50
C GLU B 152 -3.75 -45.86 4.53
N ASN B 153 -3.91 -45.61 3.23
CA ASN B 153 -3.56 -46.62 2.23
C ASN B 153 -2.07 -46.93 2.28
N LYS B 154 -1.23 -45.90 2.40
CA LYS B 154 0.21 -46.12 2.49
C LYS B 154 0.57 -46.89 3.74
N ASN B 155 -0.08 -46.58 4.87
CA ASN B 155 0.15 -47.32 6.10
C ASN B 155 -0.23 -48.78 5.95
N LYS B 156 -1.38 -49.05 5.30
CA LYS B 156 -1.79 -50.43 5.08
C LYS B 156 -0.80 -51.18 4.20
N GLN B 157 -0.33 -50.53 3.12
CA GLN B 157 0.65 -51.18 2.25
C GLN B 157 1.96 -51.43 2.99
N LEU B 158 2.39 -50.47 3.82
CA LEU B 158 3.61 -50.65 4.60
C LEU B 158 3.47 -51.81 5.57
N LYS B 159 2.31 -51.93 6.24
CA LYS B 159 2.09 -53.04 7.14
C LYS B 159 2.10 -54.37 6.40
N LYS B 160 1.47 -54.41 5.22
CA LYS B 160 1.48 -55.64 4.43
C LYS B 160 2.89 -56.04 4.02
N THR B 161 3.70 -55.07 3.58
CA THR B 161 5.08 -55.39 3.20
C THR B 161 5.90 -55.82 4.40
N ILE B 162 5.69 -55.19 5.56
CA ILE B 162 6.39 -55.58 6.77
C ILE B 162 6.05 -57.02 7.13
N GLN B 163 4.77 -57.38 7.03
CA GLN B 163 4.36 -58.75 7.29
C GLN B 163 5.01 -59.71 6.28
N GLN B 164 5.11 -59.28 5.02
CA GLN B 164 5.72 -60.13 4.00
C GLN B 164 7.19 -60.40 4.31
N ILE B 165 7.94 -59.38 4.72
CA ILE B 165 9.39 -59.51 4.90
C ILE B 165 9.79 -59.78 6.35
N ARG B 166 8.82 -59.93 7.26
CA ARG B 166 9.16 -60.07 8.68
C ARG B 166 9.91 -61.36 8.97
N ASP B 167 9.66 -62.42 8.19
CA ASP B 167 10.24 -63.72 8.51
C ASP B 167 11.76 -63.70 8.39
N GLU B 168 12.30 -63.07 7.36
CA GLU B 168 13.73 -63.18 7.09
C GLU B 168 14.56 -62.42 8.11
N VAL B 169 14.16 -61.19 8.44
CA VAL B 169 14.95 -60.34 9.33
C VAL B 169 14.68 -60.73 10.78
N GLN B 170 15.52 -60.21 11.69
CA GLN B 170 15.38 -60.48 13.12
C GLN B 170 14.77 -59.31 13.88
N TYR B 171 15.28 -58.10 13.67
CA TYR B 171 14.77 -56.92 14.35
C TYR B 171 13.60 -56.32 13.57
N LEU B 172 13.02 -55.26 14.11
CA LEU B 172 11.89 -54.58 13.49
C LEU B 172 12.29 -53.37 12.66
N SER B 173 13.34 -52.64 13.07
CA SER B 173 13.78 -51.49 12.30
C SER B 173 14.25 -51.89 10.91
N THR B 174 14.99 -53.01 10.82
CA THR B 174 15.43 -53.49 9.52
C THR B 174 14.26 -53.86 8.63
N ALA B 175 13.22 -54.48 9.21
CA ALA B 175 12.04 -54.81 8.43
C ALA B 175 11.35 -53.56 7.89
N VAL B 176 11.22 -52.54 8.72
CA VAL B 176 10.59 -51.30 8.29
C VAL B 176 11.41 -50.63 7.19
N ALA B 177 12.73 -50.61 7.34
CA ALA B 177 13.59 -50.00 6.32
C ALA B 177 13.49 -50.77 5.00
N GLN B 178 13.49 -52.10 5.06
CA GLN B 178 13.37 -52.90 3.85
C GLN B 178 12.02 -52.69 3.19
N ALA B 179 10.94 -52.61 3.97
CA ALA B 179 9.62 -52.36 3.41
C ALA B 179 9.56 -51.00 2.74
N THR B 180 10.15 -49.98 3.37
CA THR B 180 10.18 -48.65 2.75
C THR B 180 10.97 -48.67 1.45
N PHE B 181 12.11 -49.38 1.44
CA PHE B 181 12.90 -49.47 0.22
C PHE B 181 12.12 -50.17 -0.89
N ILE B 182 11.42 -51.25 -0.55
CA ILE B 182 10.63 -51.98 -1.55
C ILE B 182 9.52 -51.10 -2.10
N LEU B 183 8.81 -50.38 -1.22
CA LEU B 183 7.69 -49.56 -1.66
C LEU B 183 8.17 -48.37 -2.49
N ASN B 184 9.31 -47.78 -2.14
CA ASN B 184 9.75 -46.56 -2.80
C ASN B 184 10.25 -46.83 -4.22
N PHE B 185 11.06 -47.88 -4.39
CA PHE B 185 11.77 -48.11 -5.64
C PHE B 185 11.25 -49.32 -6.42
N LYS B 186 11.17 -50.49 -5.77
CA LYS B 186 10.81 -51.72 -6.47
C LYS B 186 9.30 -51.94 -6.48
N ARG B 187 8.55 -50.92 -6.90
CA ARG B 187 7.10 -51.06 -7.04
C ARG B 187 6.62 -49.99 -8.03
N ARG B 188 6.36 -50.40 -9.26
CA ARG B 188 5.90 -49.47 -10.27
C ARG B 188 4.46 -49.02 -9.98
N GLY B 189 4.12 -47.85 -10.52
CA GLY B 189 2.80 -47.28 -10.31
C GLY B 189 2.20 -46.71 -11.58
N GLY B 190 1.14 -45.92 -11.43
CA GLY B 190 0.47 -45.31 -12.55
C GLY B 190 0.97 -43.92 -12.86
N LEU B 191 0.29 -43.27 -13.81
CA LEU B 191 0.59 -41.90 -14.22
C LEU B 191 2.03 -41.78 -14.72
N GLY B 192 2.31 -42.49 -15.80
CA GLY B 192 3.62 -42.49 -16.43
C GLY B 192 4.42 -43.75 -16.22
N ASP B 193 3.95 -44.68 -15.39
CA ASP B 193 4.62 -45.96 -15.13
C ASP B 193 6.03 -45.73 -14.58
N MET B 194 6.09 -45.09 -13.41
CA MET B 194 7.35 -44.85 -12.73
C MET B 194 7.15 -45.02 -11.23
N CYS B 195 8.21 -45.43 -10.54
CA CYS B 195 8.16 -45.60 -9.10
C CYS B 195 8.04 -44.25 -8.41
N PRO B 196 7.54 -44.24 -7.16
CA PRO B 196 7.31 -42.95 -6.49
C PRO B 196 8.54 -42.05 -6.38
N ALA B 197 9.72 -42.63 -6.15
CA ALA B 197 10.92 -41.80 -6.03
C ALA B 197 11.22 -41.08 -7.34
N GLU B 198 11.16 -41.82 -8.45
CA GLU B 198 11.40 -41.20 -9.76
C GLU B 198 10.35 -40.15 -10.06
N ALA B 199 9.09 -40.42 -9.70
CA ALA B 199 8.03 -39.44 -9.93
C ALA B 199 8.28 -38.16 -9.14
N LEU B 200 8.68 -38.29 -7.87
CA LEU B 200 8.96 -37.10 -7.07
C LEU B 200 10.12 -36.30 -7.64
N ILE B 201 11.19 -37.00 -8.04
CA ILE B 201 12.33 -36.32 -8.64
C ILE B 201 11.90 -35.60 -9.92
N ASN B 202 11.07 -36.24 -10.73
CA ASN B 202 10.59 -35.64 -11.97
C ASN B 202 9.78 -34.38 -11.69
N MET B 203 8.88 -34.43 -10.70
CA MET B 203 8.09 -33.25 -10.38
C MET B 203 8.97 -32.11 -9.89
N ILE B 204 9.95 -32.40 -9.03
CA ILE B 204 10.83 -31.33 -8.53
C ILE B 204 11.62 -30.73 -9.68
N TYR B 205 12.18 -31.57 -10.55
CA TYR B 205 12.99 -31.06 -11.65
C TYR B 205 12.15 -30.22 -12.61
N THR B 206 10.93 -30.67 -12.93
CA THR B 206 10.10 -29.91 -13.86
C THR B 206 9.64 -28.60 -13.24
N GLU B 207 9.40 -28.57 -11.92
CA GLU B 207 9.07 -27.30 -11.26
C GLU B 207 10.24 -26.33 -11.36
N LEU B 208 11.45 -26.82 -11.08
CA LEU B 208 12.64 -25.95 -11.17
C LEU B 208 12.82 -25.43 -12.59
N GLN B 209 12.67 -26.30 -13.59
CA GLN B 209 12.88 -25.88 -14.97
C GLN B 209 11.83 -24.89 -15.42
N THR B 210 10.56 -25.10 -15.04
CA THR B 210 9.53 -24.14 -15.41
C THR B 210 9.79 -22.79 -14.78
N THR B 211 10.17 -22.77 -13.50
CA THR B 211 10.47 -21.49 -12.85
C THR B 211 11.62 -20.78 -13.54
N THR B 212 12.70 -21.51 -13.84
CA THR B 212 13.86 -20.89 -14.48
C THR B 212 13.52 -20.36 -15.87
N LEU B 213 12.82 -21.16 -16.67
CA LEU B 213 12.48 -20.74 -18.03
C LEU B 213 11.54 -19.53 -18.01
N GLN B 214 10.59 -19.51 -17.09
CA GLN B 214 9.71 -18.36 -16.99
C GLN B 214 10.46 -17.11 -16.55
N ASN B 215 11.40 -17.26 -15.61
CA ASN B 215 12.18 -16.11 -15.18
C ASN B 215 13.16 -15.63 -16.25
N GLN B 216 13.51 -16.48 -17.21
CA GLN B 216 14.44 -16.07 -18.26
C GLN B 216 13.88 -14.93 -19.09
N ILE B 217 12.61 -15.00 -19.46
CA ILE B 217 11.95 -13.96 -20.23
C ILE B 217 10.95 -13.26 -19.32
N HIS B 218 11.21 -11.99 -19.01
CA HIS B 218 10.33 -11.23 -18.14
C HIS B 218 10.09 -9.80 -18.61
N ASN B 219 10.85 -9.29 -19.58
CA ASN B 219 10.74 -7.89 -19.98
C ASN B 219 10.61 -7.70 -21.48
N PHE B 220 10.40 -8.77 -22.25
CA PHE B 220 10.27 -8.65 -23.68
C PHE B 220 9.38 -9.76 -24.22
N SER B 221 8.65 -9.43 -25.29
CA SER B 221 7.77 -10.38 -25.96
C SER B 221 7.46 -9.80 -27.35
N ASP B 222 6.50 -10.41 -28.03
CA ASP B 222 6.06 -9.94 -29.34
C ASP B 222 4.56 -9.74 -29.33
N PHE B 223 4.09 -8.84 -30.21
CA PHE B 223 2.67 -8.56 -30.40
C PHE B 223 2.02 -8.09 -29.11
N LYS B 224 2.45 -6.92 -28.65
CA LYS B 224 1.78 -6.26 -27.55
C LYS B 224 0.31 -6.04 -27.87
N VAL B 225 -0.56 -6.29 -26.91
CA VAL B 225 -2.00 -6.25 -27.12
C VAL B 225 -2.65 -5.35 -26.08
N TYR B 226 -3.80 -4.78 -26.42
CA TYR B 226 -4.62 -4.01 -25.50
C TYR B 226 -5.82 -4.84 -25.08
N TYR B 227 -6.21 -4.72 -23.81
CA TYR B 227 -7.29 -5.55 -23.27
C TYR B 227 -8.23 -4.68 -22.44
N ARG B 228 -9.48 -5.16 -22.34
CA ARG B 228 -10.50 -4.56 -21.48
C ARG B 228 -10.82 -5.54 -20.36
N LYS B 229 -10.69 -5.09 -19.12
CA LYS B 229 -10.85 -5.94 -17.95
C LYS B 229 -12.16 -5.62 -17.26
N GLY B 230 -12.94 -6.66 -16.95
CA GLY B 230 -14.19 -6.47 -16.24
C GLY B 230 -15.21 -5.70 -17.05
N ALA B 231 -16.03 -4.93 -16.34
CA ALA B 231 -17.08 -4.13 -16.97
C ALA B 231 -16.59 -2.74 -17.39
N ASN B 232 -15.36 -2.39 -17.08
CA ASN B 232 -14.82 -1.09 -17.45
C ASN B 232 -14.57 -1.05 -18.96
N PRO B 233 -15.21 -0.15 -19.71
CA PRO B 233 -14.99 -0.10 -21.16
C PRO B 233 -13.68 0.55 -21.57
N LEU B 234 -12.94 1.15 -20.64
CA LEU B 234 -11.69 1.81 -20.97
C LEU B 234 -10.62 0.78 -21.34
N TRP B 235 -9.90 1.05 -22.42
CA TRP B 235 -8.82 0.17 -22.84
C TRP B 235 -7.65 0.26 -21.86
N GLN B 236 -6.88 -0.82 -21.79
CA GLN B 236 -5.73 -0.90 -20.90
C GLN B 236 -4.57 -1.58 -21.62
N GLY B 237 -3.37 -1.33 -21.11
CA GLY B 237 -2.18 -1.94 -21.65
C GLY B 237 -1.09 -0.93 -21.93
N PRO B 238 -0.13 -1.30 -22.80
CA PRO B 238 -0.02 -2.58 -23.52
C PRO B 238 0.53 -3.69 -22.63
N ALA B 239 0.24 -4.95 -22.97
CA ALA B 239 0.70 -6.09 -22.18
C ALA B 239 1.32 -7.12 -23.10
N HIS B 240 2.22 -7.92 -22.55
CA HIS B 240 2.89 -8.97 -23.31
C HIS B 240 1.91 -10.06 -23.70
N LEU B 241 2.07 -10.61 -24.90
CA LEU B 241 1.23 -11.68 -25.40
C LEU B 241 1.85 -13.02 -25.07
N VAL B 242 1.13 -13.86 -24.34
CA VAL B 242 1.58 -15.21 -24.02
C VAL B 242 0.99 -16.24 -24.98
N TRP B 243 -0.32 -16.18 -25.22
CA TRP B 243 -0.95 -17.12 -26.13
C TRP B 243 -2.12 -16.46 -26.84
N LYS B 244 -2.20 -16.65 -28.16
CA LYS B 244 -3.30 -16.16 -28.96
C LYS B 244 -4.10 -17.35 -29.48
N GLY B 245 -5.40 -17.36 -29.18
CA GLY B 245 -6.26 -18.48 -29.55
C GLY B 245 -7.54 -17.99 -30.19
N GLU B 246 -8.26 -18.94 -30.81
CA GLU B 246 -9.50 -18.62 -31.49
C GLU B 246 -10.56 -18.15 -30.50
N GLY B 247 -10.66 -18.81 -29.35
CA GLY B 247 -11.69 -18.49 -28.37
C GLY B 247 -11.29 -17.42 -27.38
N ALA B 248 -10.06 -17.48 -26.89
CA ALA B 248 -9.58 -16.53 -25.89
C ALA B 248 -8.08 -16.37 -26.04
N VAL B 249 -7.53 -15.41 -25.30
CA VAL B 249 -6.10 -15.13 -25.31
C VAL B 249 -5.60 -15.10 -23.87
N VAL B 250 -4.32 -15.41 -23.70
CA VAL B 250 -3.66 -15.41 -22.40
C VAL B 250 -2.58 -14.34 -22.45
N LEU B 251 -2.64 -13.40 -21.51
CA LEU B 251 -1.81 -12.21 -21.47
C LEU B 251 -1.02 -12.18 -20.18
N ARG B 252 0.18 -11.59 -20.24
CA ARG B 252 1.04 -11.34 -19.10
C ARG B 252 1.39 -9.87 -19.08
N THR B 253 1.06 -9.19 -17.99
CA THR B 253 1.31 -7.75 -17.88
C THR B 253 2.71 -7.49 -17.30
N ASP B 254 3.12 -6.22 -17.34
CA ASP B 254 4.43 -5.85 -16.83
C ASP B 254 4.52 -6.08 -15.33
N GLU B 255 3.40 -6.02 -14.61
CA GLU B 255 3.39 -6.23 -13.17
C GLU B 255 3.51 -7.69 -12.78
N GLY B 256 3.43 -8.62 -13.73
CA GLY B 256 3.55 -10.03 -13.45
C GLY B 256 2.25 -10.80 -13.37
N GLU B 257 1.12 -10.17 -13.66
CA GLU B 257 -0.17 -10.84 -13.60
C GLU B 257 -0.49 -11.52 -14.92
N VAL B 258 -1.12 -12.68 -14.84
CA VAL B 258 -1.55 -13.46 -16.00
C VAL B 258 -3.07 -13.40 -16.06
N ILE B 259 -3.61 -13.04 -17.22
CA ILE B 259 -5.04 -12.78 -17.37
C ILE B 259 -5.53 -13.42 -18.65
N THR B 260 -6.67 -14.11 -18.56
CA THR B 260 -7.33 -14.68 -19.74
C THR B 260 -8.44 -13.74 -20.18
N VAL B 261 -8.46 -13.41 -21.47
CA VAL B 261 -9.39 -12.42 -22.01
C VAL B 261 -10.07 -12.98 -23.26
N PRO B 262 -11.38 -12.86 -23.39
CA PRO B 262 -12.05 -13.32 -24.62
C PRO B 262 -11.59 -12.52 -25.83
N ARG B 263 -11.68 -13.15 -27.00
CA ARG B 263 -11.15 -12.54 -28.22
C ARG B 263 -11.80 -11.19 -28.51
N ARG B 264 -13.08 -11.04 -28.16
CA ARG B 264 -13.77 -9.78 -28.44
C ARG B 264 -13.26 -8.63 -27.57
N LYS B 265 -12.51 -8.92 -26.51
CA LYS B 265 -12.00 -7.89 -25.61
C LYS B 265 -10.49 -7.71 -25.73
N ALA B 266 -9.90 -8.10 -26.86
CA ALA B 266 -8.46 -7.98 -27.05
C ALA B 266 -8.17 -7.44 -28.44
N LYS B 267 -7.23 -6.50 -28.51
CA LYS B 267 -6.78 -5.92 -29.76
C LYS B 267 -5.29 -6.18 -29.92
N ILE B 268 -4.90 -6.74 -31.06
CA ILE B 268 -3.51 -7.13 -31.33
C ILE B 268 -2.89 -6.08 -32.24
N ILE B 269 -1.73 -5.56 -31.83
CA ILE B 269 -0.97 -4.61 -32.64
C ILE B 269 0.38 -5.24 -32.97
N LYS B 270 0.97 -4.78 -34.06
CA LYS B 270 2.26 -5.33 -34.51
C LYS B 270 3.29 -4.23 -34.70
N PHE C 1 32.17 17.73 -3.15
CA PHE C 1 32.81 16.65 -3.89
C PHE C 1 34.32 16.80 -3.90
N VAL C 2 34.83 17.69 -3.04
CA VAL C 2 36.27 17.90 -2.95
C VAL C 2 36.97 16.67 -2.39
N GLU C 3 36.28 15.90 -1.55
CA GLU C 3 36.88 14.70 -0.96
C GLU C 3 37.21 13.67 -2.04
N GLN C 4 36.52 13.69 -3.17
CA GLN C 4 36.82 12.81 -4.28
C GLN C 4 37.93 13.35 -5.17
N ILE C 5 38.37 14.59 -4.96
CA ILE C 5 39.42 15.16 -5.80
C ILE C 5 40.73 14.39 -5.70
N PRO C 6 41.25 14.05 -4.50
CA PRO C 6 42.54 13.35 -4.46
C PRO C 6 42.48 11.96 -5.08
N GLU C 7 41.52 11.14 -4.62
CA GLU C 7 41.46 9.74 -5.06
C GLU C 7 41.37 9.64 -6.57
N ALA C 8 40.48 10.43 -7.18
CA ALA C 8 40.35 10.41 -8.64
C ALA C 8 41.69 10.71 -9.30
N GLN C 9 42.44 11.67 -8.77
CA GLN C 9 43.76 11.97 -9.32
C GLN C 9 44.65 10.73 -9.30
N GLU C 10 44.63 9.99 -8.18
CA GLU C 10 45.42 8.77 -8.10
C GLU C 10 45.02 7.80 -9.22
N GLU C 11 43.73 7.72 -9.53
CA GLU C 11 43.30 6.86 -10.62
C GLU C 11 43.94 7.30 -11.94
N HIS C 12 43.98 8.60 -12.19
CA HIS C 12 44.61 9.08 -13.42
C HIS C 12 46.10 8.78 -13.45
N GLU C 13 46.70 8.47 -12.31
CA GLU C 13 48.10 8.05 -12.30
C GLU C 13 48.26 6.69 -12.95
N ARG C 14 47.28 5.80 -12.76
CA ARG C 14 47.39 4.43 -13.29
C ARG C 14 46.71 4.30 -14.65
N TYR C 15 45.41 4.57 -14.72
CA TYR C 15 44.66 4.52 -15.96
C TYR C 15 44.41 5.92 -16.46
N HIS C 16 44.90 6.22 -17.66
CA HIS C 16 44.77 7.55 -18.25
C HIS C 16 43.38 7.68 -18.88
N ASN C 17 42.40 7.99 -18.04
CA ASN C 17 41.03 8.13 -18.49
C ASN C 17 40.83 9.50 -19.15
N ASN C 18 39.59 9.76 -19.55
CA ASN C 18 39.19 11.07 -20.04
C ASN C 18 38.21 11.71 -19.07
N TRP C 19 37.86 12.96 -19.35
CA TRP C 19 37.01 13.71 -18.43
C TRP C 19 35.62 13.10 -18.33
N LYS C 20 35.12 12.50 -19.41
CA LYS C 20 33.79 11.90 -19.39
C LYS C 20 33.73 10.75 -18.38
N ASP C 21 34.74 9.87 -18.40
CA ASP C 21 34.74 8.73 -17.49
C ASP C 21 34.85 9.18 -16.03
N LEU C 22 35.72 10.15 -15.76
CA LEU C 22 35.86 10.65 -14.40
C LEU C 22 34.57 11.30 -13.92
N LYS C 23 33.93 12.09 -14.79
CA LYS C 23 32.67 12.73 -14.42
C LYS C 23 31.58 11.68 -14.15
N ALA C 24 31.53 10.63 -14.97
CA ALA C 24 30.49 9.62 -14.81
C ALA C 24 30.75 8.73 -13.60
N ARG C 25 32.01 8.55 -13.20
CA ARG C 25 32.33 7.66 -12.11
C ARG C 25 32.34 8.35 -10.75
N PHE C 26 33.04 9.47 -10.64
CA PHE C 26 33.19 10.17 -9.37
C PHE C 26 32.19 11.31 -9.19
N LYS C 27 31.25 11.48 -10.12
CA LYS C 27 30.24 12.53 -10.07
C LYS C 27 30.87 13.91 -9.90
N LEU C 28 31.91 14.17 -10.70
CA LEU C 28 32.55 15.47 -10.72
C LEU C 28 31.98 16.33 -11.84
N PRO C 29 31.92 17.65 -11.65
CA PRO C 29 31.47 18.53 -12.73
C PRO C 29 32.47 18.54 -13.88
N THR C 30 31.98 19.03 -15.03
CA THR C 30 32.77 18.97 -16.26
C THR C 30 34.04 19.82 -16.16
N ILE C 31 33.95 20.99 -15.54
CA ILE C 31 35.08 21.92 -15.54
C ILE C 31 36.24 21.34 -14.73
N VAL C 32 35.96 20.80 -13.55
CA VAL C 32 37.03 20.25 -12.72
C VAL C 32 37.61 18.99 -13.36
N ALA C 33 36.77 18.19 -14.02
CA ALA C 33 37.28 17.01 -14.72
C ALA C 33 38.21 17.41 -15.86
N LYS C 34 37.83 18.45 -16.62
CA LYS C 34 38.71 18.93 -17.68
C LYS C 34 40.01 19.48 -17.11
N ALA C 35 39.93 20.17 -15.97
CA ALA C 35 41.15 20.66 -15.31
C ALA C 35 42.06 19.51 -14.90
N ILE C 36 41.47 18.44 -14.35
CA ILE C 36 42.26 17.27 -13.96
C ILE C 36 42.91 16.64 -15.19
N ILE C 37 42.17 16.53 -16.28
CA ILE C 37 42.72 15.96 -17.51
C ILE C 37 43.88 16.81 -18.01
N GLU C 38 43.70 18.13 -18.01
CA GLU C 38 44.75 19.02 -18.51
C GLU C 38 45.97 19.03 -17.60
N ALA C 39 45.78 18.75 -16.30
CA ALA C 39 46.90 18.74 -15.37
C ALA C 39 47.91 17.64 -15.69
N CYS C 40 47.49 16.58 -16.37
CA CYS C 40 48.40 15.51 -16.74
C CYS C 40 49.27 15.95 -17.92
N PRO C 41 50.59 15.89 -17.79
CA PRO C 41 51.45 16.28 -18.94
C PRO C 41 51.23 15.43 -20.17
N LYS C 42 50.97 14.14 -20.01
CA LYS C 42 50.74 13.23 -21.13
C LYS C 42 49.26 13.08 -21.45
N CYS C 43 48.57 14.20 -21.62
CA CYS C 43 47.14 14.17 -21.90
C CYS C 43 46.71 15.49 -22.51
N GLN C 44 45.76 15.42 -23.44
CA GLN C 44 45.19 16.59 -24.08
C GLN C 44 43.67 16.53 -23.95
N VAL C 45 42.99 17.52 -24.54
CA VAL C 45 41.53 17.55 -24.53
C VAL C 45 41.01 17.81 -25.94
N THR C 54 27.83 5.15 -36.34
CA THR C 54 27.54 4.10 -37.31
C THR C 54 26.34 3.26 -36.88
N ASN C 55 25.71 2.60 -37.85
CA ASN C 55 24.55 1.77 -37.61
C ASN C 55 24.72 0.40 -38.25
N ALA C 56 25.92 -0.16 -38.14
CA ALA C 56 26.21 -1.46 -38.74
C ALA C 56 25.53 -2.57 -37.94
N ALA C 57 25.55 -3.77 -38.51
CA ALA C 57 24.92 -4.91 -37.87
C ALA C 57 25.72 -5.33 -36.63
N VAL C 58 25.08 -6.15 -35.79
CA VAL C 58 25.71 -6.57 -34.54
C VAL C 58 26.94 -7.42 -34.81
N GLY C 59 26.92 -8.24 -35.86
CA GLY C 59 28.02 -9.11 -36.15
C GLY C 59 28.97 -8.59 -37.22
N THR C 60 29.28 -7.29 -37.18
CA THR C 60 30.17 -6.66 -38.14
C THR C 60 31.50 -6.35 -37.48
N TRP C 61 32.59 -6.87 -38.05
CA TRP C 61 33.93 -6.67 -37.53
C TRP C 61 34.86 -6.27 -38.66
N GLN C 62 35.93 -5.57 -38.29
CA GLN C 62 36.97 -5.19 -39.25
C GLN C 62 38.32 -5.60 -38.70
N MET C 63 39.28 -5.81 -39.59
CA MET C 63 40.63 -6.22 -39.22
C MET C 63 41.64 -5.30 -39.86
N ASP C 64 42.77 -5.11 -39.15
CA ASP C 64 43.83 -4.26 -39.67
C ASP C 64 45.16 -4.69 -39.05
N CYS C 65 46.24 -4.26 -39.68
CA CYS C 65 47.60 -4.55 -39.22
C CYS C 65 48.40 -3.27 -39.16
N THR C 66 49.28 -3.17 -38.15
CA THR C 66 50.12 -2.01 -37.96
C THR C 66 51.53 -2.47 -37.60
N HIS C 67 52.50 -1.63 -37.91
CA HIS C 67 53.90 -1.90 -37.59
C HIS C 67 54.37 -0.93 -36.52
N LEU C 68 54.99 -1.45 -35.48
CA LEU C 68 55.46 -0.62 -34.37
C LEU C 68 56.68 -1.27 -33.74
N GLU C 69 57.80 -0.55 -33.75
CA GLU C 69 59.05 -1.01 -33.13
C GLU C 69 59.48 -2.36 -33.68
N GLY C 70 59.31 -2.55 -34.98
CA GLY C 70 59.67 -3.81 -35.60
C GLY C 70 58.77 -4.97 -35.24
N GLN C 71 57.54 -4.70 -34.81
CA GLN C 71 56.59 -5.75 -34.45
C GLN C 71 55.27 -5.49 -35.17
N VAL C 72 54.55 -6.57 -35.44
CA VAL C 72 53.29 -6.52 -36.17
C VAL C 72 52.15 -6.65 -35.16
N ILE C 73 51.29 -5.64 -35.12
CA ILE C 73 50.13 -5.62 -34.23
C ILE C 73 48.88 -5.78 -35.09
N CYS C 74 48.13 -6.85 -34.83
CA CYS C 74 46.87 -7.09 -35.52
C CYS C 74 45.73 -6.63 -34.64
N VAL C 75 44.84 -5.80 -35.18
CA VAL C 75 43.75 -5.19 -34.44
C VAL C 75 42.43 -5.56 -35.10
N ALA C 76 41.52 -6.12 -34.31
CA ALA C 76 40.16 -6.43 -34.74
C ALA C 76 39.21 -5.48 -34.01
N VAL C 77 38.43 -4.73 -34.78
CA VAL C 77 37.60 -3.66 -34.26
C VAL C 77 36.14 -3.97 -34.56
N HIS C 78 35.30 -3.93 -33.52
CA HIS C 78 33.87 -3.90 -33.71
C HIS C 78 33.45 -2.56 -34.27
N VAL C 79 32.54 -2.58 -35.23
CA VAL C 79 32.16 -1.36 -35.93
C VAL C 79 31.08 -0.58 -35.17
N ALA C 80 30.06 -1.28 -34.68
CA ALA C 80 28.93 -0.58 -34.08
C ALA C 80 29.29 0.06 -32.75
N SER C 81 30.11 -0.60 -31.94
CA SER C 81 30.40 -0.15 -30.58
C SER C 81 31.80 0.41 -30.40
N GLY C 82 32.79 -0.13 -31.07
CA GLY C 82 34.16 0.30 -30.90
C GLY C 82 35.02 -0.58 -30.02
N TYR C 83 34.49 -1.73 -29.58
CA TYR C 83 35.31 -2.69 -28.83
C TYR C 83 36.43 -3.21 -29.72
N ILE C 84 37.65 -3.28 -29.16
CA ILE C 84 38.81 -3.68 -29.93
C ILE C 84 39.49 -4.87 -29.27
N GLU C 85 40.25 -5.61 -30.07
CA GLU C 85 41.09 -6.69 -29.61
C GLU C 85 42.41 -6.63 -30.36
N THR C 86 43.52 -6.85 -29.66
CA THR C 86 44.84 -6.72 -30.24
C THR C 86 45.65 -7.98 -30.02
N LYS C 87 46.55 -8.25 -30.96
CA LYS C 87 47.47 -9.37 -30.84
C LYS C 87 48.79 -9.00 -31.49
N ILE C 88 49.86 -9.68 -31.06
CA ILE C 88 51.21 -9.46 -31.57
C ILE C 88 51.53 -10.63 -32.48
N LEU C 89 51.44 -10.42 -33.79
CA LEU C 89 51.73 -11.47 -34.74
C LEU C 89 53.24 -11.68 -34.83
N PRO C 90 53.72 -12.92 -34.70
CA PRO C 90 55.18 -13.14 -34.84
C PRO C 90 55.71 -12.79 -36.22
N ARG C 91 55.12 -13.36 -37.26
CA ARG C 91 55.48 -13.06 -38.64
C ARG C 91 54.20 -12.83 -39.44
N GLU C 92 54.21 -11.77 -40.26
CA GLU C 92 53.03 -11.42 -41.04
C GLU C 92 52.81 -12.48 -42.12
N THR C 93 51.84 -13.36 -41.89
CA THR C 93 51.55 -14.44 -42.81
C THR C 93 50.06 -14.76 -42.73
N GLY C 94 49.55 -15.42 -43.76
CA GLY C 94 48.15 -15.81 -43.77
C GLY C 94 47.79 -16.74 -42.64
N ARG C 95 48.70 -17.63 -42.25
CA ARG C 95 48.42 -18.57 -41.17
C ARG C 95 48.17 -17.84 -39.86
N GLU C 96 49.00 -16.85 -39.53
CA GLU C 96 48.83 -16.12 -38.28
C GLU C 96 47.54 -15.31 -38.27
N THR C 97 47.20 -14.69 -39.39
CA THR C 97 45.94 -13.94 -39.48
C THR C 97 44.75 -14.87 -39.34
N ALA C 98 44.81 -16.05 -39.97
CA ALA C 98 43.73 -17.01 -39.83
C ALA C 98 43.59 -17.48 -38.40
N LEU C 99 44.71 -17.74 -37.72
CA LEU C 99 44.66 -18.16 -36.32
C LEU C 99 44.07 -17.06 -35.45
N PHE C 100 44.44 -15.80 -35.69
CA PHE C 100 43.87 -14.70 -34.92
C PHE C 100 42.38 -14.57 -35.17
N LEU C 101 41.94 -14.73 -36.41
CA LEU C 101 40.51 -14.68 -36.71
C LEU C 101 39.77 -15.80 -36.00
N LEU C 102 40.35 -17.01 -35.97
CA LEU C 102 39.74 -18.11 -35.25
C LEU C 102 39.65 -17.81 -33.75
N GLN C 103 40.70 -17.23 -33.20
CA GLN C 103 40.70 -16.90 -31.77
C GLN C 103 39.65 -15.85 -31.45
N VAL C 104 39.51 -14.84 -32.31
CA VAL C 104 38.49 -13.82 -32.08
C VAL C 104 37.09 -14.40 -32.21
N ALA C 105 36.88 -15.28 -33.21
CA ALA C 105 35.57 -15.86 -33.42
C ALA C 105 35.18 -16.84 -32.31
N SER C 106 36.13 -17.27 -31.49
CA SER C 106 35.84 -18.19 -30.40
C SER C 106 35.38 -17.48 -29.13
N ARG C 107 35.32 -16.15 -29.15
CA ARG C 107 34.89 -15.37 -27.99
C ARG C 107 33.62 -14.57 -28.25
N TRP C 108 33.47 -14.02 -29.45
CA TRP C 108 32.31 -13.20 -29.79
C TRP C 108 31.70 -13.69 -31.10
N PRO C 109 30.40 -13.48 -31.28
CA PRO C 109 29.75 -13.90 -32.54
C PRO C 109 30.16 -13.00 -33.70
N ILE C 110 30.79 -13.59 -34.71
CA ILE C 110 31.21 -12.89 -35.91
C ILE C 110 30.36 -13.37 -37.08
N GLU C 111 29.79 -12.42 -37.82
CA GLU C 111 28.97 -12.74 -38.97
C GLU C 111 29.41 -12.05 -40.26
N HIS C 112 30.32 -11.07 -40.19
CA HIS C 112 30.74 -10.34 -41.38
C HIS C 112 32.09 -9.70 -41.09
N LEU C 113 33.09 -10.00 -41.91
CA LEU C 113 34.44 -9.50 -41.74
C LEU C 113 34.79 -8.59 -42.91
N HIS C 114 35.24 -7.38 -42.60
CA HIS C 114 35.70 -6.42 -43.61
C HIS C 114 37.19 -6.22 -43.44
N THR C 115 37.95 -6.48 -44.50
CA THR C 115 39.39 -6.29 -44.46
C THR C 115 39.87 -5.50 -45.68
N ASP C 116 41.19 -5.35 -45.81
CA ASP C 116 41.77 -4.72 -46.98
C ASP C 116 42.09 -5.77 -48.03
N ASN C 117 42.87 -5.40 -49.05
CA ASN C 117 43.25 -6.30 -50.12
C ASN C 117 44.73 -6.65 -50.05
N GLY C 118 45.25 -6.84 -48.84
CA GLY C 118 46.64 -7.15 -48.63
C GLY C 118 46.99 -8.57 -49.04
N PRO C 119 48.28 -8.89 -49.04
CA PRO C 119 48.68 -10.25 -49.47
C PRO C 119 48.31 -11.33 -48.47
N ASN C 120 48.43 -11.06 -47.17
CA ASN C 120 48.15 -12.05 -46.15
C ASN C 120 46.68 -12.15 -45.80
N PHE C 121 45.84 -11.26 -46.32
CA PHE C 121 44.40 -11.32 -46.10
C PHE C 121 43.66 -12.06 -47.20
N VAL C 122 44.39 -12.65 -48.16
CA VAL C 122 43.78 -13.37 -49.27
C VAL C 122 44.30 -14.79 -49.41
N SER C 123 45.21 -15.22 -48.54
CA SER C 123 45.80 -16.55 -48.64
C SER C 123 44.74 -17.63 -48.38
N ALA C 124 45.10 -18.87 -48.75
CA ALA C 124 44.16 -19.98 -48.62
C ALA C 124 43.79 -20.25 -47.17
N GLU C 125 44.71 -19.97 -46.24
CA GLU C 125 44.40 -20.18 -44.83
C GLU C 125 43.25 -19.30 -44.37
N MET C 126 43.25 -18.03 -44.78
CA MET C 126 42.16 -17.13 -44.42
C MET C 126 40.83 -17.61 -45.00
N GLN C 127 40.84 -18.05 -46.25
CA GLN C 127 39.62 -18.55 -46.87
C GLN C 127 39.10 -19.79 -46.16
N ALA C 128 40.00 -20.72 -45.81
CA ALA C 128 39.57 -21.92 -45.10
C ALA C 128 39.00 -21.58 -43.73
N THR C 129 39.66 -20.66 -43.01
CA THR C 129 39.15 -20.28 -41.69
C THR C 129 37.80 -19.59 -41.78
N ALA C 130 37.62 -18.71 -42.77
CA ALA C 130 36.34 -18.03 -42.93
C ALA C 130 35.25 -18.99 -43.39
N TRP C 131 35.61 -20.04 -44.12
CA TRP C 131 34.62 -21.03 -44.52
C TRP C 131 34.24 -21.94 -43.36
N TRP C 132 35.19 -22.25 -42.47
CA TRP C 132 34.90 -23.11 -41.33
C TRP C 132 33.87 -22.47 -40.40
N LEU C 133 33.98 -21.18 -40.15
CA LEU C 133 33.07 -20.47 -39.28
C LEU C 133 31.81 -19.99 -39.99
N LYS C 134 31.73 -20.17 -41.32
CA LYS C 134 30.58 -19.75 -42.12
C LYS C 134 30.33 -18.25 -41.98
N ILE C 135 31.30 -17.46 -42.43
CA ILE C 135 31.22 -16.01 -42.41
C ILE C 135 31.52 -15.48 -43.81
N GLU C 136 31.07 -14.25 -44.05
CA GLU C 136 31.24 -13.59 -45.34
C GLU C 136 32.47 -12.69 -45.24
N HIS C 137 33.54 -13.05 -45.94
CA HIS C 137 34.78 -12.29 -45.93
C HIS C 137 34.77 -11.33 -47.11
N THR C 138 34.65 -10.03 -46.82
CA THR C 138 34.61 -8.99 -47.84
C THR C 138 35.94 -8.24 -47.86
N THR C 139 36.56 -8.18 -49.03
CA THR C 139 37.81 -7.46 -49.23
C THR C 139 37.59 -6.32 -50.20
N GLY C 140 38.04 -5.13 -49.83
CA GLY C 140 37.91 -3.96 -50.65
C GLY C 140 37.49 -2.77 -49.81
N VAL C 141 37.20 -1.67 -50.50
CA VAL C 141 36.78 -0.44 -49.81
C VAL C 141 35.41 -0.66 -49.18
N PRO C 142 35.24 -0.36 -47.89
CA PRO C 142 33.93 -0.54 -47.25
C PRO C 142 32.88 0.38 -47.85
N TYR C 143 31.63 -0.07 -47.83
CA TYR C 143 30.53 0.71 -48.39
C TYR C 143 30.36 2.04 -47.65
N ASN C 144 30.46 2.01 -46.32
CA ASN C 144 30.29 3.21 -45.52
C ASN C 144 31.67 3.75 -45.12
N PRO C 145 32.04 4.95 -45.55
CA PRO C 145 33.33 5.52 -45.10
C PRO C 145 33.39 5.78 -43.61
N GLN C 146 32.24 5.86 -42.93
CA GLN C 146 32.23 6.10 -41.49
C GLN C 146 32.93 4.97 -40.75
N SER C 147 32.71 3.72 -41.18
CA SER C 147 33.36 2.59 -40.54
C SER C 147 34.88 2.65 -40.70
N GLN C 148 35.35 2.99 -41.90
CA GLN C 148 36.78 3.13 -42.11
C GLN C 148 37.37 4.25 -41.26
N GLY C 149 36.67 5.39 -41.19
CA GLY C 149 37.13 6.48 -40.35
C GLY C 149 37.20 6.09 -38.88
N SER C 150 36.18 5.37 -38.40
CA SER C 150 36.18 4.93 -37.01
C SER C 150 37.30 3.94 -36.74
N VAL C 151 37.58 3.04 -37.69
CA VAL C 151 38.67 2.08 -37.51
C VAL C 151 40.01 2.81 -37.45
N GLU C 152 40.20 3.79 -38.34
CA GLU C 152 41.44 4.56 -38.33
C GLU C 152 41.59 5.35 -37.03
N ASN C 153 40.49 5.92 -36.54
CA ASN C 153 40.52 6.64 -35.27
C ASN C 153 40.86 5.70 -34.12
N LYS C 154 40.31 4.49 -34.13
CA LYS C 154 40.63 3.52 -33.09
C LYS C 154 42.10 3.12 -33.13
N ASN C 155 42.65 2.93 -34.34
CA ASN C 155 44.06 2.59 -34.44
C ASN C 155 44.94 3.74 -33.94
N LYS C 156 44.59 4.98 -34.28
CA LYS C 156 45.37 6.12 -33.82
C LYS C 156 45.29 6.26 -32.30
N GLN C 157 44.10 6.05 -31.73
CA GLN C 157 43.95 6.11 -30.28
C GLN C 157 44.75 5.02 -29.60
N LEU C 158 44.78 3.82 -30.19
CA LEU C 158 45.59 2.74 -29.63
C LEU C 158 47.07 3.10 -29.65
N LYS C 159 47.54 3.69 -30.76
CA LYS C 159 48.93 4.10 -30.82
C LYS C 159 49.25 5.16 -29.78
N LYS C 160 48.34 6.13 -29.61
CA LYS C 160 48.56 7.18 -28.61
C LYS C 160 48.60 6.60 -27.20
N THR C 161 47.68 5.69 -26.88
CA THR C 161 47.67 5.09 -25.55
C THR C 161 48.91 4.25 -25.31
N ILE C 162 49.37 3.52 -26.34
CA ILE C 162 50.60 2.75 -26.20
C ILE C 162 51.77 3.67 -25.93
N GLN C 163 51.83 4.80 -26.64
CA GLN C 163 52.90 5.77 -26.40
C GLN C 163 52.85 6.32 -24.99
N GLN C 164 51.64 6.61 -24.49
CA GLN C 164 51.49 7.12 -23.13
C GLN C 164 51.93 6.08 -22.10
N ILE C 165 51.61 4.81 -22.32
CA ILE C 165 51.82 3.79 -21.30
C ILE C 165 53.23 3.20 -21.33
N ARG C 166 53.90 3.21 -22.49
CA ARG C 166 55.14 2.46 -22.66
C ARG C 166 56.22 2.87 -21.68
N ASP C 167 56.18 4.12 -21.18
CA ASP C 167 57.23 4.59 -20.28
C ASP C 167 57.23 3.82 -18.97
N GLU C 168 56.07 3.33 -18.53
CA GLU C 168 55.96 2.64 -17.25
C GLU C 168 55.98 1.13 -17.38
N VAL C 169 56.12 0.59 -18.59
CA VAL C 169 56.01 -0.85 -18.83
C VAL C 169 57.24 -1.30 -19.62
N GLN C 170 57.83 -2.42 -19.21
CA GLN C 170 59.07 -2.88 -19.80
C GLN C 170 58.86 -3.49 -21.19
N TYR C 171 58.05 -4.53 -21.27
CA TYR C 171 57.87 -5.27 -22.52
C TYR C 171 56.74 -4.69 -23.35
N LEU C 172 56.82 -4.91 -24.67
CA LEU C 172 55.84 -4.32 -25.58
C LEU C 172 54.47 -4.97 -25.43
N SER C 173 54.44 -6.29 -25.24
CA SER C 173 53.16 -7.01 -25.17
C SER C 173 52.35 -6.55 -23.96
N THR C 174 53.00 -6.35 -22.81
CA THR C 174 52.30 -5.86 -21.64
C THR C 174 51.72 -4.47 -21.87
N ALA C 175 52.49 -3.60 -22.52
CA ALA C 175 52.00 -2.26 -22.84
C ALA C 175 50.79 -2.32 -23.76
N VAL C 176 50.85 -3.19 -24.77
CA VAL C 176 49.72 -3.33 -25.69
C VAL C 176 48.48 -3.82 -24.96
N ALA C 177 48.65 -4.82 -24.08
CA ALA C 177 47.52 -5.34 -23.32
C ALA C 177 46.93 -4.27 -22.40
N GLN C 178 47.79 -3.49 -21.74
CA GLN C 178 47.29 -2.43 -20.87
C GLN C 178 46.56 -1.36 -21.66
N ALA C 179 47.08 -1.00 -22.83
CA ALA C 179 46.40 -0.03 -23.68
C ALA C 179 45.03 -0.55 -24.14
N THR C 180 44.97 -1.84 -24.49
CA THR C 180 43.69 -2.43 -24.87
C THR C 180 42.70 -2.39 -23.71
N PHE C 181 43.16 -2.71 -22.50
CA PHE C 181 42.28 -2.65 -21.34
C PHE C 181 41.77 -1.24 -21.09
N ILE C 182 42.66 -0.25 -21.18
CA ILE C 182 42.27 1.13 -20.95
C ILE C 182 41.25 1.58 -22.00
N LEU C 183 41.49 1.23 -23.26
CA LEU C 183 40.57 1.62 -24.33
C LEU C 183 39.21 0.96 -24.16
N ASN C 184 39.19 -0.32 -23.79
CA ASN C 184 37.92 -1.05 -23.73
C ASN C 184 37.10 -0.64 -22.51
N PHE C 185 37.73 -0.47 -21.36
CA PHE C 185 36.99 -0.32 -20.11
C PHE C 185 37.06 1.06 -19.49
N LYS C 186 38.16 1.78 -19.63
CA LYS C 186 38.33 3.04 -18.90
C LYS C 186 37.62 4.19 -19.60
N ARG C 187 38.03 4.52 -20.83
CA ARG C 187 37.50 5.69 -21.51
C ARG C 187 36.09 5.40 -22.05
N ARG C 188 35.17 6.33 -21.78
CA ARG C 188 33.79 6.19 -22.22
C ARG C 188 33.66 6.62 -23.68
N GLY C 189 32.43 6.57 -24.19
CA GLY C 189 32.19 6.87 -25.58
C GLY C 189 31.19 7.98 -25.82
N GLY C 190 30.32 7.80 -26.80
CA GLY C 190 29.38 8.84 -27.20
C GLY C 190 28.00 8.68 -26.61
N LEU C 191 27.04 8.26 -27.45
CA LEU C 191 25.65 8.16 -27.03
C LEU C 191 25.49 7.13 -25.91
N GLY C 192 24.74 7.50 -24.88
CA GLY C 192 24.48 6.64 -23.75
C GLY C 192 25.51 6.70 -22.65
N ASP C 193 26.69 7.28 -22.91
CA ASP C 193 27.77 7.38 -21.93
C ASP C 193 28.12 5.99 -21.36
N MET C 194 28.52 5.10 -22.27
CA MET C 194 28.88 3.74 -21.91
C MET C 194 30.26 3.40 -22.49
N CYS C 195 30.96 2.51 -21.79
CA CYS C 195 32.22 1.99 -22.29
C CYS C 195 31.96 1.11 -23.51
N PRO C 196 32.96 0.94 -24.39
CA PRO C 196 32.75 0.06 -25.55
C PRO C 196 32.34 -1.35 -25.19
N ALA C 197 32.92 -1.92 -24.12
CA ALA C 197 32.55 -3.27 -23.72
C ALA C 197 31.10 -3.33 -23.24
N GLU C 198 30.67 -2.33 -22.46
CA GLU C 198 29.29 -2.28 -22.01
C GLU C 198 28.33 -2.15 -23.17
N ALA C 199 28.66 -1.29 -24.14
CA ALA C 199 27.81 -1.14 -25.32
C ALA C 199 27.72 -2.44 -26.12
N LEU C 200 28.85 -3.12 -26.29
CA LEU C 200 28.85 -4.39 -27.03
C LEU C 200 28.00 -5.43 -26.31
N ILE C 201 28.13 -5.53 -24.98
CA ILE C 201 27.34 -6.49 -24.23
C ILE C 201 25.86 -6.17 -24.33
N ASN C 202 25.50 -4.89 -24.22
CA ASN C 202 24.10 -4.50 -24.33
C ASN C 202 23.53 -4.82 -25.71
N MET C 203 24.29 -4.53 -26.77
CA MET C 203 23.82 -4.83 -28.12
C MET C 203 23.65 -6.33 -28.32
N ILE C 204 24.61 -7.13 -27.85
CA ILE C 204 24.50 -8.57 -28.03
C ILE C 204 23.30 -9.12 -27.26
N TYR C 205 23.09 -8.64 -26.03
CA TYR C 205 21.94 -9.10 -25.26
C TYR C 205 20.63 -8.72 -25.92
N THR C 206 20.55 -7.49 -26.45
CA THR C 206 19.33 -7.08 -27.14
C THR C 206 19.08 -7.94 -28.38
N GLU C 207 20.14 -8.28 -29.13
CA GLU C 207 19.98 -9.09 -30.32
C GLU C 207 19.54 -10.52 -29.99
N LEU C 208 19.81 -11.00 -28.77
CA LEU C 208 19.53 -12.39 -28.40
C LEU C 208 18.19 -12.55 -27.68
N GLN C 209 17.20 -11.75 -28.02
CA GLN C 209 15.91 -11.82 -27.34
C GLN C 209 14.94 -12.78 -28.02
N THR C 210 14.90 -12.79 -29.35
CA THR C 210 13.96 -13.66 -30.06
C THR C 210 14.33 -15.14 -29.90
N THR C 211 15.62 -15.45 -29.95
CA THR C 211 16.05 -16.84 -29.88
C THR C 211 15.69 -17.48 -28.54
N THR C 212 15.86 -16.73 -27.45
CA THR C 212 15.48 -17.26 -26.14
C THR C 212 13.98 -17.49 -26.04
N LEU C 213 13.18 -16.60 -26.64
CA LEU C 213 11.74 -16.78 -26.65
C LEU C 213 11.36 -18.04 -27.42
N GLN C 214 11.98 -18.25 -28.59
CA GLN C 214 11.70 -19.46 -29.37
C GLN C 214 12.10 -20.71 -28.61
N ASN C 215 13.26 -20.67 -27.95
CA ASN C 215 13.71 -21.83 -27.18
C ASN C 215 12.76 -22.12 -26.02
N GLN C 216 12.28 -21.06 -25.34
CA GLN C 216 11.33 -21.26 -24.25
C GLN C 216 10.03 -21.87 -24.76
N ILE C 217 9.54 -21.40 -25.91
CA ILE C 217 8.32 -21.96 -26.47
C ILE C 217 8.51 -23.43 -26.81
N HIS C 218 9.64 -23.76 -27.44
CA HIS C 218 9.91 -25.15 -27.81
C HIS C 218 10.01 -26.03 -26.58
N ASN C 219 10.66 -25.55 -25.52
CA ASN C 219 10.79 -26.35 -24.30
C ASN C 219 9.45 -26.51 -23.61
N PHE C 220 8.64 -25.45 -23.55
CA PHE C 220 7.33 -25.54 -22.94
C PHE C 220 6.39 -26.46 -23.72
N SER C 221 6.65 -26.64 -25.02
CA SER C 221 5.85 -27.59 -25.80
C SER C 221 6.07 -29.04 -25.39
N ASP C 222 6.87 -29.31 -24.36
CA ASP C 222 7.19 -30.67 -23.94
C ASP C 222 6.50 -31.09 -22.65
N PHE C 223 6.32 -30.17 -21.70
CA PHE C 223 5.72 -30.52 -20.42
C PHE C 223 4.27 -30.96 -20.60
N LYS C 224 3.84 -31.88 -19.73
CA LYS C 224 2.46 -32.33 -19.69
C LYS C 224 1.87 -31.97 -18.34
N VAL C 225 0.56 -31.72 -18.32
CA VAL C 225 -0.12 -31.32 -17.09
C VAL C 225 -1.42 -32.11 -16.97
N TYR C 226 -1.66 -32.67 -15.78
CA TYR C 226 -2.90 -33.33 -15.45
C TYR C 226 -3.69 -32.44 -14.49
N TYR C 227 -4.95 -32.18 -14.85
CA TYR C 227 -5.76 -31.20 -14.15
C TYR C 227 -7.09 -31.81 -13.74
N ARG C 228 -7.67 -31.25 -12.68
CA ARG C 228 -8.97 -31.65 -12.18
C ARG C 228 -9.94 -30.48 -12.36
N LYS C 229 -11.07 -30.74 -13.03
CA LYS C 229 -12.04 -29.71 -13.35
C LYS C 229 -13.28 -29.88 -12.48
N GLY C 230 -13.68 -28.80 -11.80
CA GLY C 230 -14.87 -28.83 -10.99
C GLY C 230 -14.74 -29.75 -9.79
N ALA C 231 -15.86 -30.35 -9.39
CA ALA C 231 -15.91 -31.25 -8.26
C ALA C 231 -15.69 -32.71 -8.65
N ASN C 232 -15.51 -33.00 -9.93
CA ASN C 232 -15.27 -34.37 -10.37
C ASN C 232 -13.90 -34.83 -9.87
N PRO C 233 -13.81 -35.88 -9.06
CA PRO C 233 -12.50 -36.29 -8.53
C PRO C 233 -11.61 -36.95 -9.56
N LEU C 234 -12.14 -37.39 -10.70
CA LEU C 234 -11.33 -38.07 -11.70
C LEU C 234 -10.37 -37.10 -12.38
N TRP C 235 -9.12 -37.50 -12.49
CA TRP C 235 -8.12 -36.67 -13.17
C TRP C 235 -8.40 -36.62 -14.66
N GLN C 236 -7.90 -35.57 -15.31
CA GLN C 236 -8.08 -35.37 -16.74
C GLN C 236 -6.75 -34.98 -17.38
N GLY C 237 -6.63 -35.27 -18.67
CA GLY C 237 -5.44 -34.95 -19.41
C GLY C 237 -4.98 -36.09 -20.30
N PRO C 238 -3.75 -36.01 -20.80
CA PRO C 238 -2.77 -34.93 -20.63
C PRO C 238 -3.06 -33.73 -21.51
N ALA C 239 -2.59 -32.54 -21.13
CA ALA C 239 -2.83 -31.32 -21.88
C ALA C 239 -1.52 -30.54 -22.01
N HIS C 240 -1.47 -29.68 -23.01
CA HIS C 240 -0.29 -28.85 -23.23
C HIS C 240 -0.28 -27.69 -22.24
N LEU C 241 0.91 -27.36 -21.75
CA LEU C 241 1.09 -26.29 -20.79
C LEU C 241 1.32 -24.97 -21.52
N VAL C 242 0.62 -23.93 -21.09
CA VAL C 242 0.76 -22.58 -21.63
C VAL C 242 1.52 -21.68 -20.67
N TRP C 243 1.10 -21.64 -19.41
CA TRP C 243 1.79 -20.82 -18.42
C TRP C 243 1.55 -21.39 -17.03
N LYS C 244 2.55 -21.25 -16.17
CA LYS C 244 2.47 -21.69 -14.79
C LYS C 244 2.62 -20.49 -13.88
N GLY C 245 1.65 -20.27 -13.00
CA GLY C 245 1.64 -19.14 -12.10
C GLY C 245 1.74 -19.57 -10.65
N GLU C 246 1.93 -18.57 -9.78
CA GLU C 246 2.04 -18.86 -8.36
C GLU C 246 0.69 -19.27 -7.77
N GLY C 247 -0.41 -18.77 -8.32
CA GLY C 247 -1.72 -19.10 -7.81
C GLY C 247 -2.48 -20.11 -8.66
N ALA C 248 -2.37 -19.96 -9.99
CA ALA C 248 -3.10 -20.85 -10.90
C ALA C 248 -2.30 -20.99 -12.18
N VAL C 249 -2.60 -22.05 -12.92
CA VAL C 249 -1.93 -22.37 -14.17
C VAL C 249 -2.91 -22.23 -15.32
N VAL C 250 -2.39 -21.89 -16.49
CA VAL C 250 -3.19 -21.74 -17.70
C VAL C 250 -2.74 -22.80 -18.70
N LEU C 251 -3.69 -23.62 -19.15
CA LEU C 251 -3.42 -24.76 -20.01
C LEU C 251 -4.22 -24.64 -21.29
N ARG C 252 -3.73 -25.28 -22.34
CA ARG C 252 -4.42 -25.37 -23.63
C ARG C 252 -4.62 -26.85 -23.94
N THR C 253 -5.87 -27.29 -23.90
CA THR C 253 -6.17 -28.68 -24.18
C THR C 253 -6.01 -28.97 -25.68
N ASP C 254 -5.99 -30.26 -26.01
CA ASP C 254 -5.82 -30.66 -27.40
C ASP C 254 -6.95 -30.18 -28.29
N GLU C 255 -8.13 -29.90 -27.71
CA GLU C 255 -9.27 -29.43 -28.49
C GLU C 255 -9.24 -27.93 -28.75
N GLY C 256 -8.28 -27.21 -28.17
CA GLY C 256 -8.15 -25.79 -28.39
C GLY C 256 -8.64 -24.91 -27.25
N GLU C 257 -9.32 -25.48 -26.27
CA GLU C 257 -9.84 -24.69 -25.16
C GLU C 257 -8.70 -24.20 -24.27
N VAL C 258 -8.92 -23.05 -23.63
CA VAL C 258 -7.99 -22.48 -22.68
C VAL C 258 -8.62 -22.58 -21.30
N ILE C 259 -7.91 -23.21 -20.36
CA ILE C 259 -8.47 -23.54 -19.05
C ILE C 259 -7.54 -23.02 -17.97
N THR C 260 -8.09 -22.34 -16.97
CA THR C 260 -7.34 -21.91 -15.79
C THR C 260 -7.66 -22.86 -14.65
N VAL C 261 -6.62 -23.45 -14.06
CA VAL C 261 -6.75 -24.48 -13.04
C VAL C 261 -5.99 -24.02 -11.81
N PRO C 262 -6.58 -24.11 -10.62
CA PRO C 262 -5.83 -23.76 -9.40
C PRO C 262 -4.64 -24.69 -9.20
N ARG C 263 -3.62 -24.17 -8.52
CA ARG C 263 -2.37 -24.92 -8.35
C ARG C 263 -2.59 -26.24 -7.62
N ARG C 264 -3.53 -26.27 -6.67
CA ARG C 264 -3.79 -27.49 -5.91
C ARG C 264 -4.44 -28.59 -6.76
N LYS C 265 -4.92 -28.27 -7.96
CA LYS C 265 -5.58 -29.25 -8.81
C LYS C 265 -4.80 -29.57 -10.07
N ALA C 266 -3.54 -29.16 -10.16
CA ALA C 266 -2.72 -29.38 -11.35
C ALA C 266 -1.42 -30.06 -10.96
N LYS C 267 -1.02 -31.05 -11.76
CA LYS C 267 0.24 -31.76 -11.57
C LYS C 267 1.01 -31.76 -12.87
N ILE C 268 2.25 -31.28 -12.83
CA ILE C 268 3.07 -31.08 -14.02
C ILE C 268 4.14 -32.16 -14.06
N ILE C 269 4.23 -32.87 -15.18
CA ILE C 269 5.16 -33.98 -15.35
C ILE C 269 5.85 -33.82 -16.70
N LYS C 270 7.17 -34.04 -16.71
CA LYS C 270 7.95 -34.10 -17.95
C LYS C 270 8.43 -35.53 -18.15
N PRO C 271 7.85 -36.29 -19.07
CA PRO C 271 8.19 -37.72 -19.18
C PRO C 271 9.61 -37.94 -19.68
N TYR C 272 10.17 -39.08 -19.29
CA TYR C 272 11.49 -39.49 -19.74
C TYR C 272 11.48 -40.04 -21.17
N GLY C 273 10.30 -40.30 -21.74
CA GLY C 273 10.22 -40.96 -23.03
C GLY C 273 10.40 -40.03 -24.21
N GLN C 274 9.51 -40.16 -25.20
CA GLN C 274 9.59 -39.41 -26.45
C GLN C 274 10.94 -39.63 -27.13
N PHE D 1 12.40 -0.85 -0.83
CA PHE D 1 12.45 -2.11 -0.11
C PHE D 1 12.24 -1.90 1.40
N VAL D 2 11.25 -1.08 1.74
CA VAL D 2 10.98 -0.80 3.15
C VAL D 2 10.55 -2.06 3.88
N GLU D 3 9.68 -2.85 3.26
CA GLU D 3 9.19 -4.07 3.89
C GLU D 3 10.16 -5.24 3.76
N GLN D 4 11.23 -5.09 2.99
CA GLN D 4 12.19 -6.18 2.80
C GLN D 4 13.31 -6.17 3.84
N ILE D 5 13.61 -5.00 4.42
CA ILE D 5 14.70 -4.92 5.40
C ILE D 5 14.45 -5.79 6.63
N PRO D 6 13.28 -5.75 7.28
CA PRO D 6 13.09 -6.63 8.45
C PRO D 6 13.11 -8.11 8.11
N GLU D 7 12.30 -8.54 7.14
CA GLU D 7 12.16 -9.95 6.84
C GLU D 7 13.51 -10.58 6.50
N ALA D 8 14.29 -9.91 5.65
CA ALA D 8 15.61 -10.42 5.31
C ALA D 8 16.46 -10.59 6.56
N GLN D 9 16.43 -9.62 7.47
CA GLN D 9 17.15 -9.75 8.73
C GLN D 9 16.73 -11.02 9.46
N GLU D 10 15.42 -11.30 9.49
CA GLU D 10 14.93 -12.50 10.13
C GLU D 10 15.61 -13.74 9.57
N GLU D 11 15.83 -13.76 8.26
CA GLU D 11 16.51 -14.90 7.65
C GLU D 11 17.89 -15.11 8.27
N HIS D 12 18.65 -14.01 8.41
CA HIS D 12 19.98 -14.13 9.00
C HIS D 12 19.91 -14.60 10.45
N GLU D 13 18.77 -14.40 11.11
CA GLU D 13 18.63 -14.88 12.48
C GLU D 13 18.46 -16.40 12.52
N ARG D 14 17.87 -16.99 11.48
CA ARG D 14 17.52 -18.40 11.50
C ARG D 14 18.59 -19.26 10.82
N TYR D 15 18.84 -19.03 9.54
CA TYR D 15 19.77 -19.86 8.78
C TYR D 15 21.17 -19.27 8.68
N HIS D 16 21.36 -18.01 9.11
CA HIS D 16 22.65 -17.34 9.04
C HIS D 16 23.20 -17.33 7.61
N ASN D 17 22.45 -16.69 6.73
CA ASN D 17 22.85 -16.58 5.33
C ASN D 17 24.04 -15.63 5.20
N ASN D 18 24.54 -15.51 3.98
CA ASN D 18 25.62 -14.58 3.67
C ASN D 18 25.05 -13.33 3.00
N TRP D 19 25.86 -12.27 3.00
CA TRP D 19 25.43 -11.01 2.40
C TRP D 19 25.21 -11.15 0.90
N LYS D 20 26.04 -11.96 0.23
CA LYS D 20 25.83 -12.20 -1.20
C LYS D 20 24.49 -12.88 -1.45
N ASP D 21 24.14 -13.87 -0.62
CA ASP D 21 22.85 -14.52 -0.75
C ASP D 21 21.72 -13.53 -0.46
N LEU D 22 21.93 -12.62 0.49
CA LEU D 22 20.93 -11.60 0.79
C LEU D 22 20.69 -10.71 -0.43
N LYS D 23 21.76 -10.28 -1.09
CA LYS D 23 21.59 -9.48 -2.31
C LYS D 23 20.90 -10.29 -3.40
N ALA D 24 21.27 -11.56 -3.55
CA ALA D 24 20.70 -12.39 -4.61
C ALA D 24 19.20 -12.59 -4.42
N ARG D 25 18.77 -12.82 -3.19
CA ARG D 25 17.37 -13.13 -2.94
C ARG D 25 16.49 -11.89 -2.76
N PHE D 26 16.96 -10.90 -2.00
CA PHE D 26 16.14 -9.74 -1.65
C PHE D 26 16.46 -8.51 -2.48
N LYS D 27 17.41 -8.58 -3.41
CA LYS D 27 17.77 -7.46 -4.28
C LYS D 27 18.13 -6.22 -3.47
N LEU D 28 18.90 -6.40 -2.41
CA LEU D 28 19.29 -5.31 -1.54
C LEU D 28 20.69 -4.81 -1.89
N PRO D 29 20.99 -3.54 -1.59
CA PRO D 29 22.34 -3.03 -1.82
C PRO D 29 23.37 -3.72 -0.93
N THR D 30 24.62 -3.65 -1.37
CA THR D 30 25.70 -4.32 -0.65
C THR D 30 25.90 -3.72 0.74
N ILE D 31 25.72 -2.41 0.87
CA ILE D 31 26.00 -1.75 2.15
C ILE D 31 25.03 -2.22 3.22
N VAL D 32 23.74 -2.33 2.90
CA VAL D 32 22.77 -2.76 3.91
C VAL D 32 22.99 -4.22 4.29
N ALA D 33 23.38 -5.06 3.32
CA ALA D 33 23.68 -6.45 3.63
C ALA D 33 24.90 -6.55 4.53
N LYS D 34 25.93 -5.75 4.26
CA LYS D 34 27.12 -5.73 5.13
C LYS D 34 26.75 -5.27 6.54
N ALA D 35 25.90 -4.25 6.65
CA ALA D 35 25.45 -3.81 7.97
C ALA D 35 24.68 -4.92 8.67
N ILE D 36 23.84 -5.65 7.94
CA ILE D 36 23.05 -6.72 8.54
C ILE D 36 23.96 -7.82 9.09
N ILE D 37 24.94 -8.24 8.30
CA ILE D 37 25.81 -9.32 8.77
C ILE D 37 26.69 -8.84 9.91
N GLU D 38 27.15 -7.58 9.85
CA GLU D 38 27.98 -7.04 10.93
C GLU D 38 27.19 -6.94 12.24
N ALA D 39 25.90 -6.62 12.14
CA ALA D 39 25.08 -6.47 13.34
C ALA D 39 24.95 -7.77 14.13
N CYS D 40 25.08 -8.91 13.47
CA CYS D 40 24.95 -10.20 14.15
C CYS D 40 26.24 -10.51 14.91
N PRO D 41 26.19 -10.75 16.22
CA PRO D 41 27.41 -11.09 16.95
C PRO D 41 28.07 -12.36 16.48
N LYS D 42 27.29 -13.35 16.03
CA LYS D 42 27.87 -14.63 15.61
C LYS D 42 28.78 -14.46 14.39
N CYS D 43 28.37 -13.65 13.44
CA CYS D 43 29.12 -13.45 12.21
C CYS D 43 30.12 -12.30 12.40
N GLN D 44 31.35 -12.51 11.96
CA GLN D 44 32.39 -11.50 12.09
C GLN D 44 32.74 -10.90 10.73
N ALA D 56 30.48 -17.97 -7.52
CA ALA D 56 29.20 -17.97 -8.22
C ALA D 56 28.83 -16.57 -8.68
N ALA D 57 29.62 -15.58 -8.28
CA ALA D 57 29.36 -14.20 -8.65
C ALA D 57 29.66 -13.99 -10.14
N VAL D 58 29.44 -12.76 -10.60
CA VAL D 58 29.66 -12.43 -12.01
C VAL D 58 31.12 -12.20 -12.35
N GLY D 59 32.00 -12.09 -11.35
CA GLY D 59 33.38 -11.77 -11.60
C GLY D 59 34.37 -12.71 -10.94
N THR D 60 34.06 -13.99 -10.88
CA THR D 60 34.93 -15.00 -10.28
C THR D 60 35.45 -15.94 -11.36
N TRP D 61 36.77 -16.07 -11.45
CA TRP D 61 37.42 -16.91 -12.44
C TRP D 61 38.39 -17.86 -11.74
N GLN D 62 38.68 -18.97 -12.42
CA GLN D 62 39.62 -19.96 -11.91
C GLN D 62 40.57 -20.35 -13.03
N MET D 63 41.87 -20.24 -12.78
CA MET D 63 42.88 -20.45 -13.80
C MET D 63 43.75 -21.64 -13.43
N ASP D 64 44.02 -22.50 -14.42
CA ASP D 64 44.86 -23.67 -14.17
C ASP D 64 45.55 -24.09 -15.47
N CYS D 65 46.66 -24.80 -15.32
CA CYS D 65 47.48 -25.22 -16.45
C CYS D 65 47.34 -26.71 -16.69
N THR D 66 47.74 -27.13 -17.89
CA THR D 66 47.73 -28.53 -18.27
C THR D 66 48.78 -28.76 -19.35
N HIS D 67 49.11 -30.03 -19.58
CA HIS D 67 50.14 -30.41 -20.53
C HIS D 67 49.55 -31.35 -21.58
N LEU D 68 49.96 -31.17 -22.83
CA LEU D 68 49.44 -31.99 -23.92
C LEU D 68 50.46 -31.95 -25.05
N GLU D 69 50.97 -33.12 -25.45
CA GLU D 69 51.92 -33.25 -26.56
C GLU D 69 53.15 -32.36 -26.35
N GLY D 70 53.61 -32.28 -25.10
CA GLY D 70 54.76 -31.45 -24.80
C GLY D 70 54.51 -29.96 -24.88
N GLN D 71 53.25 -29.54 -24.82
CA GLN D 71 52.91 -28.12 -24.87
C GLN D 71 52.04 -27.78 -23.67
N VAL D 72 52.26 -26.60 -23.10
CA VAL D 72 51.54 -26.16 -21.92
C VAL D 72 50.37 -25.30 -22.35
N ILE D 73 49.18 -25.64 -21.87
CA ILE D 73 47.95 -24.92 -22.18
C ILE D 73 47.38 -24.39 -20.87
N CYS D 74 47.13 -23.09 -20.81
CA CYS D 74 46.54 -22.44 -19.65
C CYS D 74 45.09 -22.14 -19.95
N VAL D 75 44.21 -22.53 -19.02
CA VAL D 75 42.76 -22.40 -19.18
C VAL D 75 42.21 -21.59 -18.01
N ALA D 76 41.44 -20.56 -18.33
CA ALA D 76 40.72 -19.76 -17.35
C ALA D 76 39.22 -19.99 -17.54
N VAL D 77 38.54 -20.40 -16.47
CA VAL D 77 37.15 -20.82 -16.52
C VAL D 77 36.33 -19.94 -15.59
N HIS D 78 35.21 -19.43 -16.09
CA HIS D 78 34.22 -18.75 -15.28
C HIS D 78 33.37 -19.81 -14.58
N VAL D 79 33.38 -19.82 -13.26
CA VAL D 79 32.74 -20.91 -12.51
C VAL D 79 31.22 -20.86 -12.67
N ALA D 80 30.65 -19.65 -12.70
CA ALA D 80 29.20 -19.51 -12.65
C ALA D 80 28.51 -19.80 -13.99
N SER D 81 29.25 -19.87 -15.09
CA SER D 81 28.61 -20.08 -16.39
C SER D 81 29.24 -21.22 -17.17
N GLY D 82 30.52 -21.46 -16.98
CA GLY D 82 31.24 -22.46 -17.73
C GLY D 82 32.03 -21.94 -18.91
N TYR D 83 32.07 -20.63 -19.11
CA TYR D 83 32.87 -20.04 -20.18
C TYR D 83 34.35 -20.30 -19.93
N ILE D 84 35.08 -20.68 -20.97
CA ILE D 84 36.50 -20.99 -20.85
C ILE D 84 37.29 -20.18 -21.86
N GLU D 85 38.56 -19.95 -21.55
CA GLU D 85 39.50 -19.30 -22.44
C GLU D 85 40.84 -20.01 -22.33
N THR D 86 41.46 -20.32 -23.47
CA THR D 86 42.67 -21.12 -23.50
C THR D 86 43.79 -20.36 -24.20
N LYS D 87 45.02 -20.63 -23.77
CA LYS D 87 46.19 -20.06 -24.42
C LYS D 87 47.36 -21.02 -24.31
N ILE D 88 48.13 -21.15 -25.39
CA ILE D 88 49.31 -22.01 -25.41
C ILE D 88 50.49 -21.20 -24.91
N LEU D 89 50.95 -21.52 -23.71
CA LEU D 89 52.07 -20.80 -23.12
C LEU D 89 53.40 -21.38 -23.61
N PRO D 90 54.30 -20.57 -24.17
CA PRO D 90 55.60 -21.10 -24.58
C PRO D 90 56.38 -21.73 -23.44
N ARG D 91 56.29 -21.16 -22.24
CA ARG D 91 56.95 -21.70 -21.07
C ARG D 91 56.06 -21.51 -19.85
N GLU D 92 56.26 -22.34 -18.85
CA GLU D 92 55.50 -22.25 -17.60
C GLU D 92 56.23 -21.30 -16.64
N THR D 93 56.18 -20.02 -17.00
CA THR D 93 56.83 -18.96 -16.25
C THR D 93 55.79 -18.00 -15.68
N GLY D 94 56.21 -17.21 -14.69
CA GLY D 94 55.29 -16.26 -14.08
C GLY D 94 54.88 -15.15 -15.02
N ARG D 95 55.82 -14.67 -15.85
CA ARG D 95 55.51 -13.56 -16.74
C ARG D 95 54.46 -13.95 -17.78
N GLU D 96 54.56 -15.16 -18.33
CA GLU D 96 53.58 -15.60 -19.33
C GLU D 96 52.19 -15.70 -18.73
N THR D 97 52.08 -16.28 -17.53
CA THR D 97 50.77 -16.39 -16.88
C THR D 97 50.22 -15.02 -16.51
N ALA D 98 51.10 -14.10 -16.08
CA ALA D 98 50.65 -12.74 -15.79
C ALA D 98 50.14 -12.05 -17.05
N LEU D 99 50.83 -12.24 -18.17
CA LEU D 99 50.36 -11.67 -19.43
C LEU D 99 49.02 -12.26 -19.84
N PHE D 100 48.85 -13.57 -19.66
CA PHE D 100 47.57 -14.20 -19.98
C PHE D 100 46.45 -13.66 -19.11
N LEU D 101 46.72 -13.48 -17.81
CA LEU D 101 45.72 -12.91 -16.91
C LEU D 101 45.37 -11.48 -17.32
N LEU D 102 46.37 -10.70 -17.70
CA LEU D 102 46.12 -9.33 -18.16
C LEU D 102 45.26 -9.32 -19.41
N GLN D 103 45.54 -10.24 -20.34
CA GLN D 103 44.75 -10.31 -21.57
C GLN D 103 43.32 -10.72 -21.27
N VAL D 104 43.12 -11.67 -20.35
CA VAL D 104 41.77 -12.08 -19.99
C VAL D 104 41.02 -10.94 -19.32
N ALA D 105 41.70 -10.20 -18.45
CA ALA D 105 41.05 -9.09 -17.73
C ALA D 105 40.70 -7.93 -18.63
N SER D 106 41.29 -7.85 -19.82
CA SER D 106 41.01 -6.75 -20.73
C SER D 106 39.76 -6.99 -21.58
N ARG D 107 39.18 -8.18 -21.53
CA ARG D 107 37.98 -8.51 -22.28
C ARG D 107 36.74 -8.59 -21.40
N TRP D 108 36.79 -9.39 -20.34
CA TRP D 108 35.68 -9.58 -19.42
C TRP D 108 36.03 -8.99 -18.05
N PRO D 109 35.03 -8.52 -17.29
CA PRO D 109 35.32 -7.98 -15.96
C PRO D 109 35.73 -9.07 -14.99
N ILE D 110 36.85 -8.85 -14.31
CA ILE D 110 37.37 -9.78 -13.32
C ILE D 110 37.44 -9.07 -11.98
N GLU D 111 36.84 -9.68 -10.95
CA GLU D 111 36.87 -9.14 -9.60
C GLU D 111 37.39 -10.14 -8.58
N HIS D 112 37.73 -11.36 -9.00
CA HIS D 112 38.20 -12.39 -8.07
C HIS D 112 38.85 -13.50 -8.88
N LEU D 113 40.08 -13.84 -8.53
CA LEU D 113 40.83 -14.89 -9.21
C LEU D 113 41.29 -15.92 -8.20
N HIS D 114 41.10 -17.20 -8.52
CA HIS D 114 41.51 -18.30 -7.65
C HIS D 114 42.33 -19.28 -8.46
N THR D 115 43.41 -19.79 -7.85
CA THR D 115 44.30 -20.72 -8.52
C THR D 115 45.04 -21.54 -7.47
N ASP D 116 45.63 -22.65 -7.91
CA ASP D 116 46.35 -23.54 -7.02
C ASP D 116 47.65 -22.88 -6.56
N ASN D 117 48.44 -23.63 -5.80
CA ASN D 117 49.66 -23.13 -5.17
C ASN D 117 50.91 -23.38 -6.00
N GLY D 118 50.79 -23.41 -7.32
CA GLY D 118 51.92 -23.64 -8.19
C GLY D 118 52.94 -22.52 -8.10
N PRO D 119 54.20 -22.84 -8.44
CA PRO D 119 55.25 -21.82 -8.34
C PRO D 119 55.03 -20.60 -9.22
N ASN D 120 54.43 -20.78 -10.40
CA ASN D 120 54.23 -19.66 -11.31
C ASN D 120 53.16 -18.70 -10.80
N PHE D 121 52.15 -19.21 -10.10
CA PHE D 121 51.10 -18.36 -9.57
C PHE D 121 51.51 -17.61 -8.32
N VAL D 122 52.66 -17.93 -7.74
CA VAL D 122 53.14 -17.25 -6.53
C VAL D 122 54.20 -16.21 -6.86
N SER D 123 54.78 -16.24 -8.05
CA SER D 123 55.88 -15.34 -8.42
C SER D 123 55.44 -13.88 -8.33
N ALA D 124 56.44 -12.99 -8.34
CA ALA D 124 56.18 -11.57 -8.14
C ALA D 124 55.43 -10.94 -9.29
N GLU D 125 55.58 -11.49 -10.50
CA GLU D 125 54.89 -10.90 -11.66
C GLU D 125 53.38 -11.00 -11.51
N MET D 126 52.88 -12.16 -11.05
CA MET D 126 51.45 -12.32 -10.85
C MET D 126 50.93 -11.36 -9.79
N GLN D 127 51.67 -11.21 -8.69
CA GLN D 127 51.25 -10.27 -7.65
C GLN D 127 51.23 -8.84 -8.16
N ALA D 128 52.24 -8.46 -8.95
CA ALA D 128 52.27 -7.12 -9.51
C ALA D 128 51.10 -6.88 -10.45
N THR D 129 50.79 -7.86 -11.29
CA THR D 129 49.66 -7.72 -12.21
C THR D 129 48.34 -7.62 -11.44
N ALA D 130 48.16 -8.44 -10.41
CA ALA D 130 46.95 -8.40 -9.61
C ALA D 130 46.81 -7.06 -8.90
N TRP D 131 47.91 -6.53 -8.38
CA TRP D 131 47.88 -5.21 -7.75
C TRP D 131 47.53 -4.12 -8.76
N TRP D 132 48.10 -4.21 -9.97
CA TRP D 132 47.82 -3.22 -11.00
C TRP D 132 46.36 -3.24 -11.40
N LEU D 133 45.78 -4.44 -11.53
CA LEU D 133 44.40 -4.58 -11.97
C LEU D 133 43.39 -4.49 -10.83
N LYS D 134 43.86 -4.41 -9.58
CA LYS D 134 42.99 -4.36 -8.40
C LYS D 134 42.08 -5.60 -8.35
N ILE D 135 42.72 -6.76 -8.25
CA ILE D 135 42.04 -8.05 -8.26
C ILE D 135 42.33 -8.76 -6.94
N GLU D 136 41.28 -9.24 -6.28
CA GLU D 136 41.43 -10.01 -5.05
C GLU D 136 41.87 -11.42 -5.41
N HIS D 137 43.18 -11.65 -5.36
CA HIS D 137 43.77 -12.93 -5.75
C HIS D 137 44.01 -13.79 -4.52
N THR D 138 43.46 -15.00 -4.53
CA THR D 138 43.63 -15.96 -3.45
C THR D 138 44.14 -17.27 -4.03
N THR D 139 44.81 -18.06 -3.17
CA THR D 139 45.38 -19.33 -3.58
C THR D 139 45.15 -20.36 -2.49
N GLY D 140 45.17 -21.63 -2.89
CA GLY D 140 45.01 -22.73 -1.95
C GLY D 140 43.64 -23.35 -1.98
N VAL D 141 43.14 -23.75 -0.82
CA VAL D 141 41.80 -24.36 -0.73
C VAL D 141 40.76 -23.30 -1.06
N PRO D 142 39.80 -23.58 -1.93
CA PRO D 142 38.77 -22.58 -2.26
C PRO D 142 37.86 -22.34 -1.07
N TYR D 143 37.65 -21.05 -0.76
CA TYR D 143 36.79 -20.69 0.36
C TYR D 143 35.34 -21.09 0.10
N ASN D 144 34.88 -20.95 -1.13
CA ASN D 144 33.54 -21.40 -1.48
C ASN D 144 33.46 -22.92 -1.40
N PRO D 145 32.47 -23.48 -0.71
CA PRO D 145 32.40 -24.95 -0.59
C PRO D 145 32.29 -25.66 -1.93
N GLN D 146 31.57 -25.09 -2.88
CA GLN D 146 31.40 -25.69 -4.20
C GLN D 146 32.48 -25.18 -5.14
N SER D 147 32.33 -25.48 -6.44
CA SER D 147 33.27 -25.06 -7.48
C SER D 147 34.69 -25.56 -7.24
N GLN D 148 34.84 -26.63 -6.48
CA GLN D 148 36.16 -27.19 -6.19
C GLN D 148 36.69 -28.08 -7.30
N GLY D 149 35.87 -28.43 -8.28
CA GLY D 149 36.31 -29.32 -9.34
C GLY D 149 35.79 -28.95 -10.71
N SER D 150 35.31 -27.72 -10.86
CA SER D 150 34.81 -27.27 -12.16
C SER D 150 35.93 -27.19 -13.19
N VAL D 151 37.10 -26.69 -12.78
CA VAL D 151 38.20 -26.50 -13.72
C VAL D 151 38.73 -27.84 -14.19
N GLU D 152 38.80 -28.84 -13.31
CA GLU D 152 39.26 -30.16 -13.71
C GLU D 152 38.30 -30.79 -14.71
N ASN D 153 36.99 -30.66 -14.47
CA ASN D 153 36.02 -31.19 -15.41
C ASN D 153 36.09 -30.48 -16.75
N LYS D 154 36.28 -29.16 -16.73
CA LYS D 154 36.42 -28.42 -17.99
C LYS D 154 37.67 -28.85 -18.74
N ASN D 155 38.78 -29.08 -18.02
CA ASN D 155 40.00 -29.56 -18.67
C ASN D 155 39.78 -30.93 -19.29
N LYS D 156 39.10 -31.82 -18.57
CA LYS D 156 38.81 -33.15 -19.11
C LYS D 156 37.94 -33.05 -20.36
N GLN D 157 36.92 -32.18 -20.33
CA GLN D 157 36.06 -32.01 -21.49
C GLN D 157 36.83 -31.46 -22.68
N LEU D 158 37.71 -30.49 -22.43
CA LEU D 158 38.52 -29.94 -23.51
C LEU D 158 39.44 -30.98 -24.11
N LYS D 159 40.09 -31.78 -23.26
CA LYS D 159 40.94 -32.85 -23.76
C LYS D 159 40.15 -33.88 -24.54
N LYS D 160 38.90 -34.13 -24.14
CA LYS D 160 38.06 -35.07 -24.87
C LYS D 160 37.69 -34.53 -26.24
N THR D 161 37.28 -33.26 -26.31
CA THR D 161 36.81 -32.71 -27.59
C THR D 161 37.95 -32.37 -28.53
N ILE D 162 39.17 -32.16 -28.02
CA ILE D 162 40.28 -31.84 -28.91
C ILE D 162 40.66 -33.05 -29.76
N GLN D 163 40.42 -34.26 -29.27
CA GLN D 163 40.77 -35.46 -30.03
C GLN D 163 39.85 -35.65 -31.22
N GLN D 164 38.58 -35.26 -31.11
CA GLN D 164 37.66 -35.40 -32.22
C GLN D 164 38.02 -34.49 -33.39
N ILE D 165 38.79 -33.43 -33.14
CA ILE D 165 39.16 -32.49 -34.19
C ILE D 165 40.63 -32.58 -34.59
N ARG D 166 41.49 -33.18 -33.76
CA ARG D 166 42.92 -33.24 -34.07
C ARG D 166 43.21 -33.96 -35.37
N ASP D 167 42.34 -34.89 -35.80
CA ASP D 167 42.60 -35.65 -37.02
C ASP D 167 42.66 -34.74 -38.24
N GLU D 168 41.63 -33.92 -38.43
CA GLU D 168 41.56 -33.02 -39.59
C GLU D 168 42.12 -31.64 -39.26
N VAL D 169 43.33 -31.60 -38.72
CA VAL D 169 43.96 -30.34 -38.33
C VAL D 169 45.48 -30.56 -38.34
N GLN D 170 46.21 -29.53 -38.75
CA GLN D 170 47.67 -29.61 -38.84
C GLN D 170 48.35 -29.16 -37.56
N TYR D 171 48.08 -27.93 -37.13
CA TYR D 171 48.76 -27.33 -35.98
C TYR D 171 47.89 -27.46 -34.73
N LEU D 172 48.55 -27.64 -33.59
CA LEU D 172 47.84 -27.83 -32.33
C LEU D 172 47.07 -26.58 -31.92
N SER D 173 47.61 -25.40 -32.22
CA SER D 173 46.94 -24.16 -31.82
C SER D 173 45.57 -24.03 -32.51
N THR D 174 45.50 -24.39 -33.79
CA THR D 174 44.22 -24.36 -34.49
C THR D 174 43.23 -25.33 -33.85
N ALA D 175 43.69 -26.52 -33.48
CA ALA D 175 42.82 -27.48 -32.82
C ALA D 175 42.31 -26.94 -31.48
N VAL D 176 43.19 -26.29 -30.71
CA VAL D 176 42.79 -25.73 -29.42
C VAL D 176 41.75 -24.65 -29.63
N ALA D 177 41.97 -23.76 -30.60
CA ALA D 177 41.00 -22.70 -30.87
C ALA D 177 39.66 -23.27 -31.31
N GLN D 178 39.67 -24.27 -32.18
CA GLN D 178 38.42 -24.87 -32.64
C GLN D 178 37.70 -25.56 -31.48
N ALA D 179 38.43 -26.27 -30.62
CA ALA D 179 37.81 -26.92 -29.48
C ALA D 179 37.19 -25.90 -28.54
N THR D 180 37.89 -24.79 -28.28
CA THR D 180 37.33 -23.75 -27.43
C THR D 180 36.07 -23.15 -28.04
N PHE D 181 36.08 -22.91 -29.36
CA PHE D 181 34.90 -22.37 -30.02
C PHE D 181 33.72 -23.35 -29.91
N ILE D 182 33.98 -24.63 -30.12
CA ILE D 182 32.92 -25.64 -30.03
C ILE D 182 32.36 -25.70 -28.62
N LEU D 183 33.24 -25.70 -27.61
CA LEU D 183 32.77 -25.78 -26.23
C LEU D 183 31.97 -24.54 -25.84
N ASN D 184 32.41 -23.36 -26.28
CA ASN D 184 31.75 -22.13 -25.87
C ASN D 184 30.41 -21.93 -26.56
N PHE D 185 30.33 -22.21 -27.86
CA PHE D 185 29.15 -21.82 -28.64
C PHE D 185 28.29 -22.97 -29.13
N LYS D 186 28.88 -24.14 -29.38
CA LYS D 186 28.16 -25.22 -30.05
C LYS D 186 27.65 -26.29 -29.10
N ARG D 187 27.70 -26.06 -27.79
CA ARG D 187 27.19 -27.02 -26.82
C ARG D 187 26.27 -26.31 -25.84
N ARG D 188 25.16 -26.96 -25.49
CA ARG D 188 24.14 -26.39 -24.63
C ARG D 188 24.08 -27.14 -23.31
N GLY D 189 23.89 -26.39 -22.23
CA GLY D 189 23.84 -26.94 -20.90
C GLY D 189 22.43 -27.27 -20.45
N GLY D 190 22.28 -27.49 -19.15
CA GLY D 190 21.01 -27.86 -18.56
C GLY D 190 20.48 -26.80 -17.62
N LEU D 191 19.22 -26.99 -17.23
CA LEU D 191 18.50 -26.08 -16.33
C LEU D 191 18.48 -24.66 -16.90
N GLY D 192 17.88 -24.54 -18.08
CA GLY D 192 17.81 -23.26 -18.76
C GLY D 192 18.08 -23.38 -20.25
N ASP D 193 18.87 -24.39 -20.63
CA ASP D 193 19.22 -24.64 -22.03
C ASP D 193 19.90 -23.43 -22.66
N MET D 194 21.05 -23.06 -22.09
CA MET D 194 21.83 -21.94 -22.58
C MET D 194 23.29 -22.34 -22.69
N CYS D 195 23.91 -21.98 -23.81
CA CYS D 195 25.34 -22.19 -23.97
C CYS D 195 26.11 -21.23 -23.06
N PRO D 196 27.37 -21.56 -22.73
CA PRO D 196 28.10 -20.72 -21.76
C PRO D 196 28.17 -19.25 -22.13
N ALA D 197 28.35 -18.92 -23.40
CA ALA D 197 28.47 -17.52 -23.80
C ALA D 197 27.19 -16.75 -23.52
N GLU D 198 26.03 -17.34 -23.84
CA GLU D 198 24.76 -16.67 -23.59
C GLU D 198 24.53 -16.46 -22.10
N ALA D 199 24.84 -17.46 -21.29
CA ALA D 199 24.67 -17.32 -19.85
C ALA D 199 25.58 -16.24 -19.29
N LEU D 200 26.84 -16.21 -19.74
CA LEU D 200 27.78 -15.19 -19.28
C LEU D 200 27.29 -13.80 -19.66
N ILE D 201 26.83 -13.63 -20.90
CA ILE D 201 26.36 -12.32 -21.34
C ILE D 201 25.12 -11.89 -20.55
N ASN D 202 24.20 -12.82 -20.29
CA ASN D 202 23.01 -12.48 -19.50
C ASN D 202 23.38 -12.07 -18.09
N MET D 203 24.30 -12.81 -17.44
CA MET D 203 24.72 -12.44 -16.10
C MET D 203 25.39 -11.09 -16.08
N ILE D 204 26.26 -10.82 -17.06
CA ILE D 204 26.95 -9.54 -17.12
C ILE D 204 25.94 -8.40 -17.31
N TYR D 205 24.95 -8.60 -18.18
CA TYR D 205 23.94 -7.57 -18.40
C TYR D 205 23.14 -7.29 -17.13
N THR D 206 22.73 -8.36 -16.43
CA THR D 206 21.97 -8.16 -15.20
C THR D 206 22.80 -7.43 -14.14
N GLU D 207 24.07 -7.82 -14.00
CA GLU D 207 24.93 -7.13 -13.03
C GLU D 207 25.15 -5.68 -13.43
N LEU D 208 25.29 -5.41 -14.72
CA LEU D 208 25.45 -4.03 -15.17
C LEU D 208 24.23 -3.19 -14.84
N GLN D 209 23.03 -3.74 -15.07
CA GLN D 209 21.82 -3.01 -14.72
C GLN D 209 21.75 -2.75 -13.22
N THR D 210 22.07 -3.76 -12.41
CA THR D 210 22.01 -3.59 -10.96
C THR D 210 23.00 -2.54 -10.49
N THR D 211 24.24 -2.56 -11.01
CA THR D 211 25.24 -1.60 -10.60
C THR D 211 24.90 -0.20 -11.09
N THR D 212 24.30 -0.07 -12.28
CA THR D 212 23.85 1.23 -12.75
C THR D 212 22.77 1.79 -11.83
N LEU D 213 21.85 0.92 -11.37
CA LEU D 213 20.85 1.37 -10.42
C LEU D 213 21.47 1.77 -9.09
N GLN D 214 22.50 1.04 -8.65
CA GLN D 214 23.11 1.32 -7.35
C GLN D 214 23.90 2.63 -7.35
N ASN D 215 24.73 2.82 -8.38
CA ASN D 215 25.56 4.01 -8.60
C ASN D 215 26.72 4.09 -7.62
N GLN D 216 26.75 3.18 -6.63
CA GLN D 216 27.82 3.05 -5.65
C GLN D 216 28.08 4.44 -5.06
N ILE D 217 29.34 4.80 -4.82
CA ILE D 217 29.76 6.09 -4.28
C ILE D 217 28.94 6.44 -3.04
N HIS D 218 29.17 5.73 -1.94
CA HIS D 218 28.46 5.98 -0.68
C HIS D 218 29.25 6.89 0.24
N ASN D 219 30.44 6.44 0.69
CA ASN D 219 31.31 7.23 1.57
C ASN D 219 30.55 7.76 2.78
N PHE D 220 29.71 6.90 3.38
CA PHE D 220 28.85 7.33 4.48
C PHE D 220 29.63 7.58 5.76
N SER D 221 30.81 6.99 5.90
CA SER D 221 31.71 7.18 7.06
C SER D 221 30.94 6.81 8.34
N ASP D 222 31.23 7.49 9.44
CA ASP D 222 30.66 7.19 10.74
C ASP D 222 29.71 8.29 11.22
N PHE D 223 28.91 8.84 10.30
CA PHE D 223 27.98 9.89 10.66
C PHE D 223 26.97 9.39 11.69
N LYS D 224 26.75 10.19 12.73
CA LYS D 224 25.81 9.81 13.78
C LYS D 224 24.40 10.22 13.41
N VAL D 225 23.42 9.41 13.83
CA VAL D 225 22.01 9.65 13.51
C VAL D 225 21.20 9.56 14.80
N TYR D 226 20.34 10.54 15.02
CA TYR D 226 19.34 10.53 16.08
C TYR D 226 17.98 10.30 15.44
N TYR D 227 17.23 9.34 15.94
CA TYR D 227 15.99 8.90 15.32
C TYR D 227 14.84 8.92 16.32
N ARG D 228 13.64 9.14 15.81
CA ARG D 228 12.41 9.05 16.58
C ARG D 228 11.71 7.74 16.23
N LYS D 229 11.64 6.82 17.19
CA LYS D 229 11.09 5.50 16.97
C LYS D 229 9.72 5.39 17.64
N GLY D 230 8.75 4.85 16.91
CA GLY D 230 7.41 4.73 17.45
C GLY D 230 6.80 6.08 17.74
N ALA D 231 6.24 6.22 18.94
CA ALA D 231 5.59 7.45 19.37
C ALA D 231 6.38 8.17 20.46
N ASN D 232 7.58 7.72 20.77
CA ASN D 232 8.39 8.37 21.79
C ASN D 232 8.92 9.70 21.26
N PRO D 233 8.62 10.82 21.91
CA PRO D 233 9.04 12.12 21.38
C PRO D 233 10.52 12.40 21.56
N LEU D 234 11.11 11.83 22.61
CA LEU D 234 12.51 12.08 22.92
C LEU D 234 13.43 11.47 21.87
N TRP D 235 14.56 12.14 21.64
CA TRP D 235 15.55 11.63 20.71
C TRP D 235 16.14 10.32 21.22
N GLN D 236 16.46 9.43 20.28
CA GLN D 236 17.04 8.13 20.61
C GLN D 236 18.32 7.94 19.83
N GLY D 237 19.25 7.19 20.43
CA GLY D 237 20.52 6.91 19.81
C GLY D 237 21.69 7.16 20.74
N PRO D 238 22.84 7.54 20.19
CA PRO D 238 23.13 7.74 18.76
C PRO D 238 23.33 6.43 18.02
N ALA D 239 23.10 6.40 16.71
CA ALA D 239 23.22 5.18 15.92
C ALA D 239 24.00 5.46 14.65
N HIS D 240 24.69 4.42 14.17
CA HIS D 240 25.48 4.55 12.95
C HIS D 240 24.58 4.71 11.73
N LEU D 241 25.10 5.38 10.71
CA LEU D 241 24.38 5.61 9.48
C LEU D 241 24.76 4.53 8.46
N VAL D 242 23.75 3.90 7.88
CA VAL D 242 23.96 2.82 6.90
C VAL D 242 23.66 3.27 5.48
N TRP D 243 22.48 3.84 5.26
CA TRP D 243 22.07 4.24 3.91
C TRP D 243 21.25 5.52 3.98
N LYS D 244 21.61 6.48 3.14
CA LYS D 244 20.91 7.76 3.04
C LYS D 244 20.08 7.77 1.76
N GLY D 245 18.77 7.72 1.92
CA GLY D 245 17.86 7.78 0.78
C GLY D 245 16.93 8.96 0.87
N GLU D 246 16.42 9.43 -0.28
CA GLU D 246 15.55 10.60 -0.30
C GLU D 246 14.27 10.35 0.48
N GLY D 247 13.65 9.17 0.30
CA GLY D 247 12.41 8.88 0.98
C GLY D 247 12.57 8.41 2.41
N ALA D 248 13.65 7.68 2.70
CA ALA D 248 13.88 7.14 4.03
C ALA D 248 15.36 6.86 4.20
N VAL D 249 15.77 6.67 5.46
CA VAL D 249 17.15 6.40 5.81
C VAL D 249 17.22 5.10 6.59
N VAL D 250 18.20 4.26 6.26
CA VAL D 250 18.42 2.98 6.92
C VAL D 250 19.57 3.15 7.90
N LEU D 251 19.35 2.78 9.15
CA LEU D 251 20.34 2.95 10.20
C LEU D 251 20.46 1.67 11.02
N ARG D 252 21.58 1.54 11.72
CA ARG D 252 21.81 0.43 12.63
C ARG D 252 22.18 0.98 14.01
N THR D 253 21.63 0.38 15.05
CA THR D 253 21.90 0.81 16.41
C THR D 253 23.07 0.03 17.01
N ASP D 254 23.58 0.54 18.14
CA ASP D 254 24.66 -0.15 18.83
C ASP D 254 24.23 -1.51 19.36
N GLU D 255 22.94 -1.71 19.62
CA GLU D 255 22.47 -3.01 20.06
C GLU D 255 22.53 -4.04 18.94
N GLY D 256 22.27 -3.62 17.70
CA GLY D 256 22.34 -4.52 16.57
C GLY D 256 21.04 -4.66 15.78
N GLU D 257 20.21 -3.62 15.81
CA GLU D 257 18.94 -3.61 15.11
C GLU D 257 19.01 -2.65 13.93
N VAL D 258 18.58 -3.11 12.76
CA VAL D 258 18.56 -2.30 11.55
C VAL D 258 17.14 -1.79 11.34
N ILE D 259 16.98 -0.47 11.25
CA ILE D 259 15.67 0.17 11.17
C ILE D 259 15.69 1.19 10.05
N THR D 260 14.61 1.21 9.27
CA THR D 260 14.40 2.22 8.23
C THR D 260 13.39 3.24 8.75
N VAL D 261 13.78 4.52 8.75
CA VAL D 261 12.92 5.57 9.27
C VAL D 261 12.75 6.67 8.23
N PRO D 262 11.61 7.36 8.22
CA PRO D 262 11.47 8.52 7.32
C PRO D 262 12.41 9.64 7.70
N ARG D 263 12.76 10.45 6.70
CA ARG D 263 13.74 11.51 6.90
C ARG D 263 13.26 12.55 7.91
N ARG D 264 11.96 12.78 8.00
CA ARG D 264 11.43 13.84 8.85
C ARG D 264 11.73 13.61 10.32
N LYS D 265 12.00 12.38 10.74
CA LYS D 265 12.32 12.07 12.13
C LYS D 265 13.76 11.58 12.30
N ALA D 266 14.68 12.09 11.47
CA ALA D 266 16.08 11.72 11.55
C ALA D 266 16.95 12.97 11.52
N LYS D 267 17.86 13.09 12.47
CA LYS D 267 18.81 14.20 12.53
C LYS D 267 20.22 13.64 12.42
N ILE D 268 20.99 14.14 11.46
CA ILE D 268 22.30 13.59 11.13
C ILE D 268 23.37 14.59 11.59
N ILE D 269 24.31 14.10 12.39
CA ILE D 269 25.44 14.89 12.87
C ILE D 269 26.71 14.29 12.29
N LYS D 270 27.54 15.14 11.69
CA LYS D 270 28.77 14.69 11.05
C LYS D 270 29.91 14.60 12.07
N PHE F 1 44.35 24.75 -10.62
CA PHE F 1 43.99 25.30 -9.32
C PHE F 1 43.68 24.20 -8.32
N VAL F 2 43.95 22.96 -8.71
CA VAL F 2 43.69 21.82 -7.83
C VAL F 2 44.61 21.86 -6.62
N GLU F 3 45.85 22.29 -6.81
CA GLU F 3 46.81 22.36 -5.71
C GLU F 3 46.42 23.41 -4.68
N GLN F 4 45.62 24.41 -5.06
CA GLN F 4 45.22 25.46 -4.14
C GLN F 4 44.02 25.07 -3.29
N ILE F 5 43.37 23.94 -3.58
CA ILE F 5 42.22 23.53 -2.78
C ILE F 5 42.58 23.23 -1.33
N PRO F 6 43.64 22.47 -1.02
CA PRO F 6 44.01 22.29 0.39
C PRO F 6 44.33 23.59 1.10
N GLU F 7 45.01 24.53 0.42
CA GLU F 7 45.31 25.81 1.04
C GLU F 7 44.04 26.61 1.32
N ALA F 8 43.10 26.59 0.37
CA ALA F 8 41.83 27.28 0.58
C ALA F 8 41.06 26.67 1.74
N GLN F 9 41.05 25.34 1.83
CA GLN F 9 40.38 24.68 2.94
C GLN F 9 41.02 25.03 4.27
N GLU F 10 42.35 25.06 4.31
CA GLU F 10 43.05 25.42 5.55
C GLU F 10 42.74 26.86 5.95
N GLU F 11 42.73 27.78 4.98
CA GLU F 11 42.38 29.17 5.29
C GLU F 11 40.96 29.27 5.80
N HIS F 12 40.03 28.53 5.17
CA HIS F 12 38.64 28.59 5.60
C HIS F 12 38.46 28.03 7.01
N GLU F 13 39.13 26.92 7.33
CA GLU F 13 38.98 26.37 8.68
C GLU F 13 39.74 27.19 9.73
N ARG F 14 40.75 27.96 9.32
CA ARG F 14 41.39 28.89 10.26
C ARG F 14 40.42 29.99 10.67
N TYR F 15 39.96 30.78 9.69
CA TYR F 15 38.87 31.72 9.88
C TYR F 15 37.93 31.61 8.68
N HIS F 16 36.63 31.58 8.96
CA HIS F 16 35.64 31.39 7.91
C HIS F 16 35.60 32.60 6.99
N ASN F 17 35.58 32.33 5.68
CA ASN F 17 35.61 33.38 4.66
C ASN F 17 34.45 33.18 3.69
N ASN F 18 34.00 34.28 3.10
CA ASN F 18 32.96 34.22 2.09
C ASN F 18 33.48 33.57 0.82
N TRP F 19 32.55 32.98 0.06
CA TRP F 19 32.94 32.31 -1.18
C TRP F 19 33.47 33.29 -2.21
N LYS F 20 32.97 34.53 -2.21
CA LYS F 20 33.49 35.53 -3.13
C LYS F 20 34.96 35.83 -2.86
N ASP F 21 35.33 35.93 -1.57
CA ASP F 21 36.72 36.18 -1.22
C ASP F 21 37.61 35.02 -1.65
N LEU F 22 37.16 33.79 -1.44
CA LEU F 22 37.94 32.63 -1.87
C LEU F 22 38.10 32.61 -3.39
N LYS F 23 37.03 32.93 -4.11
CA LYS F 23 37.12 32.98 -5.57
C LYS F 23 38.10 34.07 -6.02
N ALA F 24 38.10 35.21 -5.34
CA ALA F 24 38.96 36.31 -5.74
C ALA F 24 40.43 36.05 -5.41
N ARG F 25 40.70 35.38 -4.29
CA ARG F 25 42.08 35.22 -3.84
C ARG F 25 42.82 34.16 -4.66
N PHE F 26 42.34 32.92 -4.63
CA PHE F 26 43.02 31.80 -5.27
C PHE F 26 42.59 31.58 -6.72
N LYS F 27 41.77 32.49 -7.27
CA LYS F 27 41.35 32.43 -8.66
C LYS F 27 40.61 31.13 -8.99
N LEU F 28 39.95 30.55 -8.00
CA LEU F 28 39.16 29.35 -8.26
C LEU F 28 37.89 29.71 -9.02
N PRO F 29 37.38 28.80 -9.85
CA PRO F 29 36.05 29.01 -10.44
C PRO F 29 34.98 29.08 -9.37
N THR F 30 33.80 29.55 -9.80
CA THR F 30 32.70 29.77 -8.84
C THR F 30 32.22 28.46 -8.23
N ILE F 31 32.12 27.40 -9.04
CA ILE F 31 31.50 26.16 -8.56
C ILE F 31 32.37 25.50 -7.49
N VAL F 32 33.69 25.49 -7.68
CA VAL F 32 34.56 24.83 -6.70
C VAL F 32 34.58 25.60 -5.40
N ALA F 33 34.61 26.94 -5.47
CA ALA F 33 34.56 27.75 -4.25
C ALA F 33 33.24 27.56 -3.52
N LYS F 34 32.13 27.49 -4.27
CA LYS F 34 30.84 27.22 -3.66
C LYS F 34 30.82 25.83 -3.01
N ALA F 35 31.51 24.86 -3.62
CA ALA F 35 31.63 23.55 -3.00
C ALA F 35 32.44 23.60 -1.71
N ILE F 36 33.52 24.38 -1.70
CA ILE F 36 34.36 24.49 -0.50
C ILE F 36 33.56 25.09 0.65
N ILE F 37 32.85 26.20 0.39
CA ILE F 37 32.04 26.77 1.47
C ILE F 37 30.88 25.85 1.80
N GLU F 38 30.43 25.06 0.82
CA GLU F 38 29.33 24.13 1.03
C GLU F 38 29.67 23.08 2.08
N ALA F 39 30.90 22.56 2.05
CA ALA F 39 31.31 21.53 3.00
C ALA F 39 31.77 22.13 4.32
N CYS F 40 30.93 22.97 4.93
CA CYS F 40 31.22 23.56 6.23
C CYS F 40 29.98 23.45 7.11
N PRO F 41 30.08 22.83 8.29
CA PRO F 41 28.89 22.69 9.14
C PRO F 41 28.34 24.01 9.66
N LYS F 42 29.16 25.06 9.72
CA LYS F 42 28.69 26.34 10.25
C LYS F 42 28.80 27.45 9.21
N CYS F 43 28.43 27.16 7.96
CA CYS F 43 28.40 28.16 6.91
C CYS F 43 27.18 27.94 6.04
N GLN F 44 26.73 29.02 5.40
CA GLN F 44 25.56 29.00 4.54
C GLN F 44 25.94 29.55 3.17
N VAL F 45 24.97 29.56 2.26
CA VAL F 45 25.19 30.00 0.89
C VAL F 45 24.23 31.13 0.56
N GLN F 46 23.85 31.91 1.59
CA GLN F 46 22.91 33.01 1.40
C GLN F 46 23.43 34.00 0.36
N GLY F 47 24.56 34.65 0.65
CA GLY F 47 25.12 35.63 -0.27
C GLY F 47 24.23 36.81 -0.53
N GLU F 48 23.59 37.33 0.51
CA GLU F 48 22.70 38.48 0.37
C GLU F 48 23.40 39.77 0.81
N PHE G 1 -29.84 39.09 -12.59
CA PHE G 1 -30.70 39.16 -11.41
C PHE G 1 -31.52 40.44 -11.39
N VAL G 2 -31.47 41.19 -12.51
CA VAL G 2 -32.21 42.44 -12.59
C VAL G 2 -33.71 42.19 -12.52
N GLU G 3 -34.19 41.16 -13.22
CA GLU G 3 -35.61 40.83 -13.21
C GLU G 3 -36.01 39.98 -12.02
N GLN G 4 -35.04 39.47 -11.25
CA GLN G 4 -35.33 38.66 -10.07
C GLN G 4 -35.70 39.49 -8.85
N ILE G 5 -35.43 40.80 -8.88
CA ILE G 5 -35.68 41.62 -7.69
C ILE G 5 -37.16 41.71 -7.33
N PRO G 6 -38.09 41.95 -8.27
CA PRO G 6 -39.51 41.93 -7.88
C PRO G 6 -39.96 40.59 -7.33
N GLU G 7 -39.46 39.49 -7.89
CA GLU G 7 -39.81 38.17 -7.37
C GLU G 7 -39.29 37.98 -5.95
N ALA G 8 -38.05 38.42 -5.68
CA ALA G 8 -37.53 38.33 -4.33
C ALA G 8 -38.34 39.20 -3.36
N GLN G 9 -38.73 40.39 -3.81
N GLN G 9 -38.73 40.39 -3.81
CA GLN G 9 -39.51 41.27 -2.95
CA GLN G 9 -39.50 41.27 -2.94
C GLN G 9 -40.86 40.66 -2.60
C GLN G 9 -40.86 40.66 -2.60
N GLU G 10 -41.54 40.08 -3.60
CA GLU G 10 -42.82 39.45 -3.32
C GLU G 10 -42.65 38.20 -2.45
N GLU G 11 -41.55 37.46 -2.65
CA GLU G 11 -41.28 36.31 -1.81
C GLU G 11 -41.10 36.71 -0.35
N HIS G 12 -40.37 37.80 -0.10
CA HIS G 12 -40.22 38.26 1.27
C HIS G 12 -41.53 38.80 1.82
N GLU G 13 -42.30 39.52 1.00
CA GLU G 13 -43.58 40.02 1.48
C GLU G 13 -44.55 38.90 1.81
N ARG G 14 -44.35 37.72 1.23
CA ARG G 14 -45.20 36.57 1.55
C ARG G 14 -44.67 35.79 2.77
N TYR G 15 -43.41 35.34 2.72
CA TYR G 15 -42.89 34.42 3.72
C TYR G 15 -41.98 35.05 4.75
N HIS G 16 -41.52 36.28 4.53
CA HIS G 16 -40.59 36.98 5.43
C HIS G 16 -39.31 36.17 5.63
N ASN G 17 -38.57 36.01 4.54
CA ASN G 17 -37.28 35.33 4.58
C ASN G 17 -36.23 36.23 5.19
N ASN G 18 -35.03 35.68 5.37
CA ASN G 18 -33.86 36.45 5.78
C ASN G 18 -32.91 36.59 4.60
N TRP G 19 -31.97 37.54 4.73
CA TRP G 19 -31.14 37.90 3.59
C TRP G 19 -30.24 36.77 3.14
N LYS G 20 -29.79 35.91 4.06
CA LYS G 20 -28.96 34.78 3.67
C LYS G 20 -29.71 33.75 2.84
N ASP G 21 -31.04 33.79 2.87
CA ASP G 21 -31.83 32.91 2.01
C ASP G 21 -32.24 33.61 0.71
N LEU G 22 -32.51 34.91 0.77
CA LEU G 22 -32.81 35.65 -0.45
C LEU G 22 -31.61 35.68 -1.39
N LYS G 23 -30.41 35.87 -0.83
CA LYS G 23 -29.21 35.92 -1.66
C LYS G 23 -28.81 34.56 -2.22
N ALA G 24 -29.43 33.47 -1.73
CA ALA G 24 -29.11 32.13 -2.21
C ALA G 24 -30.23 31.50 -3.03
N ARG G 25 -31.45 32.02 -2.94
CA ARG G 25 -32.56 31.48 -3.72
C ARG G 25 -32.72 32.17 -5.07
N PHE G 26 -32.44 33.47 -5.14
CA PHE G 26 -32.54 34.23 -6.38
C PHE G 26 -31.17 34.66 -6.92
N LYS G 27 -30.09 34.24 -6.29
CA LYS G 27 -28.71 34.47 -6.73
C LYS G 27 -28.34 35.95 -6.77
N LEU G 28 -29.14 36.83 -6.15
CA LEU G 28 -28.78 38.24 -6.11
C LEU G 28 -27.69 38.46 -5.05
N PRO G 29 -26.86 39.51 -5.23
CA PRO G 29 -25.72 39.70 -4.31
C PRO G 29 -26.13 40.03 -2.88
N THR G 30 -25.12 40.12 -2.00
CA THR G 30 -25.38 40.24 -0.57
C THR G 30 -26.05 41.55 -0.21
N ILE G 31 -25.51 42.67 -0.69
CA ILE G 31 -25.98 43.96 -0.22
C ILE G 31 -27.38 44.25 -0.77
N VAL G 32 -27.72 43.74 -1.94
CA VAL G 32 -29.08 43.86 -2.44
C VAL G 32 -30.05 43.12 -1.54
N ALA G 33 -29.66 41.93 -1.08
CA ALA G 33 -30.50 41.18 -0.14
C ALA G 33 -30.67 41.94 1.17
N LYS G 34 -29.58 42.52 1.67
CA LYS G 34 -29.69 43.31 2.91
C LYS G 34 -30.61 44.52 2.72
N ALA G 35 -30.51 45.18 1.58
CA ALA G 35 -31.38 46.32 1.29
C ALA G 35 -32.84 45.89 1.21
N ILE G 36 -33.11 44.75 0.58
CA ILE G 36 -34.47 44.23 0.52
C ILE G 36 -35.00 43.94 1.91
N ILE G 37 -34.16 43.33 2.77
CA ILE G 37 -34.58 43.01 4.12
C ILE G 37 -34.88 44.29 4.91
N GLU G 38 -34.01 45.29 4.80
CA GLU G 38 -34.16 46.51 5.59
C GLU G 38 -35.26 47.43 5.07
N ALA G 39 -35.79 47.18 3.87
CA ALA G 39 -36.92 47.95 3.37
C ALA G 39 -38.25 47.47 3.93
N CYS G 40 -38.26 46.37 4.66
CA CYS G 40 -39.48 45.81 5.23
C CYS G 40 -39.80 46.50 6.56
N PRO G 41 -41.00 47.03 6.74
CA PRO G 41 -41.33 47.72 8.00
C PRO G 41 -41.30 46.82 9.22
N LYS G 42 -41.43 45.50 9.06
CA LYS G 42 -41.49 44.60 10.21
C LYS G 42 -40.14 44.01 10.55
N CYS G 43 -39.35 43.58 9.55
CA CYS G 43 -38.07 42.94 9.83
C CYS G 43 -37.09 43.93 10.47
N GLN G 44 -37.06 45.17 10.00
CA GLN G 44 -36.15 46.16 10.55
C GLN G 44 -36.53 46.55 11.96
N THR G 54 -24.91 46.02 17.67
CA THR G 54 -24.47 45.22 18.82
C THR G 54 -25.65 44.49 19.45
N ASN G 55 -25.55 43.16 19.53
CA ASN G 55 -26.58 42.34 20.12
C ASN G 55 -26.38 42.10 21.61
N ALA G 56 -25.28 42.61 22.18
CA ALA G 56 -24.97 42.48 23.61
C ALA G 56 -24.87 41.03 24.06
N ALA G 57 -24.62 40.11 23.12
CA ALA G 57 -24.44 38.70 23.45
C ALA G 57 -23.09 38.15 23.00
N VAL G 58 -22.31 38.93 22.25
CA VAL G 58 -21.00 38.46 21.80
C VAL G 58 -19.89 38.82 22.79
N GLY G 59 -20.03 39.94 23.49
CA GLY G 59 -18.99 40.40 24.39
C GLY G 59 -19.35 40.36 25.85
N THR G 60 -20.02 39.30 26.29
CA THR G 60 -20.38 39.11 27.69
C THR G 60 -19.55 37.98 28.27
N TRP G 61 -18.78 38.28 29.31
CA TRP G 61 -17.92 37.30 29.96
C TRP G 61 -18.19 37.32 31.47
N GLN G 62 -18.03 36.16 32.09
CA GLN G 62 -18.19 36.02 33.53
C GLN G 62 -16.91 35.44 34.13
N MET G 63 -16.41 36.09 35.17
CA MET G 63 -15.14 35.72 35.79
C MET G 63 -15.38 35.18 37.19
N ASP G 64 -14.63 34.13 37.55
CA ASP G 64 -14.76 33.51 38.85
C ASP G 64 -13.39 32.99 39.30
N CYS G 65 -13.28 32.71 40.59
CA CYS G 65 -12.06 32.19 41.19
C CYS G 65 -12.37 30.93 41.97
N THR G 66 -11.46 29.96 41.89
CA THR G 66 -11.63 28.69 42.58
C THR G 66 -10.31 28.30 43.25
N HIS G 67 -10.42 27.44 44.26
CA HIS G 67 -9.28 26.97 45.03
C HIS G 67 -9.05 25.49 44.74
N LEU G 68 -7.79 25.14 44.49
CA LEU G 68 -7.44 23.75 44.20
C LEU G 68 -5.99 23.52 44.61
N GLU G 69 -5.77 22.52 45.48
CA GLU G 69 -4.44 22.18 45.99
C GLU G 69 -3.75 23.36 46.66
N GLY G 70 -4.53 24.25 47.28
CA GLY G 70 -3.99 25.42 47.91
C GLY G 70 -3.67 26.57 46.99
N GLN G 71 -3.90 26.41 45.68
CA GLN G 71 -3.65 27.45 44.70
C GLN G 71 -4.96 28.04 44.21
N VAL G 72 -4.87 29.21 43.60
CA VAL G 72 -6.04 29.96 43.12
C VAL G 72 -6.03 29.95 41.61
N ILE G 73 -7.15 29.54 41.01
CA ILE G 73 -7.32 29.51 39.56
C ILE G 73 -8.45 30.45 39.20
N CYS G 74 -8.19 31.38 38.29
CA CYS G 74 -9.19 32.32 37.80
C CYS G 74 -9.66 31.87 36.43
N VAL G 75 -10.98 31.77 36.27
CA VAL G 75 -11.60 31.27 35.04
C VAL G 75 -12.54 32.33 34.51
N ALA G 76 -12.38 32.68 33.25
CA ALA G 76 -13.28 33.59 32.54
C ALA G 76 -14.02 32.79 31.47
N VAL G 77 -15.34 32.82 31.52
CA VAL G 77 -16.19 32.01 30.66
C VAL G 77 -17.06 32.93 29.82
N HIS G 78 -17.08 32.67 28.51
CA HIS G 78 -18.03 33.35 27.64
C HIS G 78 -19.42 32.79 27.90
N VAL G 79 -20.40 33.69 28.05
CA VAL G 79 -21.76 33.27 28.36
C VAL G 79 -22.31 32.42 27.23
N ALA G 80 -22.18 32.88 26.00
CA ALA G 80 -22.51 32.07 24.84
C ALA G 80 -21.41 31.02 24.62
N SER G 81 -21.73 30.04 23.78
CA SER G 81 -20.84 28.89 23.54
C SER G 81 -20.29 28.33 24.83
N GLY G 82 -19.03 27.90 24.82
CA GLY G 82 -18.41 27.35 26.01
C GLY G 82 -16.95 27.70 26.16
N TYR G 83 -16.51 28.73 25.44
CA TYR G 83 -15.11 29.13 25.49
C TYR G 83 -14.73 29.59 26.90
N ILE G 84 -13.61 29.09 27.40
CA ILE G 84 -13.11 29.44 28.72
C ILE G 84 -11.62 29.78 28.63
N GLU G 85 -11.17 30.61 29.56
CA GLU G 85 -9.76 30.96 29.70
C GLU G 85 -9.39 30.89 31.17
N THR G 86 -8.30 30.20 31.49
CA THR G 86 -7.92 29.95 32.86
C THR G 86 -6.49 30.43 33.11
N LYS G 87 -6.24 30.88 34.33
CA LYS G 87 -4.90 31.29 34.73
C LYS G 87 -4.71 31.05 36.22
N ILE G 88 -3.52 30.55 36.58
CA ILE G 88 -3.20 30.32 37.98
C ILE G 88 -2.66 31.64 38.56
N LEU G 89 -3.40 32.21 39.51
CA LEU G 89 -3.01 33.47 40.12
C LEU G 89 -2.06 33.21 41.27
N PRO G 90 -0.86 33.80 41.29
CA PRO G 90 0.05 33.60 42.43
C PRO G 90 -0.54 34.07 43.75
N ARG G 91 -1.33 35.14 43.74
CA ARG G 91 -1.92 35.69 44.95
C ARG G 91 -3.30 36.23 44.63
N GLU G 92 -4.26 35.98 45.53
CA GLU G 92 -5.63 36.44 45.37
C GLU G 92 -5.70 37.92 45.74
N THR G 93 -5.32 38.76 44.79
CA THR G 93 -5.31 40.20 44.98
C THR G 93 -5.92 40.88 43.77
N GLY G 94 -6.40 42.11 43.97
CA GLY G 94 -7.07 42.83 42.91
C GLY G 94 -6.18 43.12 41.71
N ARG G 95 -4.88 43.33 41.95
CA ARG G 95 -3.97 43.64 40.86
C ARG G 95 -3.87 42.47 39.87
N GLU G 96 -3.77 41.25 40.37
CA GLU G 96 -3.71 40.09 39.50
C GLU G 96 -5.00 39.92 38.71
N THR G 97 -6.15 40.15 39.36
CA THR G 97 -7.43 40.08 38.67
C THR G 97 -7.51 41.12 37.55
N ALA G 98 -7.06 42.35 37.83
CA ALA G 98 -7.06 43.38 36.80
C ALA G 98 -6.14 43.02 35.64
N LEU G 99 -4.96 42.47 35.96
CA LEU G 99 -4.05 42.06 34.90
C LEU G 99 -4.65 40.95 34.04
N PHE G 100 -5.31 39.97 34.67
CA PHE G 100 -5.94 38.90 33.91
C PHE G 100 -7.07 39.44 33.04
N LEU G 101 -7.86 40.37 33.57
CA LEU G 101 -8.92 40.98 32.76
C LEU G 101 -8.34 41.73 31.57
N LEU G 102 -7.25 42.46 31.79
CA LEU G 102 -6.60 43.17 30.70
C LEU G 102 -6.09 42.21 29.63
N GLN G 103 -5.50 41.08 30.06
CA GLN G 103 -5.03 40.09 29.10
C GLN G 103 -6.19 39.49 28.31
N VAL G 104 -7.30 39.18 28.99
CA VAL G 104 -8.47 38.63 28.30
C VAL G 104 -9.01 39.63 27.29
N ALA G 105 -9.07 40.91 27.67
CA ALA G 105 -9.54 41.94 26.77
C ALA G 105 -8.62 42.10 25.57
N SER G 106 -7.31 42.01 25.79
CA SER G 106 -6.36 42.11 24.69
C SER G 106 -6.40 40.90 23.78
N ARG G 107 -6.86 39.75 24.28
CA ARG G 107 -6.95 38.56 23.44
C ARG G 107 -8.24 38.55 22.63
N TRP G 108 -9.39 38.72 23.28
CA TRP G 108 -10.69 38.66 22.64
C TRP G 108 -11.48 39.92 22.93
N PRO G 109 -12.39 40.31 22.03
CA PRO G 109 -13.25 41.47 22.31
C PRO G 109 -14.14 41.21 23.52
N ILE G 110 -14.39 42.27 24.28
CA ILE G 110 -15.22 42.18 25.49
C ILE G 110 -15.89 43.53 25.71
N GLU G 111 -17.14 43.49 26.14
CA GLU G 111 -17.90 44.70 26.43
C GLU G 111 -18.54 44.69 27.80
N HIS G 112 -19.01 43.54 28.29
CA HIS G 112 -19.63 43.42 29.59
C HIS G 112 -18.82 42.47 30.46
N LEU G 113 -19.08 42.52 31.77
CA LEU G 113 -18.40 41.64 32.71
C LEU G 113 -19.31 41.42 33.91
N HIS G 114 -19.44 40.16 34.32
CA HIS G 114 -20.29 39.78 35.45
C HIS G 114 -19.42 39.03 36.47
N THR G 115 -19.14 39.68 37.59
CA THR G 115 -18.37 39.09 38.67
C THR G 115 -19.16 39.19 39.97
N ASP G 116 -18.73 38.41 40.96
CA ASP G 116 -19.39 38.41 42.26
C ASP G 116 -18.93 39.63 43.06
N ASN G 117 -19.34 39.70 44.33
CA ASN G 117 -19.03 40.83 45.19
C ASN G 117 -17.76 40.62 46.03
N GLY G 118 -16.80 39.86 45.52
CA GLY G 118 -15.58 39.60 46.24
C GLY G 118 -14.76 40.86 46.44
N PRO G 119 -13.93 40.87 47.49
CA PRO G 119 -13.12 42.06 47.76
C PRO G 119 -12.18 42.44 46.62
N ASN G 120 -11.63 41.46 45.91
CA ASN G 120 -10.71 41.76 44.82
C ASN G 120 -11.42 42.25 43.58
N PHE G 121 -12.66 41.83 43.36
CA PHE G 121 -13.40 42.25 42.17
C PHE G 121 -13.93 43.68 42.27
N VAL G 122 -14.02 44.23 43.49
CA VAL G 122 -14.52 45.58 43.69
C VAL G 122 -13.40 46.54 44.06
N SER G 123 -12.15 46.15 43.83
CA SER G 123 -11.02 46.99 44.19
C SER G 123 -10.88 48.14 43.20
N ALA G 124 -10.03 49.10 43.57
CA ALA G 124 -9.83 50.28 42.73
C ALA G 124 -9.11 49.94 41.43
N GLU G 125 -8.20 48.95 41.46
CA GLU G 125 -7.46 48.59 40.26
C GLU G 125 -8.40 48.04 39.18
N MET G 126 -9.36 47.21 39.58
CA MET G 126 -10.32 46.67 38.61
C MET G 126 -11.15 47.79 38.00
N GLN G 127 -11.59 48.75 38.82
CA GLN G 127 -12.35 49.88 38.30
C GLN G 127 -11.52 50.71 37.33
N ALA G 128 -10.24 50.94 37.67
CA ALA G 128 -9.38 51.70 36.78
C ALA G 128 -9.17 50.98 35.44
N THR G 129 -8.97 49.66 35.49
CA THR G 129 -8.81 48.89 34.26
C THR G 129 -10.08 48.93 33.42
N ALA G 130 -11.25 48.79 34.06
CA ALA G 130 -12.50 48.84 33.33
C ALA G 130 -12.72 50.21 32.69
N TRP G 131 -12.37 51.28 33.42
CA TRP G 131 -12.51 52.63 32.86
C TRP G 131 -11.56 52.83 31.68
N TRP G 132 -10.33 52.33 31.80
CA TRP G 132 -9.37 52.47 30.70
C TRP G 132 -9.83 51.70 29.47
N LEU G 133 -10.39 50.51 29.66
CA LEU G 133 -10.82 49.65 28.56
C LEU G 133 -12.21 49.97 28.05
N LYS G 134 -12.93 50.90 28.70
CA LYS G 134 -14.31 51.23 28.36
C LYS G 134 -15.19 49.99 28.43
N ILE G 135 -15.28 49.40 29.62
CA ILE G 135 -16.03 48.18 29.87
C ILE G 135 -17.06 48.46 30.94
N GLU G 136 -18.31 48.09 30.67
CA GLU G 136 -19.38 48.20 31.66
C GLU G 136 -19.31 47.00 32.58
N HIS G 137 -19.00 47.23 33.85
CA HIS G 137 -18.80 46.17 34.84
C HIS G 137 -19.92 46.24 35.88
N THR G 138 -20.61 45.12 36.07
CA THR G 138 -21.69 45.02 37.04
C THR G 138 -21.43 43.84 37.96
N THR G 139 -21.66 44.05 39.25
CA THR G 139 -21.47 43.01 40.26
C THR G 139 -22.76 42.83 41.05
N GLY G 140 -23.09 41.58 41.33
CA GLY G 140 -24.29 41.25 42.06
C GLY G 140 -24.96 40.03 41.46
N VAL G 141 -26.25 39.90 41.73
CA VAL G 141 -27.06 38.78 41.25
C VAL G 141 -27.81 39.24 40.00
N PRO G 142 -27.55 38.68 38.82
CA PRO G 142 -28.22 39.06 37.57
C PRO G 142 -29.68 38.62 37.54
N PRO G 145 -29.03 35.37 35.18
CA PRO G 145 -30.22 34.52 35.24
C PRO G 145 -29.88 33.03 35.26
N GLN G 146 -30.30 32.30 34.24
CA GLN G 146 -30.05 30.87 34.15
C GLN G 146 -28.66 30.54 33.61
N SER G 147 -27.93 31.53 33.08
CA SER G 147 -26.58 31.28 32.60
C SER G 147 -25.60 31.00 33.73
N GLN G 148 -25.93 31.38 34.97
CA GLN G 148 -25.07 31.08 36.09
C GLN G 148 -24.97 29.56 36.30
N GLY G 149 -26.09 28.85 36.11
CA GLY G 149 -26.05 27.40 36.21
C GLY G 149 -25.11 26.77 35.20
N SER G 150 -25.15 27.25 33.96
CA SER G 150 -24.22 26.75 32.94
C SER G 150 -22.78 27.11 33.29
N VAL G 151 -22.55 28.28 33.89
CA VAL G 151 -21.20 28.66 34.29
C VAL G 151 -20.67 27.70 35.36
N GLU G 152 -21.50 27.39 36.36
CA GLU G 152 -21.08 26.42 37.38
C GLU G 152 -20.90 25.03 36.77
N ASN G 153 -21.72 24.67 35.79
CA ASN G 153 -21.53 23.38 35.11
C ASN G 153 -20.19 23.35 34.39
N LYS G 154 -19.81 24.44 33.74
CA LYS G 154 -18.51 24.51 33.07
C LYS G 154 -17.37 24.42 34.08
N ASN G 155 -17.52 25.08 35.23
CA ASN G 155 -16.50 24.99 36.27
C ASN G 155 -16.37 23.55 36.78
N LYS G 156 -17.48 22.87 37.00
CA LYS G 156 -17.44 21.48 37.44
C LYS G 156 -16.79 20.59 36.39
N GLN G 157 -17.10 20.82 35.11
CA GLN G 157 -16.49 20.04 34.05
C GLN G 157 -14.98 20.27 34.01
N LEU G 158 -14.54 21.53 34.19
CA LEU G 158 -13.12 21.81 34.23
C LEU G 158 -12.45 21.10 35.39
N LYS G 159 -13.09 21.10 36.56
CA LYS G 159 -12.52 20.40 37.71
C LYS G 159 -12.42 18.90 37.46
N LYS G 160 -13.46 18.32 36.85
CA LYS G 160 -13.44 16.89 36.55
C LYS G 160 -12.34 16.55 35.55
N THR G 161 -12.18 17.37 34.52
CA THR G 161 -11.11 17.13 33.54
C THR G 161 -9.74 17.30 34.17
N ILE G 162 -9.59 18.24 35.10
CA ILE G 162 -8.32 18.39 35.81
C ILE G 162 -8.03 17.14 36.62
N GLN G 163 -9.03 16.62 37.33
CA GLN G 163 -8.82 15.43 38.14
C GLN G 163 -8.57 14.20 37.28
N GLN G 164 -9.09 14.18 36.05
CA GLN G 164 -8.96 13.00 35.20
C GLN G 164 -7.50 12.74 34.80
N ILE G 165 -6.76 13.79 34.45
CA ILE G 165 -5.41 13.64 33.94
C ILE G 165 -4.38 14.30 34.85
N ARG G 166 -4.69 14.42 36.15
CA ARG G 166 -3.77 15.06 37.07
C ARG G 166 -2.50 14.24 37.26
N ASP G 167 -2.63 12.91 37.34
CA ASP G 167 -1.49 12.07 37.69
C ASP G 167 -0.52 11.85 36.54
N GLU G 168 -0.85 12.29 35.33
CA GLU G 168 0.04 12.12 34.18
C GLU G 168 0.98 13.28 33.96
N VAL G 169 0.92 14.31 34.81
CA VAL G 169 1.78 15.49 34.68
C VAL G 169 2.35 15.83 36.05
N GLN G 170 3.40 16.64 36.04
CA GLN G 170 4.10 17.01 37.26
C GLN G 170 3.56 18.32 37.85
N TYR G 171 3.52 19.37 37.06
CA TYR G 171 3.09 20.69 37.53
C TYR G 171 1.60 20.89 37.28
N LEU G 172 0.99 21.73 38.11
CA LEU G 172 -0.45 21.99 38.00
C LEU G 172 -0.77 22.89 36.82
N SER G 173 0.14 23.81 36.46
CA SER G 173 -0.12 24.71 35.34
C SER G 173 -0.25 23.94 34.03
N THR G 174 0.61 22.94 33.82
CA THR G 174 0.51 22.10 32.63
C THR G 174 -0.81 21.35 32.59
N ALA G 175 -1.26 20.83 33.74
CA ALA G 175 -2.54 20.16 33.79
C ALA G 175 -3.68 21.11 33.46
N VAL G 176 -3.62 22.34 33.97
CA VAL G 176 -4.67 23.32 33.71
C VAL G 176 -4.71 23.66 32.22
N ALA G 177 -3.54 23.86 31.61
CA ALA G 177 -3.49 24.15 30.18
C ALA G 177 -4.03 22.99 29.36
N GLN G 178 -3.67 21.76 29.72
CA GLN G 178 -4.17 20.59 28.99
C GLN G 178 -5.68 20.47 29.12
N ALA G 179 -6.22 20.70 30.33
CA ALA G 179 -7.66 20.64 30.53
C ALA G 179 -8.36 21.71 29.71
N THR G 180 -7.81 22.92 29.67
CA THR G 180 -8.42 23.98 28.88
C THR G 180 -8.41 23.63 27.40
N PHE G 181 -7.29 23.09 26.89
CA PHE G 181 -7.24 22.71 25.49
C PHE G 181 -8.25 21.62 25.18
N ILE G 182 -8.38 20.62 26.07
CA ILE G 182 -9.33 19.54 25.86
C ILE G 182 -10.76 20.07 25.85
N LEU G 183 -11.08 20.97 26.78
CA LEU G 183 -12.43 21.51 26.85
C LEU G 183 -12.74 22.42 25.67
N ASN G 184 -11.73 23.06 25.09
CA ASN G 184 -11.97 24.02 24.02
C ASN G 184 -12.02 23.35 22.64
N PHE G 185 -11.05 22.51 22.32
CA PHE G 185 -10.89 22.02 20.95
C PHE G 185 -11.25 20.55 20.76
N LYS G 186 -11.51 19.81 21.82
CA LYS G 186 -11.73 18.36 21.70
C LYS G 186 -13.09 17.92 22.25
N ARG G 187 -14.05 18.83 22.37
CA ARG G 187 -15.39 18.47 22.81
C ARG G 187 -16.40 19.19 21.93
N ARG G 188 -17.26 18.42 21.26
CA ARG G 188 -18.24 18.95 20.33
C ARG G 188 -19.65 18.75 20.89
N GLY G 189 -20.62 19.28 20.17
CA GLY G 189 -22.02 19.19 20.57
C GLY G 189 -22.72 20.52 20.37
N GLY G 190 -24.03 20.45 20.21
CA GLY G 190 -24.84 21.63 20.00
C GLY G 190 -25.37 21.74 18.58
N LEU G 191 -25.69 22.97 18.20
CA LEU G 191 -26.20 23.25 16.86
C LEU G 191 -25.06 23.22 15.86
N GLY G 192 -25.16 22.34 14.86
CA GLY G 192 -24.17 22.25 13.82
C GLY G 192 -22.93 21.45 14.18
N ASP G 193 -22.84 20.92 15.39
CA ASP G 193 -21.72 20.11 15.84
C ASP G 193 -20.42 20.93 15.70
N MET G 194 -20.33 21.96 16.53
CA MET G 194 -19.17 22.84 16.58
C MET G 194 -18.61 22.86 18.00
N CYS G 195 -17.30 22.76 18.11
CA CYS G 195 -16.62 22.89 19.39
C CYS G 195 -16.68 24.34 19.85
N PRO G 196 -16.49 24.58 21.15
CA PRO G 196 -16.59 25.96 21.66
C PRO G 196 -15.57 26.92 21.05
N ALA G 197 -14.47 26.42 20.50
CA ALA G 197 -13.48 27.29 19.87
C ALA G 197 -13.89 27.76 18.48
N GLU G 198 -14.91 27.16 17.89
CA GLU G 198 -15.42 27.58 16.58
C GLU G 198 -16.72 28.36 16.67
N ALA G 199 -17.57 28.06 17.66
CA ALA G 199 -18.81 28.81 17.81
C ALA G 199 -18.54 30.28 18.08
N LEU G 200 -17.56 30.58 18.94
CA LEU G 200 -17.24 31.96 19.24
C LEU G 200 -16.77 32.71 18.00
N ILE G 201 -15.92 32.07 17.19
CA ILE G 201 -15.46 32.68 15.95
C ILE G 201 -16.62 32.92 15.00
N ASN G 202 -17.54 31.96 14.91
CA ASN G 202 -18.70 32.13 14.04
C ASN G 202 -19.55 33.32 14.46
N MET G 203 -19.85 33.43 15.76
CA MET G 203 -20.64 34.58 16.22
C MET G 203 -19.92 35.89 15.99
N ILE G 204 -18.61 35.93 16.25
CA ILE G 204 -17.87 37.18 16.05
C ILE G 204 -17.91 37.59 14.58
N TYR G 205 -17.68 36.63 13.68
CA TYR G 205 -17.68 36.96 12.25
C TYR G 205 -19.06 37.42 11.79
N THR G 206 -20.13 36.74 12.23
CA THR G 206 -21.47 37.14 11.80
C THR G 206 -21.82 38.52 12.33
N GLU G 207 -21.47 38.80 13.59
CA GLU G 207 -21.75 40.12 14.15
C GLU G 207 -20.97 41.20 13.41
N LEU G 208 -19.70 40.95 13.09
CA LEU G 208 -18.91 41.93 12.36
C LEU G 208 -19.49 42.18 10.98
N GLN G 209 -19.90 41.12 10.27
CA GLN G 209 -20.48 41.30 8.94
C GLN G 209 -21.78 42.09 9.02
N THR G 210 -22.65 41.77 9.99
CA THR G 210 -23.90 42.50 10.12
C THR G 210 -23.66 43.98 10.43
N THR G 211 -22.74 44.26 11.36
CA THR G 211 -22.46 45.64 11.71
C THR G 211 -21.90 46.41 10.52
N THR G 212 -20.96 45.81 9.78
CA THR G 212 -20.38 46.48 8.63
C THR G 212 -21.43 46.76 7.56
N LEU G 213 -22.28 45.78 7.26
CA LEU G 213 -23.30 45.99 6.23
C LEU G 213 -24.30 47.05 6.67
N GLN G 214 -24.74 47.01 7.93
CA GLN G 214 -25.69 48.02 8.41
C GLN G 214 -25.08 49.41 8.35
N ASN G 215 -23.81 49.53 8.76
CA ASN G 215 -23.15 50.83 8.70
C ASN G 215 -23.06 51.33 7.27
N GLN G 216 -22.67 50.46 6.34
CA GLN G 216 -22.55 50.86 4.95
C GLN G 216 -23.89 51.31 4.39
N ILE G 217 -24.97 50.60 4.74
CA ILE G 217 -26.29 50.96 4.23
C ILE G 217 -26.77 52.27 4.83
N HIS G 218 -26.59 52.45 6.14
CA HIS G 218 -27.25 53.53 6.86
C HIS G 218 -26.45 54.82 6.80
N ASN G 219 -25.12 54.74 6.61
CA ASN G 219 -24.30 55.94 6.58
C ASN G 219 -24.58 56.76 5.34
N PHE G 220 -24.45 56.13 4.16
CA PHE G 220 -24.70 56.82 2.90
C PHE G 220 -26.15 56.62 2.47
N SER G 221 -27.08 57.22 3.22
CA SER G 221 -28.50 57.09 2.92
C SER G 221 -29.21 58.42 2.72
N ASP G 222 -28.58 59.55 3.03
CA ASP G 222 -29.21 60.85 2.89
C ASP G 222 -29.16 61.39 1.47
N PHE G 223 -28.42 60.73 0.56
CA PHE G 223 -28.33 61.20 -0.81
C PHE G 223 -29.65 60.98 -1.55
N LYS G 224 -29.85 61.78 -2.59
CA LYS G 224 -31.02 61.66 -3.46
C LYS G 224 -30.55 61.40 -4.88
N VAL G 225 -31.06 60.33 -5.49
CA VAL G 225 -30.60 59.88 -6.80
C VAL G 225 -31.78 59.90 -7.76
N TYR G 226 -31.58 60.54 -8.91
CA TYR G 226 -32.52 60.49 -10.02
C TYR G 226 -32.05 59.42 -10.99
N TYR G 227 -32.98 58.54 -11.40
CA TYR G 227 -32.63 57.37 -12.18
C TYR G 227 -33.47 57.31 -13.44
N ARG G 228 -32.89 56.69 -14.47
CA ARG G 228 -33.61 56.37 -15.70
C ARG G 228 -33.70 54.86 -15.81
N LYS G 229 -34.91 54.34 -15.85
CA LYS G 229 -35.17 52.90 -15.82
C LYS G 229 -35.57 52.42 -17.22
N GLY G 230 -34.90 51.37 -17.69
CA GLY G 230 -35.22 50.82 -18.98
C GLY G 230 -34.92 51.80 -20.10
N ALA G 231 -35.80 51.82 -21.10
CA ALA G 231 -35.66 52.71 -22.24
C ALA G 231 -36.34 54.06 -22.04
N ASN G 232 -36.92 54.30 -20.87
CA ASN G 232 -37.58 55.58 -20.61
C ASN G 232 -36.54 56.68 -20.43
N PRO G 233 -36.55 57.74 -21.25
CA PRO G 233 -35.57 58.81 -21.08
C PRO G 233 -35.91 59.78 -19.95
N LEU G 234 -37.13 59.77 -19.45
CA LEU G 234 -37.51 60.70 -18.39
C LEU G 234 -36.78 60.36 -17.08
N TRP G 235 -36.41 61.39 -16.34
CA TRP G 235 -35.75 61.20 -15.05
C TRP G 235 -36.78 60.97 -13.96
N GLN G 236 -36.64 59.86 -13.25
CA GLN G 236 -37.57 59.48 -12.19
C GLN G 236 -36.92 59.68 -10.82
N GLY G 237 -37.76 59.77 -9.81
CA GLY G 237 -37.30 59.97 -8.45
C GLY G 237 -38.10 61.03 -7.72
N PRO G 238 -37.55 61.55 -6.62
CA PRO G 238 -36.24 61.23 -6.01
C PRO G 238 -36.28 59.91 -5.24
N ALA G 239 -35.15 59.22 -5.13
CA ALA G 239 -35.06 57.97 -4.41
C ALA G 239 -33.83 57.98 -3.50
N HIS G 240 -33.95 57.30 -2.36
CA HIS G 240 -32.87 57.25 -1.41
C HIS G 240 -31.75 56.35 -1.90
N LEU G 241 -30.51 56.84 -1.84
CA LEU G 241 -29.36 56.04 -2.23
C LEU G 241 -29.11 54.96 -1.19
N VAL G 242 -28.97 53.71 -1.65
CA VAL G 242 -28.62 52.60 -0.77
C VAL G 242 -27.15 52.21 -0.92
N TRP G 243 -26.75 51.78 -2.11
CA TRP G 243 -25.36 51.39 -2.30
C TRP G 243 -24.86 51.98 -3.60
N LYS G 244 -23.69 52.62 -3.52
CA LYS G 244 -23.04 53.25 -4.67
C LYS G 244 -21.80 52.44 -5.02
N GLY G 245 -21.75 51.93 -6.25
CA GLY G 245 -20.68 51.08 -6.71
C GLY G 245 -19.99 51.64 -7.94
N GLU G 246 -18.97 50.90 -8.39
CA GLU G 246 -18.20 51.33 -9.54
C GLU G 246 -19.05 51.36 -10.81
N GLY G 247 -19.90 50.36 -11.00
CA GLY G 247 -20.69 50.25 -12.21
C GLY G 247 -22.17 50.48 -12.03
N ALA G 248 -22.72 50.07 -10.90
CA ALA G 248 -24.16 50.16 -10.67
C ALA G 248 -24.41 50.66 -9.26
N VAL G 249 -25.63 51.16 -9.04
CA VAL G 249 -26.06 51.65 -7.75
C VAL G 249 -27.45 51.10 -7.46
N VAL G 250 -27.66 50.66 -6.22
CA VAL G 250 -28.98 50.18 -5.79
C VAL G 250 -29.62 51.22 -4.88
N LEU G 251 -30.92 51.40 -5.05
CA LEU G 251 -31.68 52.43 -4.34
C LEU G 251 -33.11 51.94 -4.08
N ARG G 252 -33.79 52.63 -3.17
CA ARG G 252 -35.20 52.36 -2.88
C ARG G 252 -36.02 53.60 -3.22
N THR G 253 -37.11 53.40 -3.95
CA THR G 253 -38.01 54.50 -4.24
C THR G 253 -38.89 54.79 -3.02
N ASP G 254 -39.66 55.87 -3.12
CA ASP G 254 -40.59 56.24 -2.05
C ASP G 254 -41.69 55.20 -1.87
N GLU G 255 -41.92 54.36 -2.87
CA GLU G 255 -42.92 53.30 -2.79
C GLU G 255 -42.39 52.04 -2.11
N GLY G 256 -41.11 52.01 -1.74
CA GLY G 256 -40.52 50.85 -1.12
C GLY G 256 -39.86 49.88 -2.08
N GLU G 257 -39.99 50.09 -3.39
CA GLU G 257 -39.36 49.20 -4.36
C GLU G 257 -37.86 49.47 -4.44
N VAL G 258 -37.07 48.40 -4.39
CA VAL G 258 -35.62 48.49 -4.49
C VAL G 258 -35.23 48.09 -5.91
N ILE G 259 -34.43 48.94 -6.57
CA ILE G 259 -33.98 48.66 -7.92
C ILE G 259 -32.50 49.03 -8.07
N THR G 260 -31.90 48.51 -9.14
CA THR G 260 -30.49 48.75 -9.46
C THR G 260 -30.40 49.46 -10.80
N VAL G 261 -29.64 50.55 -10.84
CA VAL G 261 -29.50 51.38 -12.03
C VAL G 261 -28.01 51.58 -12.32
N PRO G 262 -27.58 51.51 -13.58
CA PRO G 262 -26.18 51.81 -13.89
C PRO G 262 -25.84 53.27 -13.59
N ARG G 263 -24.54 53.50 -13.35
CA ARG G 263 -24.08 54.85 -13.03
C ARG G 263 -24.39 55.83 -14.15
N ARG G 264 -24.31 55.39 -15.41
CA ARG G 264 -24.57 56.27 -16.54
C ARG G 264 -26.00 56.75 -16.57
N LYS G 265 -26.93 56.06 -15.92
CA LYS G 265 -28.33 56.43 -15.90
C LYS G 265 -28.77 57.02 -14.56
N ALA G 266 -27.84 57.33 -13.66
CA ALA G 266 -28.17 57.83 -12.34
C ALA G 266 -27.38 59.11 -12.06
N LYS G 267 -28.07 60.07 -11.44
CA LYS G 267 -27.46 61.32 -11.01
C LYS G 267 -27.68 61.49 -9.51
N ILE G 268 -26.60 61.74 -8.78
CA ILE G 268 -26.62 61.78 -7.32
C ILE G 268 -26.46 63.23 -6.86
N ILE G 269 -27.35 63.67 -5.97
CA ILE G 269 -27.27 65.00 -5.38
C ILE G 269 -27.40 64.87 -3.87
N PHE H 1 -18.31 66.57 10.17
CA PHE H 1 -17.47 65.76 11.03
C PHE H 1 -16.74 66.62 12.06
N VAL H 2 -17.22 67.85 12.24
CA VAL H 2 -16.56 68.77 13.17
C VAL H 2 -16.71 68.27 14.60
N GLU H 3 -17.85 67.66 14.94
CA GLU H 3 -18.04 67.14 16.29
C GLU H 3 -17.19 65.91 16.57
N GLN H 4 -16.76 65.19 15.54
CA GLN H 4 -15.97 63.98 15.73
C GLN H 4 -14.51 64.29 16.07
N ILE H 5 -14.04 65.50 15.77
CA ILE H 5 -12.63 65.83 16.02
C ILE H 5 -12.27 65.76 17.50
N PRO H 6 -13.02 66.37 18.43
CA PRO H 6 -12.62 66.23 19.85
C PRO H 6 -12.64 64.79 20.34
N GLU H 7 -13.62 63.99 19.92
CA GLU H 7 -13.66 62.60 20.36
C GLU H 7 -12.49 61.81 19.79
N ALA H 8 -12.14 62.05 18.52
CA ALA H 8 -10.98 61.38 17.94
C ALA H 8 -9.70 61.79 18.65
N GLN H 9 -9.57 63.08 19.00
CA GLN H 9 -8.39 63.52 19.73
C GLN H 9 -8.30 62.86 21.09
N GLU H 10 -9.42 62.78 21.81
CA GLU H 10 -9.42 62.13 23.12
C GLU H 10 -9.07 60.65 23.00
N GLU H 11 -9.63 59.96 22.00
CA GLU H 11 -9.33 58.55 21.81
C GLU H 11 -7.85 58.34 21.49
N HIS H 12 -7.28 59.20 20.64
CA HIS H 12 -5.86 59.09 20.33
C HIS H 12 -5.01 59.37 21.57
N GLU H 13 -5.44 60.32 22.39
CA GLU H 13 -4.70 60.62 23.62
C GLU H 13 -4.75 59.47 24.61
N ARG H 14 -5.84 58.70 24.62
CA ARG H 14 -5.92 57.54 25.49
C ARG H 14 -5.01 56.43 25.00
N TYR H 15 -5.29 55.90 23.81
CA TYR H 15 -4.40 54.97 23.13
C TYR H 15 -4.07 55.54 21.76
N HIS H 16 -2.77 55.60 21.44
CA HIS H 16 -2.31 56.22 20.20
C HIS H 16 -2.73 55.35 19.02
N ASN H 17 -3.71 55.83 18.25
CA ASN H 17 -4.25 55.09 17.12
C ASN H 17 -3.48 55.41 15.84
N ASN H 18 -3.55 54.48 14.90
CA ASN H 18 -3.04 54.72 13.55
C ASN H 18 -3.95 55.71 12.82
N TRP H 19 -3.36 56.39 11.84
CA TRP H 19 -4.15 57.34 11.05
C TRP H 19 -5.23 56.62 10.24
N LYS H 20 -4.94 55.41 9.75
CA LYS H 20 -5.95 54.64 9.04
C LYS H 20 -7.12 54.28 9.95
N ASP H 21 -6.81 53.92 11.20
CA ASP H 21 -7.88 53.60 12.16
C ASP H 21 -8.78 54.80 12.41
N LEU H 22 -8.18 55.98 12.59
CA LEU H 22 -8.98 57.18 12.79
C LEU H 22 -9.80 57.50 11.54
N LYS H 23 -9.21 57.31 10.36
CA LYS H 23 -9.93 57.58 9.12
C LYS H 23 -11.13 56.65 8.96
N ALA H 24 -10.97 55.38 9.30
CA ALA H 24 -12.01 54.38 9.10
C ALA H 24 -12.96 54.25 10.29
N ARG H 25 -12.69 54.93 11.40
CA ARG H 25 -13.53 54.85 12.59
C ARG H 25 -14.50 56.02 12.68
N PHE H 26 -13.98 57.25 12.66
CA PHE H 26 -14.81 58.45 12.74
C PHE H 26 -15.18 58.99 11.37
N LYS H 27 -14.82 58.29 10.30
CA LYS H 27 -15.17 58.67 8.92
C LYS H 27 -14.58 60.03 8.55
N LEU H 28 -13.49 60.42 9.20
CA LEU H 28 -12.84 61.67 8.85
C LEU H 28 -12.05 61.53 7.55
N PRO H 29 -11.91 62.62 6.79
CA PRO H 29 -11.05 62.57 5.61
C PRO H 29 -9.59 62.36 5.98
N THR H 30 -8.80 62.05 4.96
CA THR H 30 -7.40 61.69 5.20
C THR H 30 -6.61 62.86 5.77
N ILE H 31 -6.87 64.08 5.28
CA ILE H 31 -6.04 65.22 5.64
C ILE H 31 -6.15 65.52 7.14
N VAL H 32 -7.38 65.56 7.66
CA VAL H 32 -7.57 65.92 9.06
C VAL H 32 -7.02 64.84 9.98
N ALA H 33 -7.21 63.56 9.61
CA ALA H 33 -6.66 62.48 10.43
C ALA H 33 -5.15 62.51 10.43
N LYS H 34 -4.53 62.76 9.28
CA LYS H 34 -3.07 62.86 9.21
C LYS H 34 -2.57 64.03 10.03
N ALA H 35 -3.29 65.16 10.00
CA ALA H 35 -2.91 66.29 10.83
C ALA H 35 -3.03 65.97 12.31
N ILE H 36 -4.05 65.20 12.69
CA ILE H 36 -4.25 64.83 14.08
C ILE H 36 -3.10 63.94 14.57
N ILE H 37 -2.75 62.92 13.79
CA ILE H 37 -1.70 62.02 14.23
C ILE H 37 -0.34 62.71 14.20
N GLU H 38 -0.11 63.55 13.17
CA GLU H 38 1.16 64.25 13.06
C GLU H 38 1.39 65.21 14.21
N ALA H 39 0.33 65.84 14.72
CA ALA H 39 0.46 66.76 15.83
C ALA H 39 0.52 66.02 17.17
N CYS H 40 1.42 65.05 17.26
CA CYS H 40 1.63 64.27 18.48
C CYS H 40 3.11 64.20 18.76
N PRO H 41 3.54 64.42 20.01
CA PRO H 41 4.98 64.41 20.30
C PRO H 41 5.67 63.08 20.01
N LYS H 42 4.96 61.96 20.18
CA LYS H 42 5.59 60.65 20.02
C LYS H 42 4.87 59.80 18.98
N CYS H 43 4.53 60.39 17.84
CA CYS H 43 3.88 59.67 16.76
C CYS H 43 4.45 60.12 15.43
N GLN H 44 4.43 59.21 14.45
CA GLN H 44 4.93 59.47 13.12
C GLN H 44 3.88 59.07 12.09
N VAL H 45 4.12 59.45 10.83
CA VAL H 45 3.19 59.21 9.75
C VAL H 45 3.88 58.35 8.69
N GLN H 46 4.75 57.45 9.15
CA GLN H 46 5.52 56.63 8.23
C GLN H 46 4.61 55.84 7.28
N GLY H 47 3.83 54.92 7.82
CA GLY H 47 2.88 54.16 7.03
C GLY H 47 3.51 53.36 5.91
N GLU H 48 4.57 52.63 6.22
CA GLU H 48 5.34 51.87 5.22
C GLU H 48 5.44 50.42 5.66
N PRO H 49 4.40 49.63 5.42
CA PRO H 49 4.47 48.20 5.74
C PRO H 49 5.27 47.44 4.70
N LYS H 50 5.61 46.21 5.04
CA LYS H 50 6.43 45.34 4.19
C LYS H 50 5.62 44.10 3.80
N THR H 51 6.26 43.24 3.00
CA THR H 51 5.61 42.05 2.50
C THR H 51 5.43 41.02 3.62
N GLY H 52 4.47 40.12 3.41
CA GLY H 52 4.17 39.10 4.39
C GLY H 52 5.09 37.89 4.37
N GLN H 53 6.38 38.15 4.31
CA GLN H 53 7.44 37.12 4.38
C GLN H 53 7.24 36.15 3.20
N THR H 54 7.47 34.85 3.41
CA THR H 54 7.37 33.88 2.33
C THR H 54 6.50 32.69 2.74
N ASN H 55 6.41 32.42 4.03
CA ASN H 55 5.63 31.30 4.57
C ASN H 55 4.37 31.88 5.21
N ALA H 56 3.29 31.94 4.44
CA ALA H 56 2.02 32.50 4.89
C ALA H 56 0.97 31.38 4.86
N ALA H 57 0.79 30.73 6.01
CA ALA H 57 -0.19 29.67 6.15
C ALA H 57 -1.09 29.96 7.35
N VAL H 58 -2.30 29.40 7.30
CA VAL H 58 -3.27 29.65 8.37
C VAL H 58 -2.79 29.08 9.70
N GLY H 59 -2.18 27.90 9.67
CA GLY H 59 -1.76 27.25 10.89
C GLY H 59 -0.28 27.40 11.20
N THR H 60 0.35 28.45 10.67
CA THR H 60 1.77 28.69 10.85
C THR H 60 1.97 29.87 11.78
N TRP H 61 2.74 29.66 12.85
CA TRP H 61 3.05 30.68 13.83
C TRP H 61 4.56 30.87 13.91
N GLN H 62 4.99 31.70 14.86
CA GLN H 62 6.40 31.96 15.10
C GLN H 62 6.60 32.21 16.59
N MET H 63 7.87 32.35 16.99
CA MET H 63 8.19 32.59 18.39
C MET H 63 9.49 33.38 18.48
N ASP H 64 9.66 34.05 19.61
CA ASP H 64 10.90 34.79 19.88
C ASP H 64 10.94 35.12 21.36
N CYS H 65 12.14 35.43 21.85
CA CYS H 65 12.36 35.83 23.23
C CYS H 65 13.27 37.04 23.26
N THR H 66 12.77 38.15 23.78
CA THR H 66 13.52 39.39 23.87
C THR H 66 13.78 39.74 25.33
N HIS H 67 14.72 40.65 25.55
CA HIS H 67 15.09 41.09 26.89
C HIS H 67 14.79 42.58 27.02
N LEU H 68 14.13 42.94 28.12
CA LEU H 68 13.76 44.33 28.37
C LEU H 68 13.71 44.57 29.87
N GLU H 69 14.45 45.59 30.32
CA GLU H 69 14.48 45.98 31.73
C GLU H 69 14.85 44.80 32.63
N GLY H 70 15.78 43.98 32.16
CA GLY H 70 16.19 42.82 32.93
C GLY H 70 15.16 41.73 33.04
N GLN H 71 14.22 41.66 32.11
CA GLN H 71 13.18 40.64 32.12
C GLN H 71 13.05 40.02 30.74
N VAL H 72 12.56 38.78 30.70
CA VAL H 72 12.43 38.01 29.46
C VAL H 72 10.98 38.09 29.00
N ILE H 73 10.77 38.52 27.77
CA ILE H 73 9.44 38.63 27.17
C ILE H 73 9.38 37.68 25.98
N CYS H 74 8.45 36.74 26.03
CA CYS H 74 8.24 35.79 24.95
C CYS H 74 7.10 36.28 24.06
N VAL H 75 7.34 36.29 22.76
CA VAL H 75 6.41 36.84 21.77
C VAL H 75 6.12 35.79 20.72
N ALA H 76 4.84 35.56 20.45
CA ALA H 76 4.39 34.67 19.38
C ALA H 76 3.61 35.50 18.36
N VAL H 77 3.92 35.32 17.09
CA VAL H 77 3.37 36.13 16.01
C VAL H 77 2.76 35.22 14.95
N HIS H 78 1.49 35.44 14.64
CA HIS H 78 0.85 34.77 13.52
C HIS H 78 1.34 35.41 12.22
N VAL H 79 1.94 34.59 11.34
CA VAL H 79 2.62 35.15 10.18
C VAL H 79 1.62 35.72 9.18
N ALA H 80 0.52 35.01 8.93
CA ALA H 80 -0.39 35.40 7.86
C ALA H 80 -1.09 36.73 8.16
N SER H 81 -1.49 36.96 9.40
CA SER H 81 -2.27 38.14 9.76
C SER H 81 -1.46 39.19 10.51
N GLY H 82 -0.70 38.79 11.52
CA GLY H 82 0.06 39.74 12.30
C GLY H 82 -0.36 39.79 13.76
N TYR H 83 -1.07 38.75 14.19
CA TYR H 83 -1.49 38.66 15.58
C TYR H 83 -0.30 38.56 16.51
N ILE H 84 -0.40 39.16 17.69
CA ILE H 84 0.69 39.20 18.65
C ILE H 84 0.20 38.64 19.98
N GLU H 85 0.99 37.75 20.58
CA GLU H 85 0.70 37.24 21.93
C GLU H 85 1.98 37.30 22.74
N THR H 86 1.96 38.03 23.85
CA THR H 86 3.14 38.28 24.65
C THR H 86 2.97 37.73 26.06
N LYS H 87 4.09 37.30 26.65
CA LYS H 87 4.09 36.85 28.03
C LYS H 87 5.44 37.23 28.66
N ILE H 88 5.44 37.32 29.98
CA ILE H 88 6.65 37.62 30.75
C ILE H 88 7.09 36.35 31.44
N LEU H 89 8.27 35.85 31.06
CA LEU H 89 8.76 34.60 31.62
C LEU H 89 9.63 34.88 32.84
N PRO H 90 9.39 34.21 33.97
CA PRO H 90 10.29 34.38 35.12
C PRO H 90 11.72 34.01 34.82
N ARG H 91 11.94 32.99 33.99
CA ARG H 91 13.26 32.58 33.57
C ARG H 91 13.22 32.14 32.11
N GLU H 92 14.34 32.28 31.43
CA GLU H 92 14.44 31.90 30.02
C GLU H 92 14.86 30.43 29.91
N THR H 93 13.96 29.56 30.36
CA THR H 93 14.19 28.13 30.39
C THR H 93 13.24 27.42 29.43
N GLY H 94 13.55 26.15 29.16
CA GLY H 94 12.72 25.37 28.25
C GLY H 94 11.34 25.10 28.79
N ARG H 95 11.22 24.89 30.11
CA ARG H 95 9.93 24.59 30.71
C ARG H 95 8.95 25.75 30.55
N GLU H 96 9.42 26.97 30.77
CA GLU H 96 8.56 28.14 30.62
C GLU H 96 8.11 28.31 29.18
N THR H 97 9.02 28.10 28.23
CA THR H 97 8.65 28.20 26.82
C THR H 97 7.64 27.13 26.44
N ALA H 98 7.81 25.91 26.94
CA ALA H 98 6.83 24.85 26.67
C ALA H 98 5.47 25.19 27.26
N LEU H 99 5.44 25.72 28.49
CA LEU H 99 4.18 26.12 29.09
C LEU H 99 3.52 27.23 28.29
N PHE H 100 4.30 28.21 27.82
CA PHE H 100 3.73 29.29 27.02
C PHE H 100 3.18 28.76 25.69
N LEU H 101 3.90 27.84 25.07
CA LEU H 101 3.41 27.24 23.82
C LEU H 101 2.11 26.47 24.06
N LEU H 102 2.03 25.73 25.17
CA LEU H 102 0.81 25.01 25.49
C LEU H 102 -0.35 25.98 25.73
N GLN H 103 -0.09 27.08 26.41
CA GLN H 103 -1.14 28.08 26.65
C GLN H 103 -1.60 28.70 25.33
N VAL H 104 -0.66 29.02 24.44
CA VAL H 104 -1.01 29.64 23.17
C VAL H 104 -1.82 28.68 22.30
N ALA H 105 -1.40 27.41 22.24
CA ALA H 105 -2.09 26.44 21.41
C ALA H 105 -3.47 26.06 21.96
N SER H 106 -3.81 26.48 23.16
CA SER H 106 -5.11 26.20 23.75
C SER H 106 -6.16 27.23 23.36
N ARG H 107 -5.81 28.23 22.56
CA ARG H 107 -6.73 29.29 22.16
C ARG H 107 -6.93 29.38 20.66
N TRP H 108 -5.89 29.14 19.87
CA TRP H 108 -5.97 29.23 18.41
C TRP H 108 -5.41 27.96 17.79
N PRO H 109 -5.89 27.58 16.61
CA PRO H 109 -5.36 26.38 15.94
C PRO H 109 -3.93 26.59 15.48
N ILE H 110 -3.05 25.69 15.89
CA ILE H 110 -1.63 25.73 15.53
C ILE H 110 -1.26 24.41 14.88
N GLU H 111 -0.64 24.48 13.70
CA GLU H 111 -0.18 23.29 13.00
C GLU H 111 1.28 23.41 12.56
N HIS H 112 2.00 24.43 13.02
CA HIS H 112 3.37 24.67 12.61
C HIS H 112 4.06 25.54 13.65
N LEU H 113 5.38 25.64 13.54
CA LEU H 113 6.16 26.50 14.41
C LEU H 113 7.48 26.81 13.73
N HIS H 114 8.08 27.94 14.12
CA HIS H 114 9.34 28.38 13.53
C HIS H 114 10.13 29.10 14.62
N THR H 115 11.07 28.38 15.24
CA THR H 115 11.93 28.95 16.27
C THR H 115 13.38 28.81 15.85
N ASP H 116 14.27 29.40 16.64
CA ASP H 116 15.70 29.34 16.38
C ASP H 116 16.30 28.13 17.09
N ASN H 117 17.64 28.07 17.15
CA ASN H 117 18.36 26.97 17.76
C ASN H 117 18.78 27.26 19.20
N GLY H 118 17.98 28.04 19.92
CA GLY H 118 18.29 28.38 21.29
C GLY H 118 18.23 27.18 22.21
N PRO H 119 18.89 27.27 23.36
CA PRO H 119 18.89 26.14 24.30
C PRO H 119 17.50 25.77 24.81
N ASN H 120 16.61 26.74 24.98
CA ASN H 120 15.27 26.47 25.48
C ASN H 120 14.32 25.95 24.42
N PHE H 121 14.67 26.08 23.14
CA PHE H 121 13.81 25.63 22.05
C PHE H 121 14.06 24.17 21.66
N VAL H 122 15.05 23.52 22.28
CA VAL H 122 15.36 22.13 22.00
C VAL H 122 15.25 21.26 23.26
N SER H 123 14.68 21.80 24.33
CA SER H 123 14.53 21.04 25.56
C SER H 123 13.51 19.92 25.39
N ALA H 124 13.64 18.90 26.24
CA ALA H 124 12.71 17.76 26.18
C ALA H 124 11.28 18.18 26.45
N GLU H 125 11.07 19.23 27.25
CA GLU H 125 9.73 19.70 27.52
C GLU H 125 9.05 20.21 26.25
N MET H 126 9.79 20.94 25.42
CA MET H 126 9.23 21.43 24.16
C MET H 126 8.87 20.27 23.24
N GLN H 127 9.73 19.25 23.17
CA GLN H 127 9.43 18.08 22.34
C GLN H 127 8.20 17.36 22.85
N ALA H 128 8.07 17.20 24.17
CA ALA H 128 6.90 16.53 24.74
C ALA H 128 5.63 17.30 24.46
N THR H 129 5.67 18.63 24.61
CA THR H 129 4.48 19.43 24.34
C THR H 129 4.12 19.40 22.86
N ALA H 130 5.13 19.44 21.99
CA ALA H 130 4.85 19.37 20.55
C ALA H 130 4.24 18.03 20.18
N TRP H 131 4.73 16.94 20.77
CA TRP H 131 4.14 15.63 20.50
C TRP H 131 2.72 15.54 21.05
N TRP H 132 2.47 16.14 22.21
CA TRP H 132 1.13 16.09 22.80
C TRP H 132 0.12 16.85 21.96
N LEU H 133 0.51 17.96 21.36
CA LEU H 133 -0.40 18.78 20.55
C LEU H 133 -0.35 18.46 19.07
N LYS H 134 0.44 17.45 18.67
CA LYS H 134 0.57 17.06 17.26
C LYS H 134 1.02 18.22 16.40
N ILE H 135 1.96 19.02 16.90
CA ILE H 135 2.49 20.19 16.21
C ILE H 135 3.81 19.82 15.56
N GLU H 136 3.97 20.16 14.28
CA GLU H 136 5.22 19.94 13.58
C GLU H 136 6.15 21.11 13.86
N HIS H 137 7.28 20.84 14.51
CA HIS H 137 8.21 21.86 14.94
C HIS H 137 9.45 21.86 14.05
N THR H 138 9.80 23.02 13.52
CA THR H 138 11.00 23.20 12.72
C THR H 138 11.88 24.25 13.37
N THR H 139 13.20 24.06 13.21
CA THR H 139 14.18 24.97 13.79
C THR H 139 15.20 25.37 12.73
N GLY H 140 15.82 26.52 12.92
CA GLY H 140 16.81 27.05 12.01
C GLY H 140 16.39 28.39 11.44
N VAL H 141 16.82 28.65 10.21
CA VAL H 141 16.49 29.89 9.53
C VAL H 141 15.37 29.69 8.53
N GLN H 148 11.68 35.36 11.75
CA GLN H 148 12.57 36.06 10.83
C GLN H 148 12.32 37.56 10.87
N GLY H 149 12.11 38.15 9.69
CA GLY H 149 11.87 39.59 9.63
C GLY H 149 10.56 40.00 10.27
N SER H 150 9.52 39.19 10.12
CA SER H 150 8.21 39.54 10.66
C SER H 150 8.25 39.62 12.18
N VAL H 151 8.84 38.62 12.83
CA VAL H 151 8.86 38.61 14.29
C VAL H 151 9.74 39.74 14.82
N GLU H 152 10.83 40.06 14.13
CA GLU H 152 11.67 41.17 14.55
C GLU H 152 10.94 42.50 14.40
N ASN H 153 10.20 42.68 13.31
CA ASN H 153 9.42 43.90 13.13
C ASN H 153 8.35 44.02 14.22
N LYS H 154 7.67 42.92 14.52
CA LYS H 154 6.65 42.95 15.58
C LYS H 154 7.27 43.26 16.93
N ASN H 155 8.46 42.69 17.21
CA ASN H 155 9.16 43.00 18.45
C ASN H 155 9.52 44.48 18.53
N LYS H 156 10.00 45.04 17.42
CA LYS H 156 10.35 46.47 17.41
C LYS H 156 9.11 47.33 17.65
N GLN H 157 7.98 46.99 17.00
CA GLN H 157 6.76 47.76 17.21
C GLN H 157 6.27 47.63 18.65
N LEU H 158 6.37 46.43 19.23
CA LEU H 158 5.98 46.23 20.61
C LEU H 158 6.84 47.06 21.55
N LYS H 159 8.15 47.08 21.31
CA LYS H 159 9.04 47.91 22.13
C LYS H 159 8.70 49.39 22.01
N LYS H 160 8.41 49.84 20.79
CA LYS H 160 8.05 51.24 20.60
C LYS H 160 6.76 51.59 21.34
N THR H 161 5.75 50.72 21.26
CA THR H 161 4.50 50.97 21.97
C THR H 161 4.71 50.94 23.48
N ILE H 162 5.53 50.01 23.97
CA ILE H 162 5.82 49.94 25.40
C ILE H 162 6.48 51.24 25.86
N GLN H 163 7.43 51.75 25.07
CA GLN H 163 8.06 53.03 25.40
C GLN H 163 7.04 54.16 25.39
N GLN H 164 6.09 54.12 24.44
CA GLN H 164 5.08 55.16 24.37
C GLN H 164 4.19 55.17 25.61
N ILE H 165 3.78 53.99 26.09
CA ILE H 165 2.81 53.89 27.17
C ILE H 165 3.47 53.68 28.54
N ARG H 166 4.81 53.64 28.60
CA ARG H 166 5.47 53.31 29.87
C ARG H 166 5.23 54.36 30.94
N ASP H 167 5.04 55.62 30.55
CA ASP H 167 4.97 56.70 31.54
C ASP H 167 3.74 56.55 32.43
N GLU H 168 2.58 56.21 31.85
CA GLU H 168 1.34 56.24 32.60
C GLU H 168 1.29 55.12 33.64
N VAL H 169 1.66 53.90 33.26
CA VAL H 169 1.55 52.75 34.14
C VAL H 169 2.72 52.70 35.09
N GLN H 170 2.62 51.87 36.12
CA GLN H 170 3.67 51.70 37.13
C GLN H 170 4.50 50.44 36.91
N TYR H 171 3.85 49.29 36.75
CA TYR H 171 4.54 48.03 36.55
C TYR H 171 4.86 47.83 35.06
N LEU H 172 5.52 46.71 34.75
CA LEU H 172 5.89 46.38 33.39
C LEU H 172 4.92 45.44 32.70
N SER H 173 4.31 44.52 33.44
CA SER H 173 3.34 43.60 32.83
C SER H 173 2.14 44.35 32.29
N THR H 174 1.66 45.35 33.03
CA THR H 174 0.54 46.15 32.56
C THR H 174 0.90 46.89 31.27
N ALA H 175 2.12 47.42 31.19
CA ALA H 175 2.55 48.10 29.98
C ALA H 175 2.58 47.15 28.78
N VAL H 176 3.10 45.94 28.99
CA VAL H 176 3.16 44.97 27.90
C VAL H 176 1.76 44.58 27.45
N ALA H 177 0.85 44.36 28.42
CA ALA H 177 -0.52 43.99 28.06
C ALA H 177 -1.21 45.12 27.30
N GLN H 178 -1.02 46.36 27.74
CA GLN H 178 -1.63 47.49 27.05
C GLN H 178 -1.05 47.65 25.64
N ALA H 179 0.26 47.45 25.49
CA ALA H 179 0.86 47.54 24.16
C ALA H 179 0.32 46.46 23.24
N THR H 180 0.16 45.24 23.76
CA THR H 180 -0.40 44.16 22.95
C THR H 180 -1.84 44.47 22.55
N PHE H 181 -2.62 45.01 23.49
CA PHE H 181 -4.00 45.38 23.16
C PHE H 181 -4.05 46.46 22.09
N ILE H 182 -3.17 47.46 22.20
CA ILE H 182 -3.15 48.54 21.21
C ILE H 182 -2.76 48.00 19.84
N LEU H 183 -1.74 47.13 19.80
CA LEU H 183 -1.27 46.61 18.51
C LEU H 183 -2.30 45.68 17.88
N ASN H 184 -3.01 44.88 18.69
CA ASN H 184 -3.90 43.87 18.15
C ASN H 184 -5.16 44.51 17.56
N PHE H 185 -5.76 45.46 18.27
CA PHE H 185 -7.09 45.97 17.90
C PHE H 185 -7.05 47.40 17.39
N LYS H 186 -6.46 48.33 18.13
CA LYS H 186 -6.49 49.75 17.77
C LYS H 186 -5.34 50.13 16.85
N ARG H 187 -5.14 49.37 15.77
CA ARG H 187 -4.13 49.70 14.78
C ARG H 187 -4.53 49.04 13.46
N ARG H 188 -5.07 49.82 12.55
CA ARG H 188 -5.48 49.29 11.26
C ARG H 188 -4.27 48.94 10.41
N GLY H 189 -4.47 48.03 9.45
CA GLY H 189 -3.41 47.59 8.58
C GLY H 189 -3.83 47.49 7.13
N GLY H 190 -3.03 46.79 6.33
CA GLY H 190 -3.31 46.63 4.91
C GLY H 190 -4.05 45.34 4.62
N LEU H 191 -4.21 45.07 3.32
CA LEU H 191 -4.87 43.87 2.81
C LEU H 191 -6.29 43.75 3.36
N GLY H 192 -7.13 44.72 2.98
CA GLY H 192 -8.51 44.76 3.39
C GLY H 192 -8.84 45.81 4.43
N ASP H 193 -7.83 46.49 4.98
CA ASP H 193 -8.03 47.54 5.98
C ASP H 193 -8.76 47.01 7.20
N MET H 194 -8.13 46.05 7.87
CA MET H 194 -8.67 45.48 9.10
C MET H 194 -7.54 45.22 10.08
N CYS H 195 -7.85 45.28 11.37
CA CYS H 195 -6.87 45.03 12.40
C CYS H 195 -6.48 43.55 12.41
N PRO H 196 -5.31 43.22 12.97
CA PRO H 196 -4.84 41.83 12.91
C PRO H 196 -5.80 40.81 13.51
N ALA H 197 -6.48 41.15 14.60
CA ALA H 197 -7.41 40.20 15.22
C ALA H 197 -8.57 39.88 14.28
N GLU H 198 -9.15 40.91 13.67
CA GLU H 198 -10.24 40.69 12.73
C GLU H 198 -9.76 39.90 11.52
N ALA H 199 -8.55 40.19 11.05
CA ALA H 199 -8.00 39.45 9.91
C ALA H 199 -7.83 37.98 10.25
N LEU H 200 -7.30 37.68 11.42
CA LEU H 200 -7.12 36.28 11.83
C LEU H 200 -8.46 35.57 11.94
N ILE H 201 -9.45 36.21 12.54
CA ILE H 201 -10.77 35.62 12.66
C ILE H 201 -11.37 35.37 11.27
N ASN H 202 -11.18 36.31 10.36
CA ASN H 202 -11.69 36.16 9.00
C ASN H 202 -11.03 34.98 8.29
N MET H 203 -9.71 34.83 8.43
CA MET H 203 -9.03 33.70 7.79
C MET H 203 -9.52 32.38 8.36
N ILE H 204 -9.67 32.29 9.68
CA ILE H 204 -10.12 31.04 10.28
C ILE H 204 -11.54 30.71 9.81
N TYR H 205 -12.43 31.70 9.81
CA TYR H 205 -13.80 31.46 9.40
C TYR H 205 -13.88 31.05 7.94
N THR H 206 -13.11 31.71 7.06
CA THR H 206 -13.19 31.34 5.65
C THR H 206 -12.58 29.97 5.39
N GLU H 207 -11.55 29.59 6.15
CA GLU H 207 -11.02 28.23 6.03
C GLU H 207 -12.07 27.19 6.43
N LEU H 208 -12.76 27.44 7.55
CA LEU H 208 -13.79 26.51 7.99
C LEU H 208 -14.92 26.42 6.96
N GLN H 209 -15.35 27.56 6.43
CA GLN H 209 -16.45 27.56 5.47
C GLN H 209 -16.06 26.86 4.18
N THR H 210 -14.84 27.10 3.69
CA THR H 210 -14.41 26.42 2.47
C THR H 210 -14.35 24.91 2.68
N THR H 211 -13.81 24.47 3.82
CA THR H 211 -13.75 23.03 4.08
C THR H 211 -15.15 22.44 4.13
N THR H 212 -16.07 23.10 4.83
CA THR H 212 -17.43 22.55 4.96
C THR H 212 -18.12 22.51 3.60
N LEU H 213 -18.02 23.59 2.82
CA LEU H 213 -18.70 23.63 1.52
C LEU H 213 -18.11 22.59 0.57
N GLN H 214 -16.79 22.39 0.60
CA GLN H 214 -16.19 21.37 -0.25
C GLN H 214 -16.61 19.97 0.17
N ASN H 215 -16.70 19.72 1.48
CA ASN H 215 -17.14 18.41 1.94
C ASN H 215 -18.63 18.19 1.70
N GLN H 216 -19.40 19.26 1.48
CA GLN H 216 -20.83 19.10 1.24
C GLN H 216 -21.08 18.32 -0.05
N ILE H 217 -20.35 18.62 -1.11
CA ILE H 217 -20.48 17.93 -2.39
C ILE H 217 -19.22 17.11 -2.61
N HIS H 218 -19.36 15.79 -2.59
CA HIS H 218 -18.23 14.90 -2.80
C HIS H 218 -18.53 13.71 -3.70
N ASN H 219 -19.78 13.41 -4.00
CA ASN H 219 -20.12 12.21 -4.75
C ASN H 219 -20.99 12.50 -5.96
N PHE H 220 -21.23 13.76 -6.29
CA PHE H 220 -22.07 14.09 -7.44
C PHE H 220 -21.60 15.41 -8.05
N SER H 221 -21.80 15.51 -9.37
CA SER H 221 -21.46 16.71 -10.14
C SER H 221 -22.20 16.63 -11.46
N ASP H 222 -21.84 17.51 -12.38
CA ASP H 222 -22.43 17.53 -13.72
C ASP H 222 -21.32 17.48 -14.76
N PHE H 223 -21.67 16.93 -15.93
CA PHE H 223 -20.75 16.86 -17.07
C PHE H 223 -19.48 16.07 -16.71
N LYS H 224 -19.68 14.78 -16.48
CA LYS H 224 -18.54 13.88 -16.33
C LYS H 224 -17.69 13.90 -17.59
N VAL H 225 -16.37 13.90 -17.42
CA VAL H 225 -15.45 14.04 -18.53
C VAL H 225 -14.37 12.96 -18.45
N TYR H 226 -13.68 12.78 -19.57
CA TYR H 226 -12.51 11.91 -19.67
C TYR H 226 -11.26 12.75 -19.93
N TYR H 227 -10.15 12.30 -19.36
CA TYR H 227 -8.90 13.05 -19.44
C TYR H 227 -7.74 12.10 -19.74
N ARG H 228 -6.69 12.65 -20.33
CA ARG H 228 -5.44 11.94 -20.58
C ARG H 228 -4.35 12.56 -19.71
N LYS H 229 -3.72 11.73 -18.88
CA LYS H 229 -2.74 12.20 -17.90
C LYS H 229 -1.33 11.82 -18.36
N GLY H 230 -0.42 12.80 -18.34
CA GLY H 230 0.96 12.54 -18.69
C GLY H 230 1.12 12.17 -20.15
N ALA H 231 2.10 11.30 -20.40
CA ALA H 231 2.40 10.83 -21.74
C ALA H 231 1.60 9.59 -22.14
N ASN H 232 0.81 9.04 -21.22
CA ASN H 232 0.03 7.86 -21.53
C ASN H 232 -1.14 8.23 -22.44
N PRO H 233 -1.23 7.67 -23.65
CA PRO H 233 -2.34 8.03 -24.55
C PRO H 233 -3.67 7.39 -24.17
N LEU H 234 -3.69 6.47 -23.22
CA LEU H 234 -4.94 5.81 -22.85
C LEU H 234 -5.85 6.78 -22.11
N TRP H 235 -7.13 6.78 -22.47
CA TRP H 235 -8.11 7.63 -21.80
C TRP H 235 -8.36 7.12 -20.39
N GLN H 236 -8.77 8.03 -19.51
CA GLN H 236 -9.04 7.70 -18.12
C GLN H 236 -10.30 8.42 -17.67
N GLY H 237 -10.92 7.90 -16.61
CA GLY H 237 -12.08 8.52 -16.03
C GLY H 237 -13.22 7.53 -15.82
N PRO H 238 -14.45 8.04 -15.74
CA PRO H 238 -14.84 9.45 -15.79
C PRO H 238 -14.57 10.18 -14.48
N ALA H 239 -14.39 11.50 -14.52
CA ALA H 239 -14.13 12.30 -13.33
C ALA H 239 -15.07 13.48 -13.29
N HIS H 240 -15.32 13.97 -12.07
CA HIS H 240 -16.21 15.12 -11.89
C HIS H 240 -15.58 16.38 -12.47
N LEU H 241 -16.42 17.22 -13.06
CA LEU H 241 -15.98 18.47 -13.65
C LEU H 241 -16.10 19.59 -12.62
N VAL H 242 -14.97 20.23 -12.31
CA VAL H 242 -14.95 21.36 -11.39
C VAL H 242 -15.02 22.68 -12.14
N TRP H 243 -14.18 22.85 -13.16
CA TRP H 243 -14.18 24.10 -13.92
C TRP H 243 -13.84 23.80 -15.38
N LYS H 244 -14.62 24.39 -16.29
CA LYS H 244 -14.38 24.28 -17.72
C LYS H 244 -13.95 25.65 -18.24
N GLY H 245 -12.77 25.70 -18.86
CA GLY H 245 -12.23 26.95 -19.35
C GLY H 245 -11.74 26.83 -20.78
N GLU H 246 -11.51 27.99 -21.39
CA GLU H 246 -11.05 28.01 -22.78
C GLU H 246 -9.64 27.40 -22.91
N GLY H 247 -8.76 27.71 -21.96
CA GLY H 247 -7.39 27.24 -22.04
C GLY H 247 -7.15 25.90 -21.37
N ALA H 248 -7.78 25.68 -20.22
CA ALA H 248 -7.59 24.45 -19.47
C ALA H 248 -8.83 24.17 -18.64
N VAL H 249 -8.88 22.97 -18.07
CA VAL H 249 -10.00 22.54 -17.24
C VAL H 249 -9.46 22.02 -15.91
N VAL H 250 -10.28 22.14 -14.87
CA VAL H 250 -9.96 21.69 -13.52
C VAL H 250 -10.90 20.55 -13.19
N LEU H 251 -10.32 19.41 -12.81
CA LEU H 251 -11.03 18.15 -12.64
C LEU H 251 -10.84 17.63 -11.22
N ARG H 252 -11.87 16.96 -10.71
CA ARG H 252 -11.81 16.30 -9.40
C ARG H 252 -12.25 14.87 -9.59
N THR H 253 -11.34 13.93 -9.34
CA THR H 253 -11.63 12.52 -9.52
C THR H 253 -12.35 11.96 -8.29
N ASP H 254 -12.86 10.73 -8.43
CA ASP H 254 -13.58 10.09 -7.34
C ASP H 254 -12.68 9.84 -6.14
N GLU H 255 -11.38 9.68 -6.36
CA GLU H 255 -10.44 9.44 -5.27
C GLU H 255 -10.10 10.70 -4.49
N GLY H 256 -10.52 11.88 -4.94
CA GLY H 256 -10.26 13.12 -4.25
C GLY H 256 -9.12 13.95 -4.79
N GLU H 257 -8.55 13.57 -5.93
CA GLU H 257 -7.43 14.30 -6.52
C GLU H 257 -7.94 15.40 -7.44
N VAL H 258 -7.26 16.55 -7.40
CA VAL H 258 -7.58 17.69 -8.25
C VAL H 258 -6.48 17.82 -9.30
N ILE H 259 -6.87 17.89 -10.57
CA ILE H 259 -5.92 17.86 -11.68
C ILE H 259 -6.30 18.91 -12.71
N THR H 260 -5.30 19.65 -13.18
CA THR H 260 -5.49 20.62 -14.25
C THR H 260 -5.06 19.99 -15.57
N VAL H 261 -5.93 20.05 -16.57
CA VAL H 261 -5.68 19.37 -17.84
C VAL H 261 -5.93 20.35 -19.00
N PRO H 262 -5.02 20.41 -19.98
CA PRO H 262 -5.27 21.27 -21.14
C PRO H 262 -6.48 20.81 -21.93
N ARG H 263 -7.12 21.75 -22.63
CA ARG H 263 -8.38 21.47 -23.30
C ARG H 263 -8.23 20.34 -24.31
N ARG H 264 -7.09 20.27 -25.01
CA ARG H 264 -6.88 19.23 -26.01
C ARG H 264 -6.82 17.83 -25.42
N LYS H 265 -6.69 17.70 -24.09
CA LYS H 265 -6.62 16.40 -23.44
C LYS H 265 -7.86 16.11 -22.60
N ALA H 266 -9.00 16.72 -22.92
CA ALA H 266 -10.23 16.53 -22.17
C ALA H 266 -11.40 16.36 -23.13
N LYS H 267 -12.24 15.37 -22.84
CA LYS H 267 -13.45 15.11 -23.61
C LYS H 267 -14.66 15.23 -22.70
N ILE H 268 -15.63 16.04 -23.10
CA ILE H 268 -16.80 16.37 -22.28
C ILE H 268 -18.02 15.69 -22.89
N ILE H 269 -18.78 14.98 -22.06
CA ILE H 269 -20.06 14.39 -22.45
C ILE H 269 -21.13 14.91 -21.50
N LYS H 270 -22.24 15.36 -22.07
CA LYS H 270 -23.34 15.89 -21.27
C LYS H 270 -24.33 14.78 -20.89
N PHE I 1 -28.38 -19.50 13.28
CA PHE I 1 -29.23 -18.33 13.48
C PHE I 1 -30.40 -18.65 14.40
N VAL I 2 -30.33 -19.81 15.07
CA VAL I 2 -31.39 -20.20 15.99
C VAL I 2 -31.43 -19.27 17.19
N GLU I 3 -30.29 -18.72 17.59
CA GLU I 3 -30.25 -17.81 18.73
C GLU I 3 -31.07 -16.55 18.51
N GLN I 4 -31.27 -16.15 17.25
CA GLN I 4 -32.12 -15.01 16.94
C GLN I 4 -33.60 -15.37 16.87
N ILE I 5 -33.93 -16.68 16.92
CA ILE I 5 -35.33 -17.09 16.85
C ILE I 5 -36.16 -16.54 18.01
N PRO I 6 -35.73 -16.64 19.27
CA PRO I 6 -36.59 -16.11 20.35
C PRO I 6 -36.77 -14.60 20.29
N GLU I 7 -35.67 -13.84 20.23
CA GLU I 7 -35.74 -12.38 20.30
C GLU I 7 -36.66 -11.83 19.20
N ALA I 8 -36.48 -12.30 17.97
CA ALA I 8 -37.33 -11.85 16.87
C ALA I 8 -38.79 -12.08 17.18
N GLN I 9 -39.12 -13.24 17.77
CA GLN I 9 -40.50 -13.51 18.15
C GLN I 9 -41.01 -12.44 19.11
N GLU I 10 -40.20 -12.08 20.10
CA GLU I 10 -40.59 -11.02 21.02
C GLU I 10 -40.91 -9.73 20.27
N GLU I 11 -40.12 -9.42 19.23
CA GLU I 11 -40.40 -8.23 18.44
C GLU I 11 -41.77 -8.32 17.80
N HIS I 12 -42.13 -9.50 17.26
CA HIS I 12 -43.44 -9.65 16.66
C HIS I 12 -44.55 -9.52 17.67
N GLU I 13 -44.25 -9.62 18.96
CA GLU I 13 -45.26 -9.36 19.98
C GLU I 13 -45.63 -7.88 20.03
N ARG I 14 -44.65 -7.00 19.80
CA ARG I 14 -44.89 -5.57 19.91
C ARG I 14 -45.24 -4.96 18.55
N TYR I 15 -44.33 -5.07 17.58
CA TYR I 15 -44.54 -4.55 16.23
C TYR I 15 -44.85 -5.73 15.31
N HIS I 16 -46.04 -5.71 14.70
CA HIS I 16 -46.47 -6.78 13.80
C HIS I 16 -45.84 -6.54 12.42
N ASN I 17 -44.59 -6.98 12.29
CA ASN I 17 -43.86 -6.82 11.04
C ASN I 17 -44.29 -7.89 10.04
N ASN I 18 -43.65 -7.89 8.88
CA ASN I 18 -43.82 -8.92 7.87
C ASN I 18 -42.53 -9.72 7.74
N TRP I 19 -42.59 -10.79 6.94
CA TRP I 19 -41.45 -11.67 6.82
C TRP I 19 -40.25 -10.98 6.17
N LYS I 20 -40.50 -10.03 5.27
CA LYS I 20 -39.41 -9.33 4.61
C LYS I 20 -38.58 -8.53 5.62
N ASP I 21 -39.25 -7.81 6.52
CA ASP I 21 -38.53 -7.00 7.50
C ASP I 21 -37.73 -7.87 8.46
N LEU I 22 -38.33 -8.97 8.94
CA LEU I 22 -37.62 -9.87 9.83
C LEU I 22 -36.41 -10.50 9.15
N LYS I 23 -36.58 -10.91 7.89
CA LYS I 23 -35.46 -11.48 7.15
C LYS I 23 -34.34 -10.46 6.95
N ALA I 24 -34.70 -9.21 6.66
CA ALA I 24 -33.69 -8.20 6.40
C ALA I 24 -33.00 -7.74 7.69
N ARG I 25 -33.69 -7.83 8.82
CA ARG I 25 -33.14 -7.31 10.08
C ARG I 25 -32.36 -8.38 10.83
N PHE I 26 -32.92 -9.58 10.98
CA PHE I 26 -32.30 -10.65 11.76
C PHE I 26 -31.56 -11.66 10.90
N LYS I 27 -31.41 -11.40 9.60
CA LYS I 27 -30.72 -12.29 8.67
C LYS I 27 -31.26 -13.72 8.77
N LEU I 28 -32.58 -13.85 8.71
CA LEU I 28 -33.23 -15.14 8.78
C LEU I 28 -33.66 -15.60 7.39
N PRO I 29 -33.66 -16.91 7.13
CA PRO I 29 -34.16 -17.40 5.84
C PRO I 29 -35.65 -17.15 5.67
N THR I 30 -36.08 -17.19 4.41
CA THR I 30 -37.46 -16.83 4.08
C THR I 30 -38.45 -17.80 4.70
N ILE I 31 -38.12 -19.10 4.73
CA ILE I 31 -39.08 -20.11 5.20
C ILE I 31 -39.36 -19.92 6.68
N VAL I 32 -38.33 -19.73 7.49
CA VAL I 32 -38.55 -19.57 8.93
C VAL I 32 -39.25 -18.24 9.22
N ALA I 33 -38.95 -17.19 8.44
CA ALA I 33 -39.66 -15.92 8.62
C ALA I 33 -41.14 -16.07 8.31
N LYS I 34 -41.47 -16.79 7.22
CA LYS I 34 -42.87 -17.03 6.90
C LYS I 34 -43.54 -17.87 7.97
N ALA I 35 -42.82 -18.85 8.53
CA ALA I 35 -43.37 -19.64 9.63
C ALA I 35 -43.67 -18.78 10.84
N ILE I 36 -42.76 -17.86 11.18
CA ILE I 36 -42.97 -16.95 12.30
C ILE I 36 -44.18 -16.07 12.04
N ILE I 37 -44.30 -15.55 10.81
CA ILE I 37 -45.43 -14.71 10.47
C ILE I 37 -46.74 -15.49 10.61
N GLU I 38 -46.78 -16.72 10.11
CA GLU I 38 -47.99 -17.52 10.17
C GLU I 38 -48.32 -17.94 11.60
N ALA I 39 -47.30 -18.05 12.46
CA ALA I 39 -47.54 -18.44 13.85
C ALA I 39 -48.37 -17.43 14.61
N CYS I 40 -48.38 -16.18 14.19
CA CYS I 40 -49.19 -15.16 14.84
C CYS I 40 -50.65 -15.31 14.44
N PRO I 41 -51.57 -15.45 15.40
CA PRO I 41 -53.00 -15.57 15.03
C PRO I 41 -53.53 -14.37 14.27
N LYS I 42 -53.08 -13.17 14.62
CA LYS I 42 -53.53 -11.94 13.96
C LYS I 42 -52.58 -11.54 12.83
N CYS I 43 -52.30 -12.47 11.92
CA CYS I 43 -51.38 -12.20 10.81
C CYS I 43 -51.62 -13.23 9.72
N GLN I 44 -51.51 -12.77 8.47
CA GLN I 44 -51.63 -13.62 7.29
C GLN I 44 -50.41 -13.42 6.41
N VAL I 45 -50.42 -14.06 5.24
CA VAL I 45 -49.34 -13.91 4.28
C VAL I 45 -49.91 -13.65 2.89
N THR I 54 -45.14 2.88 -9.05
CA THR I 54 -45.41 4.15 -9.71
C THR I 54 -44.13 4.94 -9.95
N ASN I 55 -44.20 5.90 -10.86
CA ASN I 55 -43.06 6.74 -11.22
C ASN I 55 -43.44 8.21 -11.15
N ALA I 56 -44.19 8.59 -10.11
CA ALA I 56 -44.62 9.96 -9.95
C ALA I 56 -43.45 10.84 -9.51
N ALA I 57 -43.69 12.15 -9.51
CA ALA I 57 -42.65 13.10 -9.13
C ALA I 57 -42.37 13.00 -7.63
N VAL I 58 -41.30 13.68 -7.21
CA VAL I 58 -40.89 13.63 -5.81
C VAL I 58 -41.92 14.32 -4.92
N GLY I 59 -42.55 15.39 -5.42
CA GLY I 59 -43.46 16.16 -4.61
C GLY I 59 -44.93 15.96 -4.92
N THR I 60 -45.34 14.71 -5.13
CA THR I 60 -46.74 14.38 -5.41
C THR I 60 -47.33 13.67 -4.20
N TRP I 61 -48.43 14.22 -3.67
CA TRP I 61 -49.11 13.67 -2.52
C TRP I 61 -50.59 13.52 -2.83
N GLN I 62 -51.25 12.60 -2.11
CA GLN I 62 -52.68 12.41 -2.22
C GLN I 62 -53.31 12.50 -0.83
N MET I 63 -54.57 12.87 -0.79
CA MET I 63 -55.30 13.00 0.47
C MET I 63 -56.59 12.20 0.41
N ASP I 64 -57.01 11.68 1.56
CA ASP I 64 -58.24 10.92 1.64
C ASP I 64 -58.79 11.01 3.05
N CYS I 65 -60.08 10.68 3.19
CA CYS I 65 -60.75 10.67 4.48
C CYS I 65 -61.48 9.35 4.65
N THR I 66 -61.51 8.86 5.90
CA THR I 66 -62.17 7.61 6.23
C THR I 66 -62.94 7.79 7.52
N HIS I 67 -63.99 6.98 7.68
CA HIS I 67 -64.82 7.00 8.89
C HIS I 67 -64.62 5.69 9.64
N LEU I 68 -64.32 5.80 10.93
CA LEU I 68 -64.06 4.63 11.77
C LEU I 68 -64.52 4.93 13.19
N GLU I 69 -65.45 4.13 13.69
CA GLU I 69 -65.95 4.24 15.06
C GLU I 69 -66.48 5.65 15.35
N GLY I 70 -67.15 6.25 14.36
CA GLY I 70 -67.66 7.59 14.53
C GLY I 70 -66.62 8.67 14.55
N GLN I 71 -65.44 8.41 14.01
CA GLN I 71 -64.35 9.38 13.96
C GLN I 71 -63.85 9.51 12.53
N VAL I 72 -63.35 10.69 12.20
CA VAL I 72 -62.86 11.00 10.86
C VAL I 72 -61.34 10.94 10.88
N ILE I 73 -60.78 10.06 10.04
CA ILE I 73 -59.33 9.90 9.92
C ILE I 73 -58.92 10.45 8.56
N CYS I 74 -58.06 11.46 8.58
CA CYS I 74 -57.51 12.04 7.35
C CYS I 74 -56.13 11.46 7.10
N VAL I 75 -55.92 10.94 5.91
CA VAL I 75 -54.69 10.25 5.55
C VAL I 75 -54.08 10.94 4.34
N ALA I 76 -52.81 11.34 4.47
CA ALA I 76 -52.03 11.90 3.38
C ALA I 76 -50.96 10.90 2.99
N VAL I 77 -50.95 10.50 1.73
CA VAL I 77 -50.09 9.42 1.25
C VAL I 77 -49.15 9.97 0.18
N HIS I 78 -47.85 9.73 0.37
CA HIS I 78 -46.89 9.92 -0.70
C HIS I 78 -47.10 8.86 -1.77
N VAL I 79 -47.02 9.28 -3.04
CA VAL I 79 -47.32 8.37 -4.14
C VAL I 79 -46.12 7.54 -4.53
N ALA I 80 -44.94 8.16 -4.65
CA ALA I 80 -43.78 7.45 -5.16
C ALA I 80 -43.28 6.40 -4.18
N SER I 81 -43.29 6.69 -2.89
CA SER I 81 -42.68 5.82 -1.88
C SER I 81 -43.68 5.08 -1.02
N GLY I 82 -44.80 5.69 -0.67
CA GLY I 82 -45.76 5.07 0.22
C GLY I 82 -45.74 5.56 1.65
N TYR I 83 -44.94 6.57 1.96
CA TYR I 83 -44.96 7.17 3.29
C TYR I 83 -46.33 7.79 3.56
N ILE I 84 -46.87 7.56 4.74
CA ILE I 84 -48.22 8.03 5.07
C ILE I 84 -48.16 8.88 6.34
N GLU I 85 -49.18 9.73 6.47
CA GLU I 85 -49.40 10.53 7.67
C GLU I 85 -50.88 10.55 7.97
N THR I 86 -51.23 10.43 9.26
CA THR I 86 -52.63 10.32 9.66
C THR I 86 -52.95 11.37 10.71
N LYS I 87 -54.22 11.80 10.71
CA LYS I 87 -54.70 12.73 11.71
C LYS I 87 -56.16 12.42 12.00
N ILE I 88 -56.61 12.82 13.20
CA ILE I 88 -57.98 12.61 13.63
C ILE I 88 -58.69 13.95 13.57
N LEU I 89 -59.47 14.17 12.52
CA LEU I 89 -60.18 15.43 12.37
C LEU I 89 -61.34 15.50 13.35
N PRO I 90 -61.51 16.62 14.07
CA PRO I 90 -62.67 16.73 14.96
C PRO I 90 -63.99 16.67 14.23
N ARG I 91 -64.18 17.52 13.21
CA ARG I 91 -65.37 17.50 12.38
C ARG I 91 -64.96 17.71 10.92
N GLU I 92 -65.71 17.12 10.01
CA GLU I 92 -65.39 17.16 8.59
C GLU I 92 -65.77 18.53 8.04
N THR I 93 -64.77 19.39 7.87
CA THR I 93 -64.98 20.73 7.32
C THR I 93 -63.74 21.14 6.56
N GLY I 94 -63.90 22.13 5.69
CA GLY I 94 -62.78 22.62 4.90
C GLY I 94 -61.66 23.21 5.75
N ARG I 95 -62.02 23.82 6.88
CA ARG I 95 -61.01 24.42 7.74
C ARG I 95 -60.06 23.36 8.29
N GLU I 96 -60.60 22.24 8.75
CA GLU I 96 -59.75 21.19 9.31
C GLU I 96 -58.85 20.58 8.25
N THR I 97 -59.39 20.35 7.04
CA THR I 97 -58.57 19.81 5.97
C THR I 97 -57.47 20.78 5.57
N ALA I 98 -57.79 22.08 5.52
CA ALA I 98 -56.76 23.07 5.20
C ALA I 98 -55.68 23.11 6.27
N LEU I 99 -56.08 23.03 7.55
CA LEU I 99 -55.10 23.00 8.62
C LEU I 99 -54.21 21.76 8.54
N PHE I 100 -54.80 20.61 8.21
CA PHE I 100 -54.00 19.40 8.07
C PHE I 100 -53.03 19.50 6.89
N LEU I 101 -53.48 20.10 5.78
CA LEU I 101 -52.57 20.29 4.66
C LEU I 101 -51.43 21.22 5.03
N LEU I 102 -51.72 22.29 5.78
CA LEU I 102 -50.68 23.19 6.22
C LEU I 102 -49.69 22.48 7.13
N GLN I 103 -50.20 21.63 8.03
CA GLN I 103 -49.31 20.88 8.93
C GLN I 103 -48.43 19.92 8.16
N VAL I 104 -48.99 19.24 7.16
CA VAL I 104 -48.20 18.29 6.37
C VAL I 104 -47.15 19.04 5.55
N ALA I 105 -47.51 20.18 4.98
CA ALA I 105 -46.58 20.96 4.15
C ALA I 105 -45.48 21.61 4.97
N SER I 106 -45.62 21.68 6.29
CA SER I 106 -44.59 22.25 7.15
C SER I 106 -43.51 21.26 7.53
N ARG I 107 -43.62 20.00 7.08
CA ARG I 107 -42.64 18.96 7.37
C ARG I 107 -41.95 18.43 6.14
N TRP I 108 -42.67 18.28 5.03
CA TRP I 108 -42.13 17.74 3.80
C TRP I 108 -42.45 18.66 2.63
N PRO I 109 -41.63 18.66 1.59
CA PRO I 109 -41.91 19.51 0.42
C PRO I 109 -43.07 18.94 -0.39
N ILE I 110 -44.11 19.75 -0.55
CA ILE I 110 -45.29 19.40 -1.32
C ILE I 110 -45.34 20.30 -2.55
N GLU I 111 -45.50 19.69 -3.73
CA GLU I 111 -45.58 20.44 -4.97
C GLU I 111 -46.82 20.15 -5.80
N HIS I 112 -47.57 19.09 -5.50
CA HIS I 112 -48.74 18.73 -6.30
C HIS I 112 -49.62 17.83 -5.46
N LEU I 113 -50.88 18.23 -5.27
CA LEU I 113 -51.82 17.51 -4.42
C LEU I 113 -52.95 16.96 -5.27
N HIS I 114 -53.28 15.68 -5.05
CA HIS I 114 -54.39 15.01 -5.71
C HIS I 114 -55.44 14.66 -4.67
N THR I 115 -56.71 14.83 -5.02
CA THR I 115 -57.80 14.53 -4.10
C THR I 115 -59.08 14.35 -4.91
N ASP I 116 -60.11 13.83 -4.24
CA ASP I 116 -61.41 13.62 -4.87
C ASP I 116 -62.15 14.95 -4.95
N ASN I 117 -63.43 14.90 -5.28
CA ASN I 117 -64.27 16.09 -5.46
C ASN I 117 -65.27 16.24 -4.33
N GLY I 118 -64.86 15.94 -3.11
CA GLY I 118 -65.73 16.02 -1.95
C GLY I 118 -66.08 17.45 -1.61
N PRO I 119 -67.10 17.62 -0.76
CA PRO I 119 -67.52 19.00 -0.42
C PRO I 119 -66.50 19.77 0.40
N ASN I 120 -65.77 19.09 1.29
CA ASN I 120 -64.81 19.77 2.16
C ASN I 120 -63.45 19.95 1.50
N PHE I 121 -63.23 19.36 0.33
CA PHE I 121 -61.97 19.54 -0.41
C PHE I 121 -62.05 20.66 -1.44
N VAL I 122 -63.17 21.40 -1.48
CA VAL I 122 -63.36 22.47 -2.45
C VAL I 122 -63.69 23.79 -1.78
N SER I 123 -63.75 23.85 -0.46
CA SER I 123 -64.11 25.06 0.25
C SER I 123 -63.04 26.14 0.05
N ALA I 124 -63.41 27.37 0.41
CA ALA I 124 -62.50 28.50 0.22
C ALA I 124 -61.24 28.37 1.07
N GLU I 125 -61.36 27.74 2.26
CA GLU I 125 -60.19 27.54 3.10
C GLU I 125 -59.15 26.67 2.40
N MET I 126 -59.61 25.61 1.74
CA MET I 126 -58.69 24.73 1.01
C MET I 126 -57.96 25.49 -0.08
N GLN I 127 -58.70 26.31 -0.84
CA GLN I 127 -58.08 27.09 -1.93
C GLN I 127 -57.09 28.10 -1.38
N ALA I 128 -57.44 28.78 -0.28
CA ALA I 128 -56.53 29.76 0.30
C ALA I 128 -55.25 29.09 0.80
N THR I 129 -55.39 27.93 1.47
CA THR I 129 -54.21 27.23 1.96
C THR I 129 -53.34 26.74 0.81
N ALA I 130 -53.95 26.22 -0.25
CA ALA I 130 -53.18 25.76 -1.41
C ALA I 130 -52.50 26.91 -2.12
N TRP I 131 -53.12 28.10 -2.12
CA TRP I 131 -52.49 29.26 -2.74
C TRP I 131 -51.36 29.82 -1.90
N TRP I 132 -51.47 29.74 -0.57
CA TRP I 132 -50.42 30.26 0.30
C TRP I 132 -49.12 29.52 0.09
N LEU I 133 -49.18 28.19 -0.04
CA LEU I 133 -47.99 27.37 -0.23
C LEU I 133 -47.56 27.28 -1.69
N LYS I 134 -48.34 27.85 -2.62
CA LYS I 134 -48.03 27.83 -4.05
C LYS I 134 -47.90 26.39 -4.55
N ILE I 135 -49.02 25.66 -4.48
CA ILE I 135 -49.10 24.29 -4.95
C ILE I 135 -50.26 24.16 -5.91
N GLU I 136 -50.21 23.13 -6.75
CA GLU I 136 -51.26 22.84 -7.72
C GLU I 136 -52.25 21.87 -7.09
N HIS I 137 -53.48 22.34 -6.86
CA HIS I 137 -54.53 21.56 -6.23
C HIS I 137 -55.40 20.95 -7.33
N THR I 138 -55.28 19.65 -7.54
CA THR I 138 -56.01 18.94 -8.58
C THR I 138 -57.12 18.11 -7.94
N THR I 139 -58.35 18.31 -8.42
CA THR I 139 -59.51 17.55 -7.96
C THR I 139 -60.11 16.79 -9.13
N GLY I 140 -60.34 15.50 -8.94
CA GLY I 140 -60.91 14.66 -9.97
C GLY I 140 -60.19 13.34 -10.03
N VAL I 141 -60.55 12.54 -11.03
CA VAL I 141 -59.94 11.22 -11.20
C VAL I 141 -58.47 11.38 -11.58
N PRO I 142 -57.55 10.74 -10.88
CA PRO I 142 -56.13 10.87 -11.23
C PRO I 142 -55.83 10.29 -12.60
N TYR I 143 -54.81 10.85 -13.25
CA TYR I 143 -54.44 10.39 -14.58
C TYR I 143 -53.99 8.94 -14.58
N ASN I 144 -53.21 8.55 -13.56
CA ASN I 144 -52.71 7.19 -13.46
C ASN I 144 -53.54 6.42 -12.46
N PRO I 145 -54.26 5.37 -12.87
CA PRO I 145 -55.01 4.56 -11.89
C PRO I 145 -54.12 3.85 -10.87
N GLN I 146 -52.83 3.68 -11.18
CA GLN I 146 -51.93 3.01 -10.25
C GLN I 146 -51.82 3.78 -8.93
N SER I 147 -51.78 5.11 -9.01
CA SER I 147 -51.72 5.92 -7.78
C SER I 147 -52.97 5.74 -6.94
N GLN I 148 -54.14 5.73 -7.57
CA GLN I 148 -55.39 5.52 -6.83
C GLN I 148 -55.42 4.14 -6.19
N GLY I 149 -54.98 3.11 -6.95
CA GLY I 149 -54.92 1.77 -6.38
C GLY I 149 -53.98 1.68 -5.21
N SER I 150 -52.81 2.31 -5.31
CA SER I 150 -51.85 2.29 -4.20
C SER I 150 -52.40 3.03 -2.99
N VAL I 151 -53.10 4.15 -3.20
CA VAL I 151 -53.69 4.87 -2.07
C VAL I 151 -54.76 4.03 -1.39
N GLU I 152 -55.60 3.36 -2.18
CA GLU I 152 -56.63 2.50 -1.60
C GLU I 152 -56.00 1.35 -0.84
N ASN I 153 -54.93 0.76 -1.38
CA ASN I 153 -54.23 -0.31 -0.68
C ASN I 153 -53.63 0.18 0.63
N LYS I 154 -53.06 1.39 0.62
CA LYS I 154 -52.51 1.95 1.85
C LYS I 154 -53.59 2.17 2.89
N ASN I 155 -54.75 2.68 2.46
CA ASN I 155 -55.85 2.89 3.41
C ASN I 155 -56.33 1.56 3.98
N LYS I 156 -56.45 0.52 3.15
CA LYS I 156 -56.89 -0.78 3.64
C LYS I 156 -55.88 -1.37 4.60
N GLN I 157 -54.59 -1.24 4.30
CA GLN I 157 -53.56 -1.74 5.20
C GLN I 157 -53.58 -1.00 6.52
N LEU I 158 -53.81 0.32 6.47
CA LEU I 158 -53.93 1.09 7.71
C LEU I 158 -55.10 0.60 8.54
N LYS I 159 -56.25 0.35 7.91
CA LYS I 159 -57.41 -0.15 8.64
C LYS I 159 -57.11 -1.52 9.26
N LYS I 160 -56.43 -2.38 8.51
CA LYS I 160 -56.05 -3.68 9.05
C LYS I 160 -55.13 -3.54 10.26
N THR I 161 -54.18 -2.60 10.20
CA THR I 161 -53.28 -2.40 11.32
C THR I 161 -54.00 -1.85 12.54
N ILE I 162 -54.97 -0.95 12.34
CA ILE I 162 -55.80 -0.52 13.46
C ILE I 162 -56.53 -1.71 14.06
N GLN I 163 -57.08 -2.58 13.22
CA GLN I 163 -57.79 -3.75 13.73
C GLN I 163 -56.87 -4.65 14.53
N GLN I 164 -55.63 -4.82 14.07
CA GLN I 164 -54.67 -5.67 14.77
C GLN I 164 -54.25 -5.06 16.11
N ILE I 165 -54.10 -3.73 16.15
CA ILE I 165 -53.48 -3.08 17.31
C ILE I 165 -54.49 -2.67 18.38
N ARG I 166 -55.74 -2.38 17.99
CA ARG I 166 -56.68 -1.74 18.90
C ARG I 166 -56.92 -2.55 20.18
N ASP I 167 -56.75 -3.87 20.12
CA ASP I 167 -57.01 -4.70 21.29
C ASP I 167 -56.06 -4.37 22.44
N GLU I 168 -54.85 -3.92 22.13
CA GLU I 168 -53.85 -3.64 23.16
C GLU I 168 -53.79 -2.18 23.57
N VAL I 169 -54.56 -1.30 22.93
CA VAL I 169 -54.48 0.14 23.17
C VAL I 169 -55.87 0.67 23.49
N GLN I 170 -55.96 1.48 24.55
CA GLN I 170 -57.26 1.90 25.06
C GLN I 170 -57.91 2.95 24.15
N TYR I 171 -57.14 3.93 23.68
CA TYR I 171 -57.69 5.08 22.97
C TYR I 171 -57.38 4.99 21.48
N LEU I 172 -58.31 5.53 20.68
CA LEU I 172 -58.20 5.40 19.23
C LEU I 172 -56.98 6.14 18.68
N SER I 173 -56.70 7.34 19.21
CA SER I 173 -55.60 8.14 18.67
C SER I 173 -54.26 7.45 18.86
N THR I 174 -54.04 6.85 20.03
CA THR I 174 -52.79 6.13 20.27
C THR I 174 -52.66 4.94 19.33
N ALA I 175 -53.76 4.22 19.09
CA ALA I 175 -53.71 3.09 18.16
C ALA I 175 -53.39 3.56 16.74
N VAL I 176 -53.98 4.69 16.32
CA VAL I 176 -53.70 5.22 14.98
C VAL I 176 -52.24 5.62 14.87
N ALA I 177 -51.70 6.28 15.89
CA ALA I 177 -50.30 6.68 15.85
C ALA I 177 -49.38 5.46 15.80
N GLN I 178 -49.68 4.43 16.60
CA GLN I 178 -48.86 3.23 16.59
C GLN I 178 -48.92 2.54 15.24
N ALA I 179 -50.11 2.48 14.64
CA ALA I 179 -50.24 1.88 13.32
C ALA I 179 -49.46 2.66 12.27
N THR I 180 -49.49 3.99 12.35
CA THR I 180 -48.72 4.81 11.43
C THR I 180 -47.23 4.55 11.59
N PHE I 181 -46.76 4.44 12.83
CA PHE I 181 -45.35 4.13 13.07
C PHE I 181 -44.97 2.78 12.49
N ILE I 182 -45.81 1.77 12.70
CA ILE I 182 -45.53 0.43 12.20
C ILE I 182 -45.49 0.44 10.68
N LEU I 183 -46.46 1.10 10.05
CA LEU I 183 -46.49 1.13 8.58
C LEU I 183 -45.29 1.88 8.01
N ASN I 184 -44.89 2.99 8.63
CA ASN I 184 -43.82 3.79 8.08
C ASN I 184 -42.45 3.14 8.28
N PHE I 185 -42.20 2.56 9.45
CA PHE I 185 -40.86 2.12 9.79
C PHE I 185 -40.66 0.62 9.87
N LYS I 186 -41.68 -0.14 10.27
CA LYS I 186 -41.48 -1.57 10.52
C LYS I 186 -41.54 -2.38 9.24
N ARG I 187 -42.68 -2.36 8.55
CA ARG I 187 -42.88 -3.20 7.39
C ARG I 187 -42.13 -2.63 6.18
N ARG I 188 -41.37 -3.48 5.50
CA ARG I 188 -40.61 -3.07 4.33
C ARG I 188 -41.51 -3.02 3.10
N GLY I 189 -40.92 -2.68 1.96
CA GLY I 189 -41.67 -2.52 0.73
C GLY I 189 -41.20 -3.40 -0.41
N GLY I 190 -41.17 -2.84 -1.62
CA GLY I 190 -40.84 -3.60 -2.81
C GLY I 190 -39.41 -3.46 -3.27
N LEU I 191 -39.21 -2.70 -4.35
CA LEU I 191 -37.88 -2.58 -4.94
C LEU I 191 -36.92 -1.91 -3.97
N GLY I 192 -35.72 -2.50 -3.86
CA GLY I 192 -34.68 -1.98 -2.99
C GLY I 192 -34.73 -2.49 -1.57
N ASP I 193 -35.83 -3.09 -1.15
CA ASP I 193 -36.01 -3.60 0.21
C ASP I 193 -35.74 -2.50 1.24
N MET I 194 -36.55 -1.44 1.16
CA MET I 194 -36.42 -0.29 2.04
C MET I 194 -37.78 0.06 2.63
N CYS I 195 -37.74 0.62 3.85
CA CYS I 195 -38.95 1.12 4.46
C CYS I 195 -39.44 2.36 3.72
N PRO I 196 -40.74 2.66 3.81
CA PRO I 196 -41.25 3.87 3.13
C PRO I 196 -40.53 5.14 3.53
N ALA I 197 -40.22 5.30 4.83
CA ALA I 197 -39.52 6.50 5.27
C ALA I 197 -38.11 6.58 4.69
N GLU I 198 -37.40 5.44 4.66
CA GLU I 198 -36.07 5.42 4.09
C GLU I 198 -36.10 5.75 2.60
N ALA I 199 -37.08 5.19 1.88
CA ALA I 199 -37.22 5.49 0.45
C ALA I 199 -37.52 6.97 0.22
N LEU I 200 -38.40 7.54 1.03
CA LEU I 200 -38.72 8.95 0.89
C LEU I 200 -37.51 9.83 1.16
N ILE I 201 -36.75 9.51 2.20
CA ILE I 201 -35.54 10.28 2.51
C ILE I 201 -34.54 10.18 1.38
N ASN I 202 -34.34 8.98 0.85
CA ASN I 202 -33.39 8.80 -0.24
C ASN I 202 -33.81 9.58 -1.49
N MET I 203 -35.11 9.54 -1.82
CA MET I 203 -35.60 10.27 -2.99
C MET I 203 -35.42 11.77 -2.80
N ILE I 204 -35.75 12.29 -1.62
CA ILE I 204 -35.62 13.72 -1.37
C ILE I 204 -34.15 14.14 -1.44
N TYR I 205 -33.26 13.35 -0.86
CA TYR I 205 -31.83 13.68 -0.91
C TYR I 205 -31.32 13.67 -2.35
N THR I 206 -31.74 12.68 -3.14
CA THR I 206 -31.32 12.62 -4.53
C THR I 206 -31.83 13.84 -5.31
N GLU I 207 -33.07 14.25 -5.05
CA GLU I 207 -33.63 15.41 -5.74
C GLU I 207 -32.92 16.71 -5.38
N LEU I 208 -32.28 16.77 -4.20
CA LEU I 208 -31.67 18.00 -3.70
C LEU I 208 -30.18 18.08 -4.00
N GLN I 209 -29.74 17.55 -5.15
CA GLN I 209 -28.32 17.56 -5.48
C GLN I 209 -27.91 18.78 -6.30
N THR I 210 -28.75 19.20 -7.25
CA THR I 210 -28.39 20.34 -8.10
C THR I 210 -28.41 21.64 -7.31
N THR I 211 -29.37 21.81 -6.42
CA THR I 211 -29.50 23.07 -5.68
C THR I 211 -28.28 23.30 -4.79
N THR I 212 -27.79 22.24 -4.13
CA THR I 212 -26.61 22.40 -3.29
C THR I 212 -25.39 22.76 -4.14
N LEU I 213 -25.26 22.17 -5.32
CA LEU I 213 -24.16 22.52 -6.22
C LEU I 213 -24.23 23.99 -6.63
N GLN I 214 -25.43 24.47 -6.98
CA GLN I 214 -25.58 25.87 -7.35
C GLN I 214 -25.25 26.79 -6.19
N ASN I 215 -25.71 26.44 -4.99
CA ASN I 215 -25.42 27.24 -3.81
C ASN I 215 -23.92 27.28 -3.51
N GLN I 216 -23.24 26.13 -3.67
CA GLN I 216 -21.80 26.09 -3.45
C GLN I 216 -21.07 26.96 -4.46
N ILE I 217 -21.50 26.92 -5.73
CA ILE I 217 -20.87 27.76 -6.75
C ILE I 217 -21.07 29.24 -6.42
N HIS I 218 -22.30 29.61 -6.04
CA HIS I 218 -22.58 31.00 -5.72
C HIS I 218 -21.76 31.46 -4.52
N ASN I 219 -21.63 30.62 -3.50
CA ASN I 219 -20.85 30.99 -2.33
C ASN I 219 -19.36 31.10 -2.65
N PHE I 220 -18.84 30.16 -3.44
CA PHE I 220 -17.44 30.21 -3.84
C PHE I 220 -17.14 31.41 -4.72
N SER I 221 -18.15 31.96 -5.40
CA SER I 221 -17.94 33.17 -6.19
C SER I 221 -17.70 34.40 -5.33
N ASP I 222 -17.57 34.26 -4.01
CA ASP I 222 -17.39 35.39 -3.10
C ASP I 222 -15.98 35.49 -2.52
N PHE I 223 -15.35 34.36 -2.23
CA PHE I 223 -14.03 34.37 -1.61
C PHE I 223 -12.99 35.00 -2.54
N LYS I 224 -12.02 35.68 -1.95
CA LYS I 224 -10.89 36.24 -2.67
C LYS I 224 -9.61 35.56 -2.21
N VAL I 225 -8.63 35.47 -3.12
CA VAL I 225 -7.38 34.80 -2.81
C VAL I 225 -6.23 35.66 -3.32
N TYR I 226 -5.22 35.86 -2.47
CA TYR I 226 -3.98 36.53 -2.84
C TYR I 226 -2.88 35.49 -2.95
N TYR I 227 -2.17 35.50 -4.07
CA TYR I 227 -1.22 34.44 -4.38
C TYR I 227 0.13 35.04 -4.77
N ARG I 228 1.18 34.27 -4.54
CA ARG I 228 2.54 34.62 -4.92
C ARG I 228 3.01 33.66 -6.00
N LYS I 229 3.42 34.20 -7.14
CA LYS I 229 3.81 33.41 -8.30
C LYS I 229 5.33 33.46 -8.47
N GLY I 230 5.95 32.29 -8.57
CA GLY I 230 7.38 32.23 -8.78
C GLY I 230 8.16 32.72 -7.57
N ALA I 231 9.32 33.29 -7.85
CA ALA I 231 10.21 33.82 -6.81
C ALA I 231 9.95 35.29 -6.50
N ASN I 232 9.01 35.92 -7.18
CA ASN I 232 8.70 37.33 -6.93
C ASN I 232 8.05 37.46 -5.57
N PRO I 233 8.64 38.20 -4.62
CA PRO I 233 8.04 38.30 -3.28
C PRO I 233 6.77 39.13 -3.24
N LEU I 234 6.51 39.96 -4.25
CA LEU I 234 5.33 40.81 -4.22
C LEU I 234 4.06 39.98 -4.38
N TRP I 235 3.07 40.26 -3.53
CA TRP I 235 1.79 39.57 -3.62
C TRP I 235 1.03 40.00 -4.87
N GLN I 236 0.11 39.14 -5.31
CA GLN I 236 -0.69 39.41 -6.49
C GLN I 236 -2.15 39.08 -6.20
N GLY I 237 -3.04 39.73 -6.94
CA GLY I 237 -4.45 39.52 -6.79
C GLY I 237 -5.24 40.81 -6.79
N PRO I 238 -6.51 40.74 -6.37
CA PRO I 238 -7.26 39.56 -5.93
C PRO I 238 -7.75 38.71 -7.10
N ALA I 239 -7.98 37.42 -6.88
CA ALA I 239 -8.44 36.51 -7.92
C ALA I 239 -9.59 35.68 -7.40
N HIS I 240 -10.37 35.15 -8.33
CA HIS I 240 -11.50 34.28 -7.98
C HIS I 240 -10.99 32.90 -7.61
N LEU I 241 -11.62 32.30 -6.60
CA LEU I 241 -11.24 30.98 -6.13
C LEU I 241 -12.04 29.91 -6.88
N VAL I 242 -11.34 28.89 -7.36
CA VAL I 242 -11.97 27.76 -8.04
C VAL I 242 -12.01 26.53 -7.16
N TRP I 243 -10.89 26.17 -6.53
CA TRP I 243 -10.87 25.03 -5.63
C TRP I 243 -9.73 25.19 -4.65
N LYS I 244 -9.94 24.68 -3.43
CA LYS I 244 -8.94 24.72 -2.37
C LYS I 244 -8.61 23.29 -1.97
N GLY I 245 -7.34 22.91 -2.09
CA GLY I 245 -6.89 21.57 -1.78
C GLY I 245 -6.00 21.53 -0.54
N GLU I 246 -5.67 20.30 -0.15
CA GLU I 246 -4.80 20.10 1.01
C GLU I 246 -3.38 20.51 0.70
N GLY I 247 -2.94 20.35 -0.54
CA GLY I 247 -1.57 20.67 -0.90
C GLY I 247 -1.44 21.95 -1.69
N ALA I 248 -2.36 22.18 -2.62
CA ALA I 248 -2.31 23.36 -3.47
C ALA I 248 -3.73 23.79 -3.82
N VAL I 249 -3.86 25.05 -4.23
CA VAL I 249 -5.14 25.64 -4.57
C VAL I 249 -5.15 25.96 -6.06
N VAL I 250 -6.34 25.92 -6.66
CA VAL I 250 -6.54 26.23 -8.07
C VAL I 250 -7.40 27.48 -8.15
N LEU I 251 -6.87 28.50 -8.84
CA LEU I 251 -7.50 29.81 -8.93
C LEU I 251 -7.72 30.18 -10.39
N ARG I 252 -8.73 31.02 -10.62
CA ARG I 252 -9.01 31.56 -11.94
C ARG I 252 -8.90 33.08 -11.86
N THR I 253 -7.87 33.64 -12.50
CA THR I 253 -7.67 35.08 -12.49
C THR I 253 -8.73 35.76 -13.34
N ASP I 254 -8.81 37.09 -13.20
CA ASP I 254 -9.79 37.87 -13.94
C ASP I 254 -9.56 37.80 -15.45
N GLU I 255 -8.34 37.48 -15.88
CA GLU I 255 -8.03 37.40 -17.30
C GLU I 255 -8.39 36.04 -17.90
N GLY I 256 -8.83 35.08 -17.08
CA GLY I 256 -9.23 33.78 -17.57
C GLY I 256 -8.22 32.67 -17.36
N GLU I 257 -7.01 33.00 -16.94
CA GLU I 257 -5.98 31.99 -16.72
C GLU I 257 -6.33 31.13 -15.50
N VAL I 258 -5.87 29.87 -15.53
CA VAL I 258 -6.02 28.95 -14.42
C VAL I 258 -4.64 28.71 -13.84
N ILE I 259 -4.49 28.95 -12.53
CA ILE I 259 -3.19 28.94 -11.87
C ILE I 259 -3.26 28.02 -10.66
N THR I 260 -2.27 27.14 -10.52
CA THR I 260 -2.12 26.31 -9.34
C THR I 260 -1.05 26.91 -8.44
N VAL I 261 -1.40 27.16 -7.18
CA VAL I 261 -0.53 27.86 -6.25
C VAL I 261 -0.35 26.97 -5.03
N PRO I 262 0.88 26.78 -4.54
CA PRO I 262 1.07 25.97 -3.32
C PRO I 262 0.41 26.63 -2.12
N ARG I 263 0.07 25.80 -1.13
CA ARG I 263 -0.67 26.29 0.03
C ARG I 263 0.10 27.34 0.80
N ARG I 264 1.43 27.28 0.78
CA ARG I 264 2.25 28.24 1.51
C ARG I 264 2.30 29.61 0.84
N LYS I 265 1.80 29.74 -0.38
CA LYS I 265 1.86 30.99 -1.12
C LYS I 265 0.48 31.58 -1.42
N ALA I 266 -0.57 31.07 -0.78
CA ALA I 266 -1.93 31.55 -1.03
C ALA I 266 -2.59 31.92 0.29
N LYS I 267 -3.30 33.05 0.28
CA LYS I 267 -4.04 33.52 1.45
C LYS I 267 -5.47 33.82 1.02
N ILE I 268 -6.44 33.22 1.70
CA ILE I 268 -7.84 33.30 1.33
C ILE I 268 -8.55 34.20 2.32
N ILE I 269 -9.26 35.21 1.80
CA ILE I 269 -9.95 36.20 2.60
C ILE I 269 -11.37 36.38 2.07
N LYS I 270 -12.35 36.43 2.97
CA LYS I 270 -13.72 36.77 2.62
C LYS I 270 -14.06 38.13 3.22
N PRO I 271 -14.12 39.18 2.42
CA PRO I 271 -14.28 40.53 2.99
C PRO I 271 -15.66 40.73 3.63
N TYR I 272 -15.70 41.65 4.59
CA TYR I 272 -16.95 42.03 5.24
C TYR I 272 -17.79 42.99 4.39
N GLY I 273 -17.23 43.51 3.30
CA GLY I 273 -17.91 44.53 2.53
C GLY I 273 -18.93 44.00 1.55
N GLN I 274 -18.87 44.48 0.31
CA GLN I 274 -19.84 44.14 -0.74
C GLN I 274 -21.26 44.43 -0.28
N PHE J 1 -9.92 -0.34 7.68
CA PHE J 1 -9.33 0.63 8.59
C PHE J 1 -8.23 0.01 9.44
N VAL J 2 -7.35 -0.76 8.79
CA VAL J 2 -6.27 -1.43 9.50
C VAL J 2 -5.32 -0.40 10.12
N GLU J 3 -4.97 0.64 9.35
CA GLU J 3 -4.05 1.66 9.84
C GLU J 3 -4.73 2.69 10.73
N GLN J 4 -6.05 2.67 10.83
CA GLN J 4 -6.77 3.64 11.65
C GLN J 4 -6.94 3.19 13.09
N ILE J 5 -6.92 1.89 13.36
CA ILE J 5 -7.14 1.40 14.72
C ILE J 5 -6.05 1.89 15.68
N PRO J 6 -4.75 1.78 15.39
CA PRO J 6 -3.74 2.25 16.36
C PRO J 6 -3.81 3.75 16.59
N GLU J 7 -3.75 4.53 15.51
CA GLU J 7 -3.66 5.99 15.62
C GLU J 7 -4.84 6.55 16.42
N ALA J 8 -6.05 6.09 16.11
CA ALA J 8 -7.21 6.53 16.86
C ALA J 8 -7.06 6.24 18.34
N GLN J 9 -6.57 5.04 18.68
CA GLN J 9 -6.30 4.73 20.08
C GLN J 9 -5.36 5.74 20.70
N GLU J 10 -4.32 6.15 19.95
CA GLU J 10 -3.39 7.15 20.46
C GLU J 10 -4.13 8.42 20.85
N GLU J 11 -5.15 8.81 20.08
CA GLU J 11 -5.92 9.98 20.43
C GLU J 11 -6.53 9.85 21.81
N HIS J 12 -7.16 8.69 22.09
CA HIS J 12 -7.75 8.48 23.40
C HIS J 12 -6.68 8.49 24.50
N GLU J 13 -5.43 8.22 24.16
CA GLU J 13 -4.38 8.28 25.16
C GLU J 13 -4.05 9.71 25.53
N ARG J 14 -4.20 10.65 24.59
CA ARG J 14 -3.77 12.03 24.81
C ARG J 14 -4.90 12.92 25.30
N TYR J 15 -5.97 13.05 24.51
CA TYR J 15 -7.06 13.96 24.84
C TYR J 15 -8.25 13.28 25.49
N HIS J 16 -8.27 11.94 25.55
CA HIS J 16 -9.36 11.18 26.13
C HIS J 16 -10.70 11.53 25.46
N ASN J 17 -10.77 11.27 24.16
CA ASN J 17 -11.97 11.53 23.41
C ASN J 17 -13.06 10.53 23.78
N ASN J 18 -14.26 10.76 23.26
CA ASN J 18 -15.38 9.87 23.46
C ASN J 18 -15.52 8.92 22.26
N TRP J 19 -16.28 7.84 22.47
CA TRP J 19 -16.46 6.87 21.41
C TRP J 19 -17.26 7.47 20.24
N LYS J 20 -18.21 8.35 20.54
CA LYS J 20 -18.96 9.03 19.47
C LYS J 20 -18.03 9.89 18.64
N ASP J 21 -17.12 10.61 19.28
CA ASP J 21 -16.14 11.41 18.54
C ASP J 21 -15.24 10.51 17.72
N LEU J 22 -14.88 9.35 18.26
CA LEU J 22 -14.05 8.40 17.51
C LEU J 22 -14.76 7.94 16.24
N LYS J 23 -16.05 7.61 16.34
CA LYS J 23 -16.81 7.23 15.15
C LYS J 23 -16.91 8.39 14.18
N ALA J 24 -17.14 9.61 14.68
CA ALA J 24 -17.31 10.75 13.80
C ALA J 24 -16.04 11.06 13.03
N ARG J 25 -14.88 10.97 13.69
CA ARG J 25 -13.63 11.35 13.04
C ARG J 25 -13.01 10.21 12.23
N PHE J 26 -12.94 9.01 12.78
CA PHE J 26 -12.23 7.91 12.15
C PHE J 26 -13.13 6.94 11.40
N LYS J 27 -14.44 7.20 11.38
CA LYS J 27 -15.40 6.35 10.65
C LYS J 27 -15.30 4.89 11.08
N LEU J 28 -15.19 4.67 12.39
CA LEU J 28 -15.04 3.34 12.94
C LEU J 28 -16.37 2.81 13.45
N PRO J 29 -16.55 1.49 13.47
CA PRO J 29 -17.77 0.92 14.03
C PRO J 29 -17.89 1.19 15.53
N THR J 30 -19.13 1.13 16.02
CA THR J 30 -19.38 1.41 17.43
C THR J 30 -18.72 0.39 18.34
N ILE J 31 -18.62 -0.87 17.90
CA ILE J 31 -18.08 -1.92 18.76
C ILE J 31 -16.61 -1.68 19.06
N VAL J 32 -15.83 -1.32 18.04
CA VAL J 32 -14.39 -1.09 18.26
C VAL J 32 -14.18 0.15 19.11
N ALA J 33 -15.02 1.17 18.94
CA ALA J 33 -14.90 2.36 19.78
C ALA J 33 -15.23 2.04 21.23
N LYS J 34 -16.26 1.21 21.45
CA LYS J 34 -16.57 0.78 22.82
C LYS J 34 -15.43 -0.02 23.42
N ALA J 35 -14.82 -0.91 22.62
CA ALA J 35 -13.68 -1.68 23.12
C ALA J 35 -12.53 -0.76 23.48
N ILE J 36 -12.27 0.25 22.65
CA ILE J 36 -11.18 1.18 22.93
C ILE J 36 -11.44 1.95 24.21
N ILE J 37 -12.66 2.46 24.39
CA ILE J 37 -12.96 3.27 25.56
C ILE J 37 -12.96 2.41 26.83
N GLU J 38 -13.37 1.14 26.71
CA GLU J 38 -13.30 0.25 27.87
C GLU J 38 -11.88 -0.21 28.16
N ALA J 39 -10.98 -0.18 27.18
CA ALA J 39 -9.60 -0.60 27.42
C ALA J 39 -8.90 0.38 28.36
N CYS J 40 -9.18 1.67 28.24
CA CYS J 40 -8.51 2.66 29.07
C CYS J 40 -9.02 2.57 30.50
N PRO J 41 -8.14 2.41 31.50
CA PRO J 41 -8.61 2.34 32.88
C PRO J 41 -9.28 3.62 33.36
N LYS J 42 -8.87 4.78 32.85
CA LYS J 42 -9.43 6.05 33.32
C LYS J 42 -10.91 6.16 32.97
N CYS J 43 -11.29 5.72 31.77
CA CYS J 43 -12.68 5.80 31.32
C CYS J 43 -13.43 4.54 31.74
N GLN J 44 -14.63 4.75 32.26
CA GLN J 44 -15.47 3.63 32.72
C GLN J 44 -16.67 3.43 31.78
N ALA J 56 -25.83 15.83 19.72
CA ALA J 56 -25.34 16.22 18.40
C ALA J 56 -25.50 15.07 17.41
N ALA J 57 -25.97 13.93 17.89
CA ALA J 57 -26.15 12.76 17.04
C ALA J 57 -27.36 12.96 16.13
N VAL J 58 -27.65 11.94 15.32
CA VAL J 58 -28.77 12.03 14.37
C VAL J 58 -30.11 11.73 15.02
N GLY J 59 -30.13 11.23 16.26
CA GLY J 59 -31.37 10.85 16.88
C GLY J 59 -31.59 11.44 18.27
N THR J 60 -31.17 12.68 18.48
CA THR J 60 -31.32 13.37 19.76
C THR J 60 -32.31 14.51 19.61
N TRP J 61 -33.34 14.52 20.45
CA TRP J 61 -34.37 15.54 20.42
C TRP J 61 -34.57 16.12 21.81
N GLN J 62 -35.10 17.34 21.86
CA GLN J 62 -35.36 18.01 23.12
C GLN J 62 -36.76 18.62 23.06
N MET J 63 -37.60 18.30 24.04
CA MET J 63 -38.99 18.69 24.04
C MET J 63 -39.28 19.61 25.22
N ASP J 64 -40.02 20.70 24.95
CA ASP J 64 -40.37 21.64 26.00
C ASP J 64 -41.67 22.34 25.65
N CYS J 65 -42.34 22.85 26.68
CA CYS J 65 -43.64 23.49 26.54
C CYS J 65 -43.53 24.99 26.72
N THR J 66 -44.56 25.70 26.26
CA THR J 66 -44.63 27.14 26.39
C THR J 66 -46.10 27.57 26.38
N HIS J 67 -46.35 28.79 26.82
CA HIS J 67 -47.70 29.33 26.92
C HIS J 67 -47.81 30.60 26.09
N LEU J 68 -48.93 30.74 25.39
CA LEU J 68 -49.16 31.92 24.54
C LEU J 68 -50.66 32.09 24.37
N GLU J 69 -51.16 33.27 24.75
CA GLU J 69 -52.58 33.61 24.61
C GLU J 69 -53.48 32.58 25.29
N GLY J 70 -53.04 32.09 26.45
CA GLY J 70 -53.82 31.10 27.17
C GLY J 70 -53.86 29.73 26.52
N GLN J 71 -52.92 29.44 25.63
CA GLN J 71 -52.84 28.14 24.96
C GLN J 71 -51.45 27.56 25.15
N VAL J 72 -51.39 26.25 25.34
CA VAL J 72 -50.13 25.55 25.59
C VAL J 72 -49.62 24.99 24.26
N ILE J 73 -48.37 25.31 23.93
CA ILE J 73 -47.72 24.85 22.72
C ILE J 73 -46.50 24.02 23.11
N CYS J 74 -46.43 22.79 22.61
CA CYS J 74 -45.31 21.91 22.86
C CYS J 74 -44.42 21.88 21.62
N VAL J 75 -43.11 22.05 21.83
CA VAL J 75 -42.14 22.14 20.75
C VAL J 75 -41.07 21.09 20.97
N ALA J 76 -40.80 20.30 19.94
CA ALA J 76 -39.71 19.34 19.94
C ALA J 76 -38.68 19.77 18.91
N VAL J 77 -37.43 19.91 19.35
CA VAL J 77 -36.37 20.48 18.53
C VAL J 77 -35.25 19.46 18.40
N HIS J 78 -34.79 19.25 17.17
CA HIS J 78 -33.57 18.48 16.91
C HIS J 78 -32.37 19.38 17.15
N VAL J 79 -31.52 18.99 18.11
CA VAL J 79 -30.45 19.87 18.53
C VAL J 79 -29.40 20.04 17.43
N ALA J 80 -29.12 18.97 16.69
CA ALA J 80 -28.01 18.98 15.73
C ALA J 80 -28.32 19.72 14.44
N SER J 81 -29.58 20.05 14.15
CA SER J 81 -29.91 20.69 12.89
C SER J 81 -30.74 21.95 13.08
N GLY J 82 -31.58 21.96 14.12
CA GLY J 82 -32.49 23.06 14.35
C GLY J 82 -33.91 22.83 13.87
N TYR J 83 -34.21 21.63 13.37
CA TYR J 83 -35.57 21.31 12.96
C TYR J 83 -36.50 21.30 14.18
N ILE J 84 -37.68 21.89 14.01
CA ILE J 84 -38.64 21.99 15.11
C ILE J 84 -39.99 21.43 14.66
N GLU J 85 -40.77 20.98 15.64
CA GLU J 85 -42.14 20.53 15.42
C GLU J 85 -42.99 21.02 16.59
N THR J 86 -44.16 21.57 16.27
CA THR J 86 -45.01 22.22 17.27
C THR J 86 -46.39 21.58 17.27
N LYS J 87 -47.02 21.57 18.45
CA LYS J 87 -48.39 21.10 18.57
C LYS J 87 -49.10 21.85 19.68
N ILE J 88 -50.35 22.20 19.45
CA ILE J 88 -51.16 22.90 20.44
C ILE J 88 -51.83 21.86 21.33
N LEU J 89 -51.37 21.76 22.56
CA LEU J 89 -51.93 20.76 23.49
C LEU J 89 -53.17 21.32 24.17
N PRO J 90 -54.31 20.61 24.11
CA PRO J 90 -55.50 21.10 24.81
C PRO J 90 -55.28 21.26 26.31
N ARG J 91 -54.50 20.38 26.92
CA ARG J 91 -54.19 20.47 28.35
C ARG J 91 -52.75 20.02 28.56
N GLU J 92 -52.16 20.51 29.64
CA GLU J 92 -50.79 20.13 30.01
C GLU J 92 -50.83 18.87 30.86
N THR J 93 -51.18 17.77 30.20
CA THR J 93 -51.30 16.47 30.85
C THR J 93 -50.28 15.51 30.27
N GLY J 94 -50.05 14.41 31.00
CA GLY J 94 -49.09 13.42 30.54
C GLY J 94 -49.54 12.71 29.27
N ARG J 95 -50.85 12.45 29.16
CA ARG J 95 -51.36 11.73 27.99
C ARG J 95 -51.15 12.51 26.71
N GLU J 96 -51.43 13.82 26.73
CA GLU J 96 -51.29 14.62 25.51
C GLU J 96 -49.83 14.71 25.07
N THR J 97 -48.92 14.93 26.02
CA THR J 97 -47.51 15.02 25.69
C THR J 97 -46.97 13.67 25.21
N ALA J 98 -47.43 12.58 25.82
CA ALA J 98 -47.02 11.25 25.36
C ALA J 98 -47.53 10.99 23.94
N LEU J 99 -48.76 11.40 23.64
CA LEU J 99 -49.27 11.23 22.28
C LEU J 99 -48.47 12.07 21.29
N PHE J 100 -48.09 13.29 21.69
CA PHE J 100 -47.25 14.11 20.82
C PHE J 100 -45.91 13.45 20.56
N LEU J 101 -45.30 12.89 21.60
CA LEU J 101 -44.03 12.19 21.43
C LEU J 101 -44.18 10.98 20.51
N LEU J 102 -45.28 10.24 20.65
CA LEU J 102 -45.52 9.10 19.78
C LEU J 102 -45.69 9.55 18.34
N GLN J 103 -46.40 10.66 18.12
CA GLN J 103 -46.58 11.17 16.77
C GLN J 103 -45.25 11.61 16.17
N VAL J 104 -44.40 12.27 16.96
CA VAL J 104 -43.10 12.70 16.46
C VAL J 104 -42.24 11.49 16.13
N ALA J 105 -42.27 10.45 16.97
CA ALA J 105 -41.45 9.27 16.74
C ALA J 105 -41.89 8.48 15.52
N SER J 106 -43.11 8.69 15.03
CA SER J 106 -43.59 7.96 13.87
C SER J 106 -43.17 8.58 12.54
N ARG J 107 -42.57 9.76 12.56
CA ARG J 107 -42.10 10.44 11.36
C ARG J 107 -40.59 10.40 11.20
N TRP J 108 -39.86 10.82 12.22
CA TRP J 108 -38.40 10.85 12.21
C TRP J 108 -37.84 9.84 13.22
N PRO J 109 -36.66 9.29 12.97
CA PRO J 109 -36.09 8.34 13.92
C PRO J 109 -35.64 9.05 15.20
N ILE J 110 -36.07 8.52 16.35
CA ILE J 110 -35.72 9.06 17.65
C ILE J 110 -34.99 7.97 18.43
N GLU J 111 -33.80 8.31 18.94
CA GLU J 111 -33.02 7.39 19.75
C GLU J 111 -32.64 7.98 21.10
N HIS J 112 -33.03 9.22 21.39
CA HIS J 112 -32.67 9.87 22.65
C HIS J 112 -33.56 11.09 22.83
N LEU J 113 -34.22 11.16 23.98
CA LEU J 113 -35.11 12.28 24.29
C LEU J 113 -34.69 12.90 25.61
N HIS J 114 -34.61 14.22 25.64
CA HIS J 114 -34.24 14.97 26.84
C HIS J 114 -35.28 16.05 27.10
N THR J 115 -35.64 16.24 28.36
CA THR J 115 -36.65 17.22 28.73
C THR J 115 -36.44 17.59 30.19
N ASP J 116 -37.03 18.72 30.59
CA ASP J 116 -36.91 19.21 31.95
C ASP J 116 -37.67 18.31 32.92
N ASN J 117 -37.70 18.71 34.19
CA ASN J 117 -38.27 17.91 35.26
C ASN J 117 -39.72 18.27 35.56
N GLY J 118 -40.48 18.70 34.56
CA GLY J 118 -41.86 19.05 34.74
C GLY J 118 -42.71 17.86 35.13
N PRO J 119 -43.83 18.12 35.80
CA PRO J 119 -44.70 17.01 36.25
C PRO J 119 -45.25 16.16 35.12
N ASN J 120 -45.51 16.75 33.96
CA ASN J 120 -46.08 15.98 32.86
C ASN J 120 -45.06 15.03 32.23
N PHE J 121 -43.78 15.41 32.26
CA PHE J 121 -42.74 14.56 31.68
C PHE J 121 -42.34 13.41 32.60
N VAL J 122 -42.82 13.40 33.84
CA VAL J 122 -42.48 12.33 34.78
C VAL J 122 -43.60 11.32 34.93
N SER J 123 -44.82 11.64 34.47
CA SER J 123 -45.98 10.78 34.65
C SER J 123 -45.75 9.41 34.00
N ALA J 124 -46.61 8.46 34.39
CA ALA J 124 -46.44 7.08 33.95
C ALA J 124 -46.68 6.91 32.47
N GLU J 125 -47.51 7.76 31.86
CA GLU J 125 -47.77 7.65 30.43
C GLU J 125 -46.50 7.86 29.61
N MET J 126 -45.69 8.86 29.98
CA MET J 126 -44.44 9.10 29.28
C MET J 126 -43.50 7.91 29.39
N GLN J 127 -43.39 7.33 30.59
CA GLN J 127 -42.54 6.16 30.77
C GLN J 127 -43.03 4.99 29.95
N ALA J 128 -44.35 4.76 29.92
CA ALA J 128 -44.90 3.66 29.14
C ALA J 128 -44.63 3.86 27.65
N THR J 129 -44.82 5.09 27.15
CA THR J 129 -44.56 5.36 25.75
C THR J 129 -43.08 5.18 25.41
N ALA J 130 -42.19 5.66 26.27
CA ALA J 130 -40.76 5.51 26.03
C ALA J 130 -40.35 4.05 26.03
N TRP J 131 -40.91 3.25 26.96
CA TRP J 131 -40.63 1.83 26.98
C TRP J 131 -41.15 1.14 25.73
N TRP J 132 -42.34 1.52 25.27
CA TRP J 132 -42.91 0.92 24.07
C TRP J 132 -42.07 1.24 22.84
N LEU J 133 -41.59 2.47 22.72
CA LEU J 133 -40.81 2.89 21.57
C LEU J 133 -39.33 2.57 21.68
N LYS J 134 -38.89 2.06 22.83
CA LYS J 134 -37.47 1.77 23.08
C LYS J 134 -36.61 3.02 22.88
N ILE J 135 -36.92 4.04 23.68
CA ILE J 135 -36.25 5.33 23.61
C ILE J 135 -35.57 5.60 24.94
N GLU J 136 -34.29 5.99 24.90
CA GLU J 136 -33.55 6.37 26.09
C GLU J 136 -33.99 7.76 26.52
N HIS J 137 -34.73 7.84 27.62
CA HIS J 137 -35.30 9.08 28.11
C HIS J 137 -34.58 9.52 29.38
N THR J 138 -34.07 10.75 29.37
CA THR J 138 -33.39 11.34 30.52
C THR J 138 -34.02 12.68 30.84
N THR J 139 -33.87 13.10 32.10
CA THR J 139 -34.44 14.36 32.56
C THR J 139 -33.43 15.05 33.48
N GLY J 140 -33.58 16.37 33.58
CA GLY J 140 -32.73 17.15 34.45
C GLY J 140 -31.64 17.90 33.71
N VAL J 141 -30.47 18.00 34.33
CA VAL J 141 -29.33 18.68 33.70
C VAL J 141 -28.88 17.88 32.48
N PRO J 142 -28.69 18.51 31.32
CA PRO J 142 -28.25 17.76 30.14
C PRO J 142 -26.82 17.26 30.31
N TYR J 143 -26.63 15.97 29.98
CA TYR J 143 -25.29 15.39 30.13
C TYR J 143 -24.31 16.00 29.13
N ASN J 144 -24.76 16.31 27.93
CA ASN J 144 -23.90 16.97 26.96
C ASN J 144 -23.63 18.40 27.42
N PRO J 145 -22.37 18.84 27.43
CA PRO J 145 -22.08 20.20 27.91
C PRO J 145 -22.77 21.29 27.10
N GLN J 146 -22.91 21.10 25.79
CA GLN J 146 -23.55 22.08 24.93
C GLN J 146 -25.04 21.75 24.82
N SER J 147 -25.73 22.44 23.90
CA SER J 147 -27.15 22.25 23.64
C SER J 147 -28.02 22.51 24.87
N GLN J 148 -27.50 23.27 25.83
CA GLN J 148 -28.25 23.57 27.05
C GLN J 148 -29.27 24.68 26.88
N GLY J 149 -29.24 25.41 25.76
CA GLY J 149 -30.16 26.51 25.57
C GLY J 149 -30.67 26.64 24.15
N SER J 150 -30.55 25.56 23.37
CA SER J 150 -31.06 25.58 22.01
C SER J 150 -32.58 25.67 21.98
N VAL J 151 -33.26 24.95 22.87
CA VAL J 151 -34.71 24.92 22.85
C VAL J 151 -35.28 26.28 23.27
N GLU J 152 -34.64 26.95 24.23
CA GLU J 152 -35.10 28.27 24.63
C GLU J 152 -34.96 29.27 23.49
N ASN J 153 -33.82 29.23 22.78
CA ASN J 153 -33.64 30.13 21.64
C ASN J 153 -34.64 29.83 20.54
N LYS J 154 -34.92 28.56 20.28
CA LYS J 154 -35.92 28.21 19.28
C LYS J 154 -37.30 28.70 19.67
N ASN J 155 -37.64 28.57 20.96
CA ASN J 155 -38.93 29.07 21.44
C ASN J 155 -39.02 30.58 21.27
N LYS J 156 -37.94 31.30 21.59
CA LYS J 156 -37.93 32.75 21.42
C LYS J 156 -38.09 33.12 19.95
N GLN J 157 -37.38 32.41 19.06
CA GLN J 157 -37.50 32.70 17.63
C GLN J 157 -38.92 32.43 17.13
N LEU J 158 -39.53 31.33 17.57
CA LEU J 158 -40.89 31.02 17.15
C LEU J 158 -41.87 32.07 17.65
N LYS J 159 -41.72 32.50 18.90
CA LYS J 159 -42.58 33.57 19.41
C LYS J 159 -42.39 34.86 18.62
N LYS J 160 -41.15 35.15 18.22
CA LYS J 160 -40.89 36.35 17.45
C LYS J 160 -41.56 36.29 16.07
N THR J 161 -41.45 35.15 15.39
CA THR J 161 -42.01 35.06 14.04
C THR J 161 -43.53 34.88 14.04
N ILE J 162 -44.11 34.43 15.14
CA ILE J 162 -45.56 34.27 15.21
C ILE J 162 -46.24 35.63 15.10
N GLN J 163 -45.66 36.66 15.73
CA GLN J 163 -46.28 37.98 15.73
C GLN J 163 -46.29 38.61 14.34
N GLN J 164 -45.27 38.33 13.52
CA GLN J 164 -45.21 38.90 12.18
C GLN J 164 -46.34 38.40 11.29
N ILE J 165 -46.98 37.29 11.64
CA ILE J 165 -48.05 36.73 10.83
C ILE J 165 -49.40 36.76 11.55
N ARG J 166 -49.42 36.99 12.87
CA ARG J 166 -50.68 36.93 13.61
C ARG J 166 -51.67 37.97 13.11
N ASP J 167 -51.19 39.06 12.51
CA ASP J 167 -52.09 40.11 12.04
C ASP J 167 -53.01 39.60 10.93
N GLU J 168 -52.44 39.00 9.90
CA GLU J 168 -53.23 38.48 8.77
C GLU J 168 -53.56 37.00 8.95
N VAL J 169 -54.13 36.65 10.09
CA VAL J 169 -54.47 35.27 10.41
C VAL J 169 -55.60 35.29 11.43
N GLN J 170 -56.55 34.36 11.29
CA GLN J 170 -57.71 34.29 12.17
C GLN J 170 -57.45 33.40 13.39
N TYR J 171 -57.09 32.14 13.14
CA TYR J 171 -56.93 31.17 14.21
C TYR J 171 -55.46 30.99 14.57
N LEU J 172 -55.21 30.76 15.86
CA LEU J 172 -53.84 30.64 16.36
C LEU J 172 -53.13 29.41 15.78
N SER J 173 -53.87 28.31 15.56
CA SER J 173 -53.24 27.11 15.03
C SER J 173 -52.68 27.34 13.64
N THR J 174 -53.40 28.08 12.80
CA THR J 174 -52.89 28.41 11.47
C THR J 174 -51.62 29.24 11.57
N ALA J 175 -51.59 30.20 12.48
CA ALA J 175 -50.39 31.02 12.67
C ALA J 175 -49.21 30.16 13.13
N VAL J 176 -49.46 29.23 14.04
CA VAL J 176 -48.39 28.35 14.53
C VAL J 176 -47.86 27.50 13.38
N ALA J 177 -48.75 26.93 12.57
CA ALA J 177 -48.31 26.11 11.45
C ALA J 177 -47.51 26.93 10.44
N GLN J 178 -47.96 28.14 10.13
CA GLN J 178 -47.24 28.99 9.20
C GLN J 178 -45.87 29.37 9.75
N ALA J 179 -45.79 29.69 11.03
CA ALA J 179 -44.51 30.03 11.64
C ALA J 179 -43.55 28.85 11.60
N THR J 180 -44.05 27.65 11.90
CA THR J 180 -43.20 26.46 11.84
C THR J 180 -42.70 26.21 10.42
N PHE J 181 -43.60 26.36 9.43
CA PHE J 181 -43.19 26.17 8.04
C PHE J 181 -42.11 27.16 7.64
N ILE J 182 -42.29 28.44 8.01
CA ILE J 182 -41.32 29.46 7.66
C ILE J 182 -39.98 29.20 8.33
N LEU J 183 -40.00 28.81 9.62
CA LEU J 183 -38.76 28.53 10.32
C LEU J 183 -38.04 27.33 9.73
N ASN J 184 -38.78 26.29 9.35
CA ASN J 184 -38.15 25.08 8.86
C ASN J 184 -37.60 25.25 7.45
N PHE J 185 -38.34 25.92 6.57
CA PHE J 185 -38.00 25.91 5.15
C PHE J 185 -37.54 27.24 4.60
N LYS J 186 -38.02 28.37 5.13
CA LYS J 186 -37.80 29.66 4.51
C LYS J 186 -36.68 30.47 5.17
N ARG J 187 -35.89 29.85 6.06
CA ARG J 187 -34.79 30.54 6.71
C ARG J 187 -33.54 29.68 6.60
N ARG J 188 -32.41 30.32 6.29
CA ARG J 188 -31.15 29.63 6.06
C ARG J 188 -30.16 29.94 7.18
N GLY J 189 -29.41 28.92 7.59
CA GLY J 189 -28.46 29.05 8.67
C GLY J 189 -27.07 29.41 8.17
N GLY J 190 -26.09 29.24 9.07
CA GLY J 190 -24.72 29.58 8.79
C GLY J 190 -23.81 28.35 8.78
N LEU J 191 -22.59 28.56 8.29
CA LEU J 191 -21.57 27.51 8.18
C LEU J 191 -22.09 26.34 7.35
N GLY J 192 -22.41 26.64 6.10
CA GLY J 192 -22.93 25.64 5.19
C GLY J 192 -24.09 26.15 4.36
N ASP J 193 -24.82 27.13 4.89
CA ASP J 193 -25.96 27.75 4.21
C ASP J 193 -27.01 26.71 3.84
N MET J 194 -27.55 26.07 4.88
CA MET J 194 -28.58 25.05 4.71
C MET J 194 -29.71 25.31 5.70
N CYS J 195 -30.95 25.24 5.21
CA CYS J 195 -32.10 25.32 6.07
C CYS J 195 -32.19 24.06 6.94
N PRO J 196 -32.90 24.12 8.07
CA PRO J 196 -32.92 22.96 8.98
C PRO J 196 -33.37 21.66 8.33
N ALA J 197 -34.38 21.71 7.44
CA ALA J 197 -34.87 20.49 6.82
C ALA J 197 -33.81 19.82 5.96
N GLU J 198 -33.09 20.61 5.17
CA GLU J 198 -32.04 20.03 4.32
C GLU J 198 -30.93 19.41 5.16
N ALA J 199 -30.52 20.10 6.23
CA ALA J 199 -29.47 19.55 7.09
C ALA J 199 -29.93 18.25 7.75
N LEU J 200 -31.17 18.22 8.24
CA LEU J 200 -31.69 17.01 8.87
C LEU J 200 -31.75 15.85 7.87
N ILE J 201 -32.20 16.13 6.65
CA ILE J 201 -32.28 15.07 5.65
C ILE J 201 -30.89 14.56 5.28
N ASN J 202 -29.92 15.47 5.14
CA ASN J 202 -28.56 15.04 4.82
C ASN J 202 -27.97 14.19 5.93
N MET J 203 -28.16 14.59 7.19
CA MET J 203 -27.64 13.80 8.31
C MET J 203 -28.31 12.43 8.36
N ILE J 204 -29.62 12.38 8.14
CA ILE J 204 -30.33 11.11 8.16
C ILE J 204 -29.83 10.19 7.05
N TYR J 205 -29.61 10.75 5.86
CA TYR J 205 -29.11 9.96 4.74
C TYR J 205 -27.72 9.40 5.04
N THR J 206 -26.83 10.23 5.58
CA THR J 206 -25.49 9.77 5.90
C THR J 206 -25.52 8.66 6.96
N GLU J 207 -26.35 8.85 8.00
CA GLU J 207 -26.46 7.82 9.03
C GLU J 207 -27.05 6.54 8.46
N LEU J 208 -28.02 6.65 7.55
CA LEU J 208 -28.61 5.46 6.94
C LEU J 208 -27.56 4.70 6.13
N GLN J 209 -26.75 5.42 5.36
CA GLN J 209 -25.69 4.75 4.60
C GLN J 209 -24.69 4.06 5.54
N THR J 210 -24.29 4.74 6.61
CA THR J 210 -23.34 4.14 7.54
C THR J 210 -23.91 2.89 8.20
N THR J 211 -25.17 2.95 8.64
CA THR J 211 -25.79 1.80 9.30
C THR J 211 -26.02 0.66 8.32
N THR J 212 -26.34 0.97 7.06
CA THR J 212 -26.45 -0.08 6.05
C THR J 212 -25.12 -0.77 5.84
N LEU J 213 -24.03 0.01 5.81
CA LEU J 213 -22.70 -0.59 5.72
C LEU J 213 -22.38 -1.45 6.94
N GLN J 214 -22.77 -0.99 8.12
CA GLN J 214 -22.43 -1.71 9.35
C GLN J 214 -23.18 -3.03 9.47
N ASN J 215 -24.50 -3.00 9.24
CA ASN J 215 -25.39 -4.16 9.28
C ASN J 215 -25.64 -4.66 10.69
N GLN J 216 -24.92 -4.10 11.66
CA GLN J 216 -25.09 -4.37 13.09
C GLN J 216 -25.06 -5.90 13.27
N ILE J 217 -25.89 -6.44 14.15
CA ILE J 217 -26.00 -7.87 14.42
C ILE J 217 -24.62 -8.48 14.65
N HIS J 218 -24.01 -8.16 15.80
CA HIS J 218 -22.70 -8.69 16.15
C HIS J 218 -22.79 -9.92 17.05
N ASN J 219 -23.36 -9.77 18.24
CA ASN J 219 -23.53 -10.87 19.20
C ASN J 219 -22.22 -11.65 19.40
N PHE J 220 -21.13 -10.90 19.58
CA PHE J 220 -19.82 -11.52 19.68
C PHE J 220 -19.63 -12.26 21.00
N SER J 221 -20.33 -11.84 22.05
CA SER J 221 -20.30 -12.50 23.37
C SER J 221 -18.86 -12.51 23.88
N ASP J 222 -18.51 -13.52 24.68
CA ASP J 222 -17.20 -13.62 25.33
C ASP J 222 -16.33 -14.68 24.66
N PHE J 223 -16.39 -14.77 23.32
CA PHE J 223 -15.55 -15.72 22.59
C PHE J 223 -14.08 -15.42 22.83
N LYS J 224 -13.30 -16.46 23.09
CA LYS J 224 -11.89 -16.29 23.40
C LYS J 224 -11.06 -16.48 22.14
N VAL J 225 -9.96 -15.72 22.05
CA VAL J 225 -9.11 -15.71 20.87
C VAL J 225 -7.66 -15.94 21.28
N TYR J 226 -6.99 -16.84 20.57
CA TYR J 226 -5.55 -17.02 20.67
C TYR J 226 -4.91 -16.47 19.41
N TYR J 227 -3.93 -15.60 19.56
CA TYR J 227 -3.35 -14.87 18.44
C TYR J 227 -1.84 -15.05 18.41
N ARG J 228 -1.28 -14.96 17.21
CA ARG J 228 0.16 -15.03 16.98
C ARG J 228 0.65 -13.63 16.63
N LYS J 229 1.29 -12.97 17.57
CA LYS J 229 1.74 -11.59 17.41
C LYS J 229 3.22 -11.56 17.09
N GLY J 230 3.60 -10.78 16.08
CA GLY J 230 4.99 -10.68 15.70
C GLY J 230 5.51 -11.99 15.15
N ALA J 231 6.77 -12.28 15.45
CA ALA J 231 7.42 -13.50 14.99
C ALA J 231 7.37 -14.62 16.03
N ASN J 232 6.69 -14.41 17.13
CA ASN J 232 6.61 -15.43 18.17
C ASN J 232 5.67 -16.55 17.71
N PRO J 233 6.13 -17.80 17.61
CA PRO J 233 5.24 -18.87 17.17
C PRO J 233 4.27 -19.36 18.23
N LEU J 234 4.58 -19.19 19.50
CA LEU J 234 3.72 -19.67 20.57
C LEU J 234 2.43 -18.87 20.62
N TRP J 235 1.33 -19.55 20.92
CA TRP J 235 0.04 -18.88 21.07
C TRP J 235 0.08 -17.93 22.27
N GLN J 236 -0.60 -16.78 22.11
CA GLN J 236 -0.63 -15.76 23.13
C GLN J 236 -2.08 -15.42 23.48
N GLY J 237 -2.29 -15.00 24.72
CA GLY J 237 -3.60 -14.64 25.20
C GLY J 237 -3.98 -15.36 26.47
N PRO J 238 -5.25 -15.75 26.58
CA PRO J 238 -6.35 -15.54 25.63
C PRO J 238 -6.91 -14.11 25.70
N ALA J 239 -7.48 -13.62 24.60
CA ALA J 239 -7.99 -12.26 24.53
C ALA J 239 -9.41 -12.26 24.01
N HIS J 240 -10.20 -11.29 24.46
CA HIS J 240 -11.59 -11.19 24.07
C HIS J 240 -11.71 -10.82 22.60
N LEU J 241 -12.79 -11.30 21.97
CA LEU J 241 -13.07 -11.00 20.57
C LEU J 241 -13.87 -9.70 20.48
N VAL J 242 -13.41 -8.79 19.63
CA VAL J 242 -14.07 -7.50 19.44
C VAL J 242 -14.80 -7.43 18.11
N TRP J 243 -14.12 -7.80 17.01
CA TRP J 243 -14.72 -7.70 15.69
C TRP J 243 -14.20 -8.83 14.82
N LYS J 244 -15.12 -9.56 14.20
CA LYS J 244 -14.79 -10.66 13.29
C LYS J 244 -14.99 -10.20 11.86
N GLY J 245 -13.89 -10.00 11.14
CA GLY J 245 -13.95 -9.61 9.75
C GLY J 245 -13.33 -10.65 8.83
N GLU J 246 -13.75 -10.66 7.56
CA GLU J 246 -13.24 -11.66 6.63
C GLU J 246 -11.74 -11.52 6.42
N GLY J 247 -11.24 -10.28 6.27
CA GLY J 247 -9.83 -10.07 6.04
C GLY J 247 -8.99 -10.10 7.30
N ALA J 248 -9.52 -9.61 8.41
CA ALA J 248 -8.78 -9.56 9.66
C ALA J 248 -9.75 -9.49 10.82
N VAL J 249 -9.24 -9.76 12.02
CA VAL J 249 -10.03 -9.76 13.24
C VAL J 249 -9.42 -8.78 14.22
N VAL J 250 -10.27 -7.99 14.87
CA VAL J 250 -9.86 -7.00 15.87
C VAL J 250 -10.14 -7.58 17.24
N LEU J 251 -9.12 -7.58 18.11
CA LEU J 251 -9.23 -8.15 19.44
C LEU J 251 -8.65 -7.20 20.47
N ARG J 252 -9.04 -7.40 21.73
CA ARG J 252 -8.48 -6.64 22.84
C ARG J 252 -7.98 -7.62 23.90
N THR J 253 -6.81 -7.31 24.45
CA THR J 253 -6.19 -8.19 25.44
C THR J 253 -6.59 -7.79 26.85
N ASP J 254 -6.22 -8.63 27.81
CA ASP J 254 -6.51 -8.33 29.21
C ASP J 254 -5.77 -7.09 29.69
N GLU J 255 -4.57 -6.84 29.14
CA GLU J 255 -3.84 -5.64 29.50
C GLU J 255 -4.55 -4.38 29.04
N GLY J 256 -5.14 -4.40 27.84
CA GLY J 256 -5.88 -3.25 27.34
C GLY J 256 -5.42 -2.75 25.99
N GLU J 257 -4.76 -3.61 25.22
CA GLU J 257 -4.27 -3.25 23.90
C GLU J 257 -5.21 -3.81 22.83
N VAL J 258 -5.58 -2.97 21.87
CA VAL J 258 -6.45 -3.36 20.76
C VAL J 258 -5.55 -3.62 19.55
N ILE J 259 -5.65 -4.84 19.00
CA ILE J 259 -4.77 -5.29 17.94
C ILE J 259 -5.60 -5.93 16.83
N THR J 260 -5.26 -5.61 15.59
CA THR J 260 -5.88 -6.22 14.42
C THR J 260 -4.91 -7.24 13.84
N VAL J 261 -5.36 -8.49 13.70
CA VAL J 261 -4.50 -9.56 13.19
C VAL J 261 -5.18 -10.28 12.04
N PRO J 262 -4.41 -10.81 11.08
CA PRO J 262 -5.03 -11.62 10.03
C PRO J 262 -5.63 -12.89 10.57
N ARG J 263 -6.64 -13.40 9.85
CA ARG J 263 -7.39 -14.56 10.32
C ARG J 263 -6.51 -15.80 10.43
N ARG J 264 -5.51 -15.95 9.57
CA ARG J 264 -4.71 -17.17 9.53
C ARG J 264 -3.94 -17.42 10.82
N LYS J 265 -3.71 -16.40 11.64
CA LYS J 265 -3.03 -16.54 12.91
C LYS J 265 -3.95 -16.19 14.08
N ALA J 266 -5.20 -16.65 14.01
CA ALA J 266 -6.17 -16.41 15.07
C ALA J 266 -7.05 -17.64 15.22
N LYS J 267 -7.04 -18.23 16.42
CA LYS J 267 -7.88 -19.39 16.74
C LYS J 267 -8.93 -18.97 17.74
N ILE J 268 -10.19 -19.16 17.39
CA ILE J 268 -11.32 -18.69 18.19
C ILE J 268 -12.00 -19.88 18.84
N ILE J 269 -12.15 -19.82 20.16
CA ILE J 269 -12.84 -20.85 20.95
C ILE J 269 -14.08 -20.21 21.56
N LYS J 270 -15.22 -20.88 21.39
CA LYS J 270 -16.48 -20.38 21.91
C LYS J 270 -16.63 -20.69 23.40
N PHE L 1 -43.21 -25.25 13.77
CA PHE L 1 -42.18 -26.16 14.29
C PHE L 1 -41.15 -25.41 15.13
N VAL L 2 -41.40 -24.12 15.36
CA VAL L 2 -40.48 -23.31 16.17
C VAL L 2 -40.49 -23.79 17.61
N GLU L 3 -41.65 -24.24 18.10
CA GLU L 3 -41.73 -24.71 19.48
C GLU L 3 -40.89 -25.95 19.71
N GLN L 4 -40.66 -26.75 18.66
CA GLN L 4 -39.89 -27.98 18.78
C GLN L 4 -38.39 -27.76 18.67
N ILE L 5 -37.95 -26.55 18.34
CA ILE L 5 -36.51 -26.28 18.23
C ILE L 5 -35.80 -26.44 19.57
N PRO L 6 -36.29 -25.90 20.69
CA PRO L 6 -35.60 -26.17 21.98
C PRO L 6 -35.55 -27.65 22.33
N GLU L 7 -36.62 -28.39 22.05
CA GLU L 7 -36.61 -29.83 22.34
C GLU L 7 -35.58 -30.55 21.47
N ALA L 8 -35.51 -30.20 20.19
CA ALA L 8 -34.52 -30.81 19.31
C ALA L 8 -33.10 -30.49 19.77
N GLN L 9 -32.87 -29.23 20.18
CA GLN L 9 -31.56 -28.86 20.68
C GLN L 9 -31.20 -29.63 21.95
N GLU L 10 -32.18 -29.78 22.86
CA GLU L 10 -31.93 -30.53 24.09
C GLU L 10 -31.61 -31.99 23.79
N GLU L 11 -32.35 -32.60 22.86
CA GLU L 11 -32.05 -33.98 22.50
C GLU L 11 -30.69 -34.10 21.84
N HIS L 12 -30.31 -33.12 21.03
CA HIS L 12 -29.00 -33.15 20.38
C HIS L 12 -27.88 -33.03 21.41
N GLU L 13 -28.02 -32.15 22.40
CA GLU L 13 -26.97 -32.02 23.40
C GLU L 13 -26.96 -33.20 24.37
N ARG L 14 -28.09 -33.91 24.51
CA ARG L 14 -28.09 -35.13 25.31
C ARG L 14 -27.25 -36.21 24.64
N TYR L 15 -27.62 -36.60 23.42
CA TYR L 15 -26.79 -37.43 22.57
C TYR L 15 -26.84 -36.87 21.16
N HIS L 16 -25.69 -36.85 20.48
CA HIS L 16 -25.60 -36.21 19.18
C HIS L 16 -26.27 -37.06 18.11
N ASN L 17 -27.12 -36.43 17.31
CA ASN L 17 -27.88 -37.10 16.27
C ASN L 17 -27.58 -36.46 14.91
N ASN L 18 -27.74 -37.25 13.86
CA ASN L 18 -27.52 -36.76 12.51
C ASN L 18 -28.63 -35.81 12.11
N TRP L 19 -28.32 -34.93 11.15
CA TRP L 19 -29.31 -33.96 10.69
C TRP L 19 -30.49 -34.63 10.00
N LYS L 20 -30.25 -35.73 9.28
CA LYS L 20 -31.34 -36.46 8.63
C LYS L 20 -32.31 -36.99 9.67
N ASP L 21 -31.79 -37.53 10.78
CA ASP L 21 -32.66 -38.05 11.83
C ASP L 21 -33.48 -36.94 12.48
N LEU L 22 -32.85 -35.78 12.71
CA LEU L 22 -33.59 -34.65 13.27
C LEU L 22 -34.68 -34.19 12.32
N LYS L 23 -34.39 -34.15 11.02
CA LYS L 23 -35.40 -33.78 10.03
C LYS L 23 -36.55 -34.78 10.03
N ALA L 24 -36.23 -36.08 10.16
CA ALA L 24 -37.27 -37.11 10.13
C ALA L 24 -38.11 -37.17 11.40
N ARG L 25 -37.53 -36.88 12.56
CA ARG L 25 -38.26 -37.01 13.83
C ARG L 25 -39.25 -35.87 14.05
N PHE L 26 -38.76 -34.64 14.11
CA PHE L 26 -39.58 -33.49 14.44
C PHE L 26 -40.18 -32.80 13.21
N LYS L 27 -40.01 -33.39 12.03
CA LYS L 27 -40.58 -32.87 10.79
C LYS L 27 -40.09 -31.45 10.48
N LEU L 28 -38.89 -31.11 10.96
CA LEU L 28 -38.33 -29.81 10.64
C LEU L 28 -37.90 -29.77 9.18
N PRO L 29 -37.95 -28.60 8.55
CA PRO L 29 -37.35 -28.45 7.21
C PRO L 29 -35.84 -28.71 7.26
N THR L 30 -35.27 -28.92 6.08
CA THR L 30 -33.86 -29.27 6.00
C THR L 30 -32.96 -28.15 6.51
N ILE L 31 -33.29 -26.90 6.15
CA ILE L 31 -32.40 -25.78 6.47
C ILE L 31 -32.30 -25.56 7.97
N VAL L 32 -33.42 -25.64 8.69
CA VAL L 32 -33.38 -25.38 10.13
C VAL L 32 -32.64 -26.51 10.85
N ALA L 33 -32.86 -27.76 10.45
CA ALA L 33 -32.14 -28.87 11.06
C ALA L 33 -30.65 -28.77 10.80
N LYS L 34 -30.27 -28.41 9.57
CA LYS L 34 -28.87 -28.17 9.26
C LYS L 34 -28.31 -27.03 10.11
N ALA L 35 -29.13 -26.04 10.43
CA ALA L 35 -28.69 -24.98 11.34
C ALA L 35 -28.45 -25.51 12.74
N ILE L 36 -29.35 -26.36 13.24
CA ILE L 36 -29.17 -26.92 14.59
C ILE L 36 -27.89 -27.74 14.68
N ILE L 37 -27.66 -28.61 13.70
CA ILE L 37 -26.43 -29.40 13.75
C ILE L 37 -25.23 -28.48 13.51
N GLU L 38 -25.43 -27.40 12.75
CA GLU L 38 -24.35 -26.46 12.48
C GLU L 38 -23.82 -25.81 13.76
N ALA L 39 -24.72 -25.46 14.68
CA ALA L 39 -24.31 -24.79 15.91
C ALA L 39 -23.88 -25.79 16.97
N CYS L 40 -22.96 -26.69 16.62
CA CYS L 40 -22.43 -27.65 17.57
C CYS L 40 -20.91 -27.69 17.40
N PRO L 41 -20.15 -27.49 18.48
CA PRO L 41 -18.68 -27.50 18.34
C PRO L 41 -18.11 -28.83 17.89
N LYS L 42 -18.79 -29.94 18.17
CA LYS L 42 -18.25 -31.26 17.86
C LYS L 42 -19.15 -32.02 16.88
N CYS L 43 -19.62 -31.34 15.84
CA CYS L 43 -20.38 -31.97 14.78
C CYS L 43 -19.97 -31.37 13.44
N GLN L 44 -20.17 -32.16 12.38
CA GLN L 44 -19.84 -31.75 11.03
C GLN L 44 -21.07 -31.90 10.15
N VAL L 45 -20.94 -31.48 8.89
CA VAL L 45 -22.04 -31.50 7.94
C VAL L 45 -21.67 -32.35 6.73
N GLN L 46 -20.82 -33.35 6.96
CA GLN L 46 -20.36 -34.21 5.88
C GLN L 46 -21.54 -34.92 5.20
N GLY L 47 -22.25 -35.76 5.95
CA GLY L 47 -23.39 -36.48 5.40
C GLY L 47 -23.02 -37.44 4.29
N GLU L 48 -21.91 -38.15 4.44
CA GLU L 48 -21.47 -39.10 3.43
C GLU L 48 -21.78 -40.54 3.84
#